data_1G6L
# 
_entry.id   1G6L 
# 
_audit_conform.dict_name       mmcif_pdbx.dic 
_audit_conform.dict_version    5.385 
_audit_conform.dict_location   http://mmcif.pdb.org/dictionaries/ascii/mmcif_pdbx.dic 
# 
loop_
_database_2.database_id 
_database_2.database_code 
_database_2.pdbx_database_accession 
_database_2.pdbx_DOI 
PDB   1G6L         pdb_00001g6l 10.2210/pdb1g6l/pdb 
RCSB  RCSB012297   ?            ?                   
WWPDB D_1000012297 ?            ?                   
# 
loop_
_pdbx_audit_revision_history.ordinal 
_pdbx_audit_revision_history.data_content_type 
_pdbx_audit_revision_history.major_revision 
_pdbx_audit_revision_history.minor_revision 
_pdbx_audit_revision_history.revision_date 
1 'Structure model' 1 0 2000-11-15 
2 'Structure model' 1 1 2008-04-27 
3 'Structure model' 1 2 2011-07-13 
4 'Structure model' 1 3 2017-08-09 
5 'Structure model' 1 4 2021-10-27 
6 'Structure model' 1 5 2024-02-07 
# 
_pdbx_audit_revision_details.ordinal             1 
_pdbx_audit_revision_details.revision_ordinal    1 
_pdbx_audit_revision_details.data_content_type   'Structure model' 
_pdbx_audit_revision_details.provider            repository 
_pdbx_audit_revision_details.type                'Initial release' 
_pdbx_audit_revision_details.description         ? 
_pdbx_audit_revision_details.details             ? 
# 
loop_
_pdbx_audit_revision_group.ordinal 
_pdbx_audit_revision_group.revision_ordinal 
_pdbx_audit_revision_group.data_content_type 
_pdbx_audit_revision_group.group 
1 2 'Structure model' 'Version format compliance' 
2 3 'Structure model' 'Version format compliance' 
3 4 'Structure model' 'Refinement description'    
4 4 'Structure model' 'Source and taxonomy'       
5 5 'Structure model' 'Database references'       
6 6 'Structure model' 'Data collection'           
# 
loop_
_pdbx_audit_revision_category.ordinal 
_pdbx_audit_revision_category.revision_ordinal 
_pdbx_audit_revision_category.data_content_type 
_pdbx_audit_revision_category.category 
1 4 'Structure model' entity_src_gen     
2 4 'Structure model' software           
3 5 'Structure model' database_2         
4 5 'Structure model' struct_ref_seq_dif 
5 6 'Structure model' chem_comp_atom     
6 6 'Structure model' chem_comp_bond     
# 
loop_
_pdbx_audit_revision_item.ordinal 
_pdbx_audit_revision_item.revision_ordinal 
_pdbx_audit_revision_item.data_content_type 
_pdbx_audit_revision_item.item 
1 5 'Structure model' '_database_2.pdbx_DOI'                
2 5 'Structure model' '_database_2.pdbx_database_accession' 
3 5 'Structure model' '_struct_ref_seq_dif.details'         
# 
_pdbx_database_status.status_code                     REL 
_pdbx_database_status.entry_id                        1G6L 
_pdbx_database_status.recvd_initial_deposition_date   2000-11-07 
_pdbx_database_status.deposit_site                    RCSB 
_pdbx_database_status.process_site                    RCSB 
_pdbx_database_status.SG_entry                        . 
_pdbx_database_status.pdb_format_compatible           Y 
_pdbx_database_status.status_code_mr                  ? 
_pdbx_database_status.status_code_sf                  ? 
_pdbx_database_status.status_code_cs                  ? 
_pdbx_database_status.methods_development_category    ? 
_pdbx_database_status.status_code_nmr_data            ? 
# 
loop_
_audit_author.name 
_audit_author.pdbx_ordinal 
'Pillai, B.'   1 
'Kannan, K.K.' 2 
'Hosur, M.V.'  3 
# 
_citation.id                        primary 
_citation.title                     '1.9 A x-ray study shows closed flap conformation in crystals of tethered HIV-1 PR.' 
_citation.journal_abbrev            Proteins 
_citation.journal_volume            43 
_citation.page_first                57 
_citation.page_last                 564 
_citation.year                      2001 
_citation.journal_id_ASTM           PSFGEY 
_citation.country                   US 
_citation.journal_id_ISSN           0887-3585 
_citation.journal_id_CSD            0867 
_citation.book_publisher            ? 
_citation.pdbx_database_id_PubMed   11170214 
_citation.pdbx_database_id_DOI      '10.1002/1097-0134(20010401)43:1<57::AID-PROT1017>3.0.CO;2-D' 
# 
loop_
_citation_author.citation_id 
_citation_author.name 
_citation_author.ordinal 
_citation_author.identifier_ORCID 
primary 'Pillai, B.'   1 ? 
primary 'Kannan, K.K.' 2 ? 
primary 'Hosur, M.V.'  3 ? 
# 
loop_
_entity.id 
_entity.type 
_entity.src_method 
_entity.pdbx_description 
_entity.formula_weight 
_entity.pdbx_number_of_molecules 
_entity.pdbx_ec 
_entity.pdbx_mutation 
_entity.pdbx_fragment 
_entity.details 
1 polymer man 'HIV-1 PROTEASE' 21934.824 1  3.4.23.16 C95M ? 'TETHERED DIMER LINKED BY GGSSG' 
2 water   nat water            18.015    96 ?         ?    ? ?                                
# 
_entity_poly.entity_id                      1 
_entity_poly.type                           'polypeptide(L)' 
_entity_poly.nstd_linkage                   no 
_entity_poly.nstd_monomer                   no 
_entity_poly.pdbx_seq_one_letter_code       
;PQVTLWQRPLVTIKIGGQLKEALLDTGADDTVLEEMSLPGRWKPKMIGGIGGFIKVRQYDQILIEICGHKAIGTVLVGPT
PVNIIGRNLLTQIGMTLNFGGSSGPQVTLWQRPLVTIKIGGQLKEALLDTGADDTVLEEMSLPGRWKPKMIGGIGGFIKV
RQYDQILIEICGHKAIGTVLVGPTPVNIIGRNLLTQIGCTLNF
;
_entity_poly.pdbx_seq_one_letter_code_can   
;PQVTLWQRPLVTIKIGGQLKEALLDTGADDTVLEEMSLPGRWKPKMIGGIGGFIKVRQYDQILIEICGHKAIGTVLVGPT
PVNIIGRNLLTQIGMTLNFGGSSGPQVTLWQRPLVTIKIGGQLKEALLDTGADDTVLEEMSLPGRWKPKMIGGIGGFIKV
RQYDQILIEICGHKAIGTVLVGPTPVNIIGRNLLTQIGCTLNF
;
_entity_poly.pdbx_strand_id                 A 
_entity_poly.pdbx_target_identifier         ? 
# 
_pdbx_entity_nonpoly.entity_id   2 
_pdbx_entity_nonpoly.name        water 
_pdbx_entity_nonpoly.comp_id     HOH 
# 
loop_
_entity_poly_seq.entity_id 
_entity_poly_seq.num 
_entity_poly_seq.mon_id 
_entity_poly_seq.hetero 
1 1   PRO n 
1 2   GLN n 
1 3   VAL n 
1 4   THR n 
1 5   LEU n 
1 6   TRP n 
1 7   GLN n 
1 8   ARG n 
1 9   PRO n 
1 10  LEU n 
1 11  VAL n 
1 12  THR n 
1 13  ILE n 
1 14  LYS n 
1 15  ILE n 
1 16  GLY n 
1 17  GLY n 
1 18  GLN n 
1 19  LEU n 
1 20  LYS n 
1 21  GLU n 
1 22  ALA n 
1 23  LEU n 
1 24  LEU n 
1 25  ASP n 
1 26  THR n 
1 27  GLY n 
1 28  ALA n 
1 29  ASP n 
1 30  ASP n 
1 31  THR n 
1 32  VAL n 
1 33  LEU n 
1 34  GLU n 
1 35  GLU n 
1 36  MET n 
1 37  SER n 
1 38  LEU n 
1 39  PRO n 
1 40  GLY n 
1 41  ARG n 
1 42  TRP n 
1 43  LYS n 
1 44  PRO n 
1 45  LYS n 
1 46  MET n 
1 47  ILE n 
1 48  GLY n 
1 49  GLY n 
1 50  ILE n 
1 51  GLY n 
1 52  GLY n 
1 53  PHE n 
1 54  ILE n 
1 55  LYS n 
1 56  VAL n 
1 57  ARG n 
1 58  GLN n 
1 59  TYR n 
1 60  ASP n 
1 61  GLN n 
1 62  ILE n 
1 63  LEU n 
1 64  ILE n 
1 65  GLU n 
1 66  ILE n 
1 67  CYS n 
1 68  GLY n 
1 69  HIS n 
1 70  LYS n 
1 71  ALA n 
1 72  ILE n 
1 73  GLY n 
1 74  THR n 
1 75  VAL n 
1 76  LEU n 
1 77  VAL n 
1 78  GLY n 
1 79  PRO n 
1 80  THR n 
1 81  PRO n 
1 82  VAL n 
1 83  ASN n 
1 84  ILE n 
1 85  ILE n 
1 86  GLY n 
1 87  ARG n 
1 88  ASN n 
1 89  LEU n 
1 90  LEU n 
1 91  THR n 
1 92  GLN n 
1 93  ILE n 
1 94  GLY n 
1 95  MET n 
1 96  THR n 
1 97  LEU n 
1 98  ASN n 
1 99  PHE n 
1 100 GLY n 
1 101 GLY n 
1 102 SER n 
1 103 SER n 
1 104 GLY n 
1 105 PRO n 
1 106 GLN n 
1 107 VAL n 
1 108 THR n 
1 109 LEU n 
1 110 TRP n 
1 111 GLN n 
1 112 ARG n 
1 113 PRO n 
1 114 LEU n 
1 115 VAL n 
1 116 THR n 
1 117 ILE n 
1 118 LYS n 
1 119 ILE n 
1 120 GLY n 
1 121 GLY n 
1 122 GLN n 
1 123 LEU n 
1 124 LYS n 
1 125 GLU n 
1 126 ALA n 
1 127 LEU n 
1 128 LEU n 
1 129 ASP n 
1 130 THR n 
1 131 GLY n 
1 132 ALA n 
1 133 ASP n 
1 134 ASP n 
1 135 THR n 
1 136 VAL n 
1 137 LEU n 
1 138 GLU n 
1 139 GLU n 
1 140 MET n 
1 141 SER n 
1 142 LEU n 
1 143 PRO n 
1 144 GLY n 
1 145 ARG n 
1 146 TRP n 
1 147 LYS n 
1 148 PRO n 
1 149 LYS n 
1 150 MET n 
1 151 ILE n 
1 152 GLY n 
1 153 GLY n 
1 154 ILE n 
1 155 GLY n 
1 156 GLY n 
1 157 PHE n 
1 158 ILE n 
1 159 LYS n 
1 160 VAL n 
1 161 ARG n 
1 162 GLN n 
1 163 TYR n 
1 164 ASP n 
1 165 GLN n 
1 166 ILE n 
1 167 LEU n 
1 168 ILE n 
1 169 GLU n 
1 170 ILE n 
1 171 CYS n 
1 172 GLY n 
1 173 HIS n 
1 174 LYS n 
1 175 ALA n 
1 176 ILE n 
1 177 GLY n 
1 178 THR n 
1 179 VAL n 
1 180 LEU n 
1 181 VAL n 
1 182 GLY n 
1 183 PRO n 
1 184 THR n 
1 185 PRO n 
1 186 VAL n 
1 187 ASN n 
1 188 ILE n 
1 189 ILE n 
1 190 GLY n 
1 191 ARG n 
1 192 ASN n 
1 193 LEU n 
1 194 LEU n 
1 195 THR n 
1 196 GLN n 
1 197 ILE n 
1 198 GLY n 
1 199 CYS n 
1 200 THR n 
1 201 LEU n 
1 202 ASN n 
1 203 PHE n 
# 
loop_
_entity_src_gen.entity_id 
_entity_src_gen.pdbx_src_id 
_entity_src_gen.pdbx_alt_source_flag 
_entity_src_gen.pdbx_seq_type 
_entity_src_gen.pdbx_beg_seq_num 
_entity_src_gen.pdbx_end_seq_num 
_entity_src_gen.gene_src_common_name 
_entity_src_gen.gene_src_genus 
_entity_src_gen.pdbx_gene_src_gene 
_entity_src_gen.gene_src_species 
_entity_src_gen.gene_src_strain 
_entity_src_gen.gene_src_tissue 
_entity_src_gen.gene_src_tissue_fraction 
_entity_src_gen.gene_src_details 
_entity_src_gen.pdbx_gene_src_fragment 
_entity_src_gen.pdbx_gene_src_scientific_name 
_entity_src_gen.pdbx_gene_src_ncbi_taxonomy_id 
_entity_src_gen.pdbx_gene_src_variant 
_entity_src_gen.pdbx_gene_src_cell_line 
_entity_src_gen.pdbx_gene_src_atcc 
_entity_src_gen.pdbx_gene_src_organ 
_entity_src_gen.pdbx_gene_src_organelle 
_entity_src_gen.pdbx_gene_src_cell 
_entity_src_gen.pdbx_gene_src_cellular_location 
_entity_src_gen.host_org_common_name 
_entity_src_gen.pdbx_host_org_scientific_name 
_entity_src_gen.pdbx_host_org_ncbi_taxonomy_id 
_entity_src_gen.host_org_genus 
_entity_src_gen.pdbx_host_org_gene 
_entity_src_gen.pdbx_host_org_organ 
_entity_src_gen.host_org_species 
_entity_src_gen.pdbx_host_org_tissue 
_entity_src_gen.pdbx_host_org_tissue_fraction 
_entity_src_gen.pdbx_host_org_strain 
_entity_src_gen.pdbx_host_org_variant 
_entity_src_gen.pdbx_host_org_cell_line 
_entity_src_gen.pdbx_host_org_atcc 
_entity_src_gen.pdbx_host_org_culture_collection 
_entity_src_gen.pdbx_host_org_cell 
_entity_src_gen.pdbx_host_org_organelle 
_entity_src_gen.pdbx_host_org_cellular_location 
_entity_src_gen.pdbx_host_org_vector_type 
_entity_src_gen.pdbx_host_org_vector 
_entity_src_gen.host_org_details 
_entity_src_gen.expression_system_id 
_entity_src_gen.plasmid_name 
_entity_src_gen.plasmid_details 
_entity_src_gen.pdbx_description 
1 1 sample ? 1   99  ? Lentivirus ? ? ? ? ? ? ? 'Human immunodeficiency virus 1' 11676 ? ? ? ? ? ? ? ? 'Escherichia coli' 562 
Escherichia ? ? ? ? ? ? ? ? ? ? ? ? ? ? ? ? ? ? ? ? 
1 2 sample ? 105 203 ? Lentivirus ? ? ? ? ? ? ? 'Human immunodeficiency virus 1' 11676 ? ? ? ? ? ? ? ? 'Escherichia coli' 562 
Escherichia ? ? ? ? ? ? ? ? ? ? ? ? ? ? ? ? ? ? ? ? 
# 
loop_
_chem_comp.id 
_chem_comp.type 
_chem_comp.mon_nstd_flag 
_chem_comp.name 
_chem_comp.pdbx_synonyms 
_chem_comp.formula 
_chem_comp.formula_weight 
ALA 'L-peptide linking' y ALANINE         ? 'C3 H7 N O2'     89.093  
ARG 'L-peptide linking' y ARGININE        ? 'C6 H15 N4 O2 1' 175.209 
ASN 'L-peptide linking' y ASPARAGINE      ? 'C4 H8 N2 O3'    132.118 
ASP 'L-peptide linking' y 'ASPARTIC ACID' ? 'C4 H7 N O4'     133.103 
CYS 'L-peptide linking' y CYSTEINE        ? 'C3 H7 N O2 S'   121.158 
GLN 'L-peptide linking' y GLUTAMINE       ? 'C5 H10 N2 O3'   146.144 
GLU 'L-peptide linking' y 'GLUTAMIC ACID' ? 'C5 H9 N O4'     147.129 
GLY 'peptide linking'   y GLYCINE         ? 'C2 H5 N O2'     75.067  
HIS 'L-peptide linking' y HISTIDINE       ? 'C6 H10 N3 O2 1' 156.162 
HOH non-polymer         . WATER           ? 'H2 O'           18.015  
ILE 'L-peptide linking' y ISOLEUCINE      ? 'C6 H13 N O2'    131.173 
LEU 'L-peptide linking' y LEUCINE         ? 'C6 H13 N O2'    131.173 
LYS 'L-peptide linking' y LYSINE          ? 'C6 H15 N2 O2 1' 147.195 
MET 'L-peptide linking' y METHIONINE      ? 'C5 H11 N O2 S'  149.211 
PHE 'L-peptide linking' y PHENYLALANINE   ? 'C9 H11 N O2'    165.189 
PRO 'L-peptide linking' y PROLINE         ? 'C5 H9 N O2'     115.130 
SER 'L-peptide linking' y SERINE          ? 'C3 H7 N O3'     105.093 
THR 'L-peptide linking' y THREONINE       ? 'C4 H9 N O3'     119.119 
TRP 'L-peptide linking' y TRYPTOPHAN      ? 'C11 H12 N2 O2'  204.225 
TYR 'L-peptide linking' y TYROSINE        ? 'C9 H11 N O3'    181.189 
VAL 'L-peptide linking' y VALINE          ? 'C5 H11 N O2'    117.146 
# 
loop_
_pdbx_poly_seq_scheme.asym_id 
_pdbx_poly_seq_scheme.entity_id 
_pdbx_poly_seq_scheme.seq_id 
_pdbx_poly_seq_scheme.mon_id 
_pdbx_poly_seq_scheme.ndb_seq_num 
_pdbx_poly_seq_scheme.pdb_seq_num 
_pdbx_poly_seq_scheme.auth_seq_num 
_pdbx_poly_seq_scheme.pdb_mon_id 
_pdbx_poly_seq_scheme.auth_mon_id 
_pdbx_poly_seq_scheme.pdb_strand_id 
_pdbx_poly_seq_scheme.pdb_ins_code 
_pdbx_poly_seq_scheme.hetero 
A 1 1   PRO 1   1    1    PRO PRO A . n 
A 1 2   GLN 2   2    2    GLN GLN A . n 
A 1 3   VAL 3   3    3    VAL VAL A . n 
A 1 4   THR 4   4    4    THR THR A . n 
A 1 5   LEU 5   5    5    LEU LEU A . n 
A 1 6   TRP 6   6    6    TRP TRP A . n 
A 1 7   GLN 7   7    7    GLN GLN A . n 
A 1 8   ARG 8   8    8    ARG ARG A . n 
A 1 9   PRO 9   9    9    PRO PRO A . n 
A 1 10  LEU 10  10   10   LEU LEU A . n 
A 1 11  VAL 11  11   11   VAL VAL A . n 
A 1 12  THR 12  12   12   THR THR A . n 
A 1 13  ILE 13  13   13   ILE ILE A . n 
A 1 14  LYS 14  14   14   LYS LYS A . n 
A 1 15  ILE 15  15   15   ILE ILE A . n 
A 1 16  GLY 16  16   16   GLY GLY A . n 
A 1 17  GLY 17  17   17   GLY GLY A . n 
A 1 18  GLN 18  18   18   GLN GLN A . n 
A 1 19  LEU 19  19   19   LEU LEU A . n 
A 1 20  LYS 20  20   20   LYS LYS A . n 
A 1 21  GLU 21  21   21   GLU GLU A . n 
A 1 22  ALA 22  22   22   ALA ALA A . n 
A 1 23  LEU 23  23   23   LEU LEU A . n 
A 1 24  LEU 24  24   24   LEU LEU A . n 
A 1 25  ASP 25  25   25   ASP ASP A . n 
A 1 26  THR 26  26   26   THR THR A . n 
A 1 27  GLY 27  27   27   GLY GLY A . n 
A 1 28  ALA 28  28   28   ALA ALA A . n 
A 1 29  ASP 29  29   29   ASP ASP A . n 
A 1 30  ASP 30  30   30   ASP ASP A . n 
A 1 31  THR 31  31   31   THR THR A . n 
A 1 32  VAL 32  32   32   VAL VAL A . n 
A 1 33  LEU 33  33   33   LEU LEU A . n 
A 1 34  GLU 34  34   34   GLU GLU A . n 
A 1 35  GLU 35  35   35   GLU GLU A . n 
A 1 36  MET 36  36   36   MET MET A . n 
A 1 37  SER 37  37   37   SER SER A . n 
A 1 38  LEU 38  38   38   LEU LEU A . n 
A 1 39  PRO 39  39   39   PRO PRO A . n 
A 1 40  GLY 40  40   40   GLY GLY A . n 
A 1 41  ARG 41  41   41   ARG ARG A . n 
A 1 42  TRP 42  42   42   TRP TRP A . n 
A 1 43  LYS 43  43   43   LYS LYS A . n 
A 1 44  PRO 44  44   44   PRO PRO A . n 
A 1 45  LYS 45  45   45   LYS LYS A . n 
A 1 46  MET 46  46   46   MET MET A . n 
A 1 47  ILE 47  47   47   ILE ILE A . n 
A 1 48  GLY 48  48   48   GLY GLY A . n 
A 1 49  GLY 49  49   49   GLY GLY A . n 
A 1 50  ILE 50  50   50   ILE ILE A . n 
A 1 51  GLY 51  51   51   GLY GLY A . n 
A 1 52  GLY 52  52   52   GLY GLY A . n 
A 1 53  PHE 53  53   53   PHE PHE A . n 
A 1 54  ILE 54  54   54   ILE ILE A . n 
A 1 55  LYS 55  55   55   LYS LYS A . n 
A 1 56  VAL 56  56   56   VAL VAL A . n 
A 1 57  ARG 57  57   57   ARG ARG A . n 
A 1 58  GLN 58  58   58   GLN GLN A . n 
A 1 59  TYR 59  59   59   TYR TYR A . n 
A 1 60  ASP 60  60   60   ASP ASP A . n 
A 1 61  GLN 61  61   61   GLN GLN A . n 
A 1 62  ILE 62  62   62   ILE ILE A . n 
A 1 63  LEU 63  63   63   LEU LEU A . n 
A 1 64  ILE 64  64   64   ILE ILE A . n 
A 1 65  GLU 65  65   65   GLU GLU A . n 
A 1 66  ILE 66  66   66   ILE ILE A . n 
A 1 67  CYS 67  67   67   CYS CYS A . n 
A 1 68  GLY 68  68   68   GLY GLY A . n 
A 1 69  HIS 69  69   69   HIS HIS A . n 
A 1 70  LYS 70  70   70   LYS LYS A . n 
A 1 71  ALA 71  71   71   ALA ALA A . n 
A 1 72  ILE 72  72   72   ILE ILE A . n 
A 1 73  GLY 73  73   73   GLY GLY A . n 
A 1 74  THR 74  74   74   THR THR A . n 
A 1 75  VAL 75  75   75   VAL VAL A . n 
A 1 76  LEU 76  76   76   LEU LEU A . n 
A 1 77  VAL 77  77   77   VAL VAL A . n 
A 1 78  GLY 78  78   78   GLY GLY A . n 
A 1 79  PRO 79  79   79   PRO PRO A . n 
A 1 80  THR 80  80   80   THR THR A . n 
A 1 81  PRO 81  81   81   PRO PRO A . n 
A 1 82  VAL 82  82   82   VAL VAL A . n 
A 1 83  ASN 83  83   83   ASN ASN A . n 
A 1 84  ILE 84  84   84   ILE ILE A . n 
A 1 85  ILE 85  85   85   ILE ILE A . n 
A 1 86  GLY 86  86   86   GLY GLY A . n 
A 1 87  ARG 87  87   87   ARG ARG A . n 
A 1 88  ASN 88  88   88   ASN ASN A . n 
A 1 89  LEU 89  89   89   LEU LEU A . n 
A 1 90  LEU 90  90   90   LEU LEU A . n 
A 1 91  THR 91  91   91   THR THR A . n 
A 1 92  GLN 92  92   92   GLN GLN A . n 
A 1 93  ILE 93  93   93   ILE ILE A . n 
A 1 94  GLY 94  94   94   GLY GLY A . n 
A 1 95  MET 95  95   95   MET MET A . n 
A 1 96  THR 96  96   96   THR THR A . n 
A 1 97  LEU 97  97   97   LEU LEU A . n 
A 1 98  ASN 98  98   98   ASN ASN A . n 
A 1 99  PHE 99  99   99   PHE PHE A . n 
A 1 100 GLY 100 996  ?    ?   ?   A . n 
A 1 101 GLY 101 997  ?    ?   ?   A . n 
A 1 102 SER 102 998  ?    ?   ?   A . n 
A 1 103 SER 103 999  ?    ?   ?   A . n 
A 1 104 GLY 104 1000 ?    ?   ?   A . n 
A 1 105 PRO 105 1001 1001 PRO PRO A . n 
A 1 106 GLN 106 1002 1002 GLN GLN A . n 
A 1 107 VAL 107 1003 1003 VAL VAL A . n 
A 1 108 THR 108 1004 1004 THR THR A . n 
A 1 109 LEU 109 1005 1005 LEU LEU A . n 
A 1 110 TRP 110 1006 1006 TRP TRP A . n 
A 1 111 GLN 111 1007 1007 GLN GLN A . n 
A 1 112 ARG 112 1008 1008 ARG ARG A . n 
A 1 113 PRO 113 1009 1009 PRO PRO A . n 
A 1 114 LEU 114 1010 1010 LEU LEU A . n 
A 1 115 VAL 115 1011 1011 VAL VAL A . n 
A 1 116 THR 116 1012 1012 THR THR A . n 
A 1 117 ILE 117 1013 1013 ILE ILE A . n 
A 1 118 LYS 118 1014 1014 LYS LYS A . n 
A 1 119 ILE 119 1015 1015 ILE ILE A . n 
A 1 120 GLY 120 1016 1016 GLY GLY A . n 
A 1 121 GLY 121 1017 1017 GLY GLY A . n 
A 1 122 GLN 122 1018 1018 GLN GLN A . n 
A 1 123 LEU 123 1019 1019 LEU LEU A . n 
A 1 124 LYS 124 1020 1020 LYS LYS A . n 
A 1 125 GLU 125 1021 1021 GLU GLU A . n 
A 1 126 ALA 126 1022 1022 ALA ALA A . n 
A 1 127 LEU 127 1023 1023 LEU LEU A . n 
A 1 128 LEU 128 1024 1024 LEU LEU A . n 
A 1 129 ASP 129 1025 1025 ASP ASP A . n 
A 1 130 THR 130 1026 1026 THR THR A . n 
A 1 131 GLY 131 1027 1027 GLY GLY A . n 
A 1 132 ALA 132 1028 1028 ALA ALA A . n 
A 1 133 ASP 133 1029 1029 ASP ASP A . n 
A 1 134 ASP 134 1030 1030 ASP ASP A . n 
A 1 135 THR 135 1031 1031 THR THR A . n 
A 1 136 VAL 136 1032 1032 VAL VAL A . n 
A 1 137 LEU 137 1033 1033 LEU LEU A . n 
A 1 138 GLU 138 1034 1034 GLU GLU A . n 
A 1 139 GLU 139 1035 1035 GLU GLU A . n 
A 1 140 MET 140 1036 1036 MET MET A . n 
A 1 141 SER 141 1037 1037 SER SER A . n 
A 1 142 LEU 142 1038 1038 LEU LEU A . n 
A 1 143 PRO 143 1039 1039 PRO PRO A . n 
A 1 144 GLY 144 1040 1040 GLY GLY A . n 
A 1 145 ARG 145 1041 1041 ARG ARG A . n 
A 1 146 TRP 146 1042 1042 TRP TRP A . n 
A 1 147 LYS 147 1043 1043 LYS LYS A . n 
A 1 148 PRO 148 1044 1044 PRO PRO A . n 
A 1 149 LYS 149 1045 1045 LYS LYS A . n 
A 1 150 MET 150 1046 1046 MET MET A . n 
A 1 151 ILE 151 1047 1047 ILE ILE A . n 
A 1 152 GLY 152 1048 1048 GLY GLY A . n 
A 1 153 GLY 153 1049 1049 GLY GLY A . n 
A 1 154 ILE 154 1050 1050 ILE ILE A . n 
A 1 155 GLY 155 1051 1051 GLY GLY A . n 
A 1 156 GLY 156 1052 1052 GLY GLY A . n 
A 1 157 PHE 157 1053 1053 PHE PHE A . n 
A 1 158 ILE 158 1054 1054 ILE ILE A . n 
A 1 159 LYS 159 1055 1055 LYS LYS A . n 
A 1 160 VAL 160 1056 1056 VAL VAL A . n 
A 1 161 ARG 161 1057 1057 ARG ARG A . n 
A 1 162 GLN 162 1058 1058 GLN GLN A . n 
A 1 163 TYR 163 1059 1059 TYR TYR A . n 
A 1 164 ASP 164 1060 1060 ASP ASP A . n 
A 1 165 GLN 165 1061 1061 GLN GLN A . n 
A 1 166 ILE 166 1062 1062 ILE ILE A . n 
A 1 167 LEU 167 1063 1063 LEU LEU A . n 
A 1 168 ILE 168 1064 1064 ILE ILE A . n 
A 1 169 GLU 169 1065 1065 GLU GLU A . n 
A 1 170 ILE 170 1066 1066 ILE ILE A . n 
A 1 171 CYS 171 1067 1067 CYS CYS A . n 
A 1 172 GLY 172 1068 1068 GLY GLY A . n 
A 1 173 HIS 173 1069 1069 HIS HIS A . n 
A 1 174 LYS 174 1070 1070 LYS LYS A . n 
A 1 175 ALA 175 1071 1071 ALA ALA A . n 
A 1 176 ILE 176 1072 1072 ILE ILE A . n 
A 1 177 GLY 177 1073 1073 GLY GLY A . n 
A 1 178 THR 178 1074 1074 THR THR A . n 
A 1 179 VAL 179 1075 1075 VAL VAL A . n 
A 1 180 LEU 180 1076 1076 LEU LEU A . n 
A 1 181 VAL 181 1077 1077 VAL VAL A . n 
A 1 182 GLY 182 1078 1078 GLY GLY A . n 
A 1 183 PRO 183 1079 1079 PRO PRO A . n 
A 1 184 THR 184 1080 1080 THR THR A . n 
A 1 185 PRO 185 1081 1081 PRO PRO A . n 
A 1 186 VAL 186 1082 1082 VAL VAL A . n 
A 1 187 ASN 187 1083 1083 ASN ASN A . n 
A 1 188 ILE 188 1084 1084 ILE ILE A . n 
A 1 189 ILE 189 1085 1085 ILE ILE A . n 
A 1 190 GLY 190 1086 1086 GLY GLY A . n 
A 1 191 ARG 191 1087 1087 ARG ARG A . n 
A 1 192 ASN 192 1088 1088 ASN ASN A . n 
A 1 193 LEU 193 1089 1089 LEU LEU A . n 
A 1 194 LEU 194 1090 1090 LEU LEU A . n 
A 1 195 THR 195 1091 1091 THR THR A . n 
A 1 196 GLN 196 1092 1092 GLN GLN A . n 
A 1 197 ILE 197 1093 1093 ILE ILE A . n 
A 1 198 GLY 198 1094 1094 GLY GLY A . n 
A 1 199 CYS 199 1095 1095 CYS CYS A . n 
A 1 200 THR 200 1096 1096 THR THR A . n 
A 1 201 LEU 201 1097 1097 LEU LEU A . n 
A 1 202 ASN 202 1098 1098 ASN ASN A . n 
A 1 203 PHE 203 1099 1099 PHE PHE A . n 
# 
loop_
_pdbx_nonpoly_scheme.asym_id 
_pdbx_nonpoly_scheme.entity_id 
_pdbx_nonpoly_scheme.mon_id 
_pdbx_nonpoly_scheme.ndb_seq_num 
_pdbx_nonpoly_scheme.pdb_seq_num 
_pdbx_nonpoly_scheme.auth_seq_num 
_pdbx_nonpoly_scheme.pdb_mon_id 
_pdbx_nonpoly_scheme.auth_mon_id 
_pdbx_nonpoly_scheme.pdb_strand_id 
_pdbx_nonpoly_scheme.pdb_ins_code 
B 2 HOH 1  200 200 HOH H2O A . 
B 2 HOH 2  201 201 HOH H2O A . 
B 2 HOH 3  202 202 HOH H2O A . 
B 2 HOH 4  203 203 HOH H2O A . 
B 2 HOH 5  204 204 HOH H2O A . 
B 2 HOH 6  205 205 HOH H2O A . 
B 2 HOH 7  206 206 HOH H2O A . 
B 2 HOH 8  207 207 HOH H2O A . 
B 2 HOH 9  208 208 HOH H2O A . 
B 2 HOH 10 209 209 HOH H2O A . 
B 2 HOH 11 210 210 HOH H2O A . 
B 2 HOH 12 211 211 HOH H2O A . 
B 2 HOH 13 212 212 HOH H2O A . 
B 2 HOH 14 213 213 HOH H2O A . 
B 2 HOH 15 214 214 HOH H2O A . 
B 2 HOH 16 215 215 HOH H2O A . 
B 2 HOH 17 216 216 HOH H2O A . 
B 2 HOH 18 217 217 HOH H2O A . 
B 2 HOH 19 218 218 HOH H2O A . 
B 2 HOH 20 219 219 HOH H2O A . 
B 2 HOH 21 220 220 HOH H2O A . 
B 2 HOH 22 221 221 HOH H2O A . 
B 2 HOH 23 223 223 HOH H2O A . 
B 2 HOH 24 224 224 HOH H2O A . 
B 2 HOH 25 225 225 HOH H2O A . 
B 2 HOH 26 226 226 HOH H2O A . 
B 2 HOH 27 227 227 HOH H2O A . 
B 2 HOH 28 228 228 HOH H2O A . 
B 2 HOH 29 229 229 HOH H2O A . 
B 2 HOH 30 230 230 HOH H2O A . 
B 2 HOH 31 231 231 HOH H2O A . 
B 2 HOH 32 232 232 HOH H2O A . 
B 2 HOH 33 234 234 HOH H2O A . 
B 2 HOH 34 235 235 HOH H2O A . 
B 2 HOH 35 236 236 HOH H2O A . 
B 2 HOH 36 237 237 HOH H2O A . 
B 2 HOH 37 238 238 HOH H2O A . 
B 2 HOH 38 239 239 HOH H2O A . 
B 2 HOH 39 240 240 HOH H2O A . 
B 2 HOH 40 242 242 HOH H2O A . 
B 2 HOH 41 243 243 HOH H2O A . 
B 2 HOH 42 244 244 HOH H2O A . 
B 2 HOH 43 245 245 HOH H2O A . 
B 2 HOH 44 246 246 HOH H2O A . 
B 2 HOH 45 247 247 HOH H2O A . 
B 2 HOH 46 248 248 HOH H2O A . 
B 2 HOH 47 249 249 HOH H2O A . 
B 2 HOH 48 250 250 HOH H2O A . 
B 2 HOH 49 251 251 HOH H2O A . 
B 2 HOH 50 253 253 HOH H2O A . 
B 2 HOH 51 254 254 HOH H2O A . 
B 2 HOH 52 255 255 HOH H2O A . 
B 2 HOH 53 257 257 HOH H2O A . 
B 2 HOH 54 258 258 HOH H2O A . 
B 2 HOH 55 259 259 HOH H2O A . 
B 2 HOH 56 260 260 HOH H2O A . 
B 2 HOH 57 261 261 HOH H2O A . 
B 2 HOH 58 262 262 HOH H2O A . 
B 2 HOH 59 263 263 HOH H2O A . 
B 2 HOH 60 264 264 HOH H2O A . 
B 2 HOH 61 265 265 HOH H2O A . 
B 2 HOH 62 266 266 HOH H2O A . 
B 2 HOH 63 267 267 HOH H2O A . 
B 2 HOH 64 268 268 HOH H2O A . 
B 2 HOH 65 269 269 HOH H2O A . 
B 2 HOH 66 270 270 HOH H2O A . 
B 2 HOH 67 271 271 HOH H2O A . 
B 2 HOH 68 272 272 HOH H2O A . 
B 2 HOH 69 273 273 HOH H2O A . 
B 2 HOH 70 274 274 HOH H2O A . 
B 2 HOH 71 275 275 HOH H2O A . 
B 2 HOH 72 276 276 HOH H2O A . 
B 2 HOH 73 277 277 HOH H2O A . 
B 2 HOH 74 278 278 HOH H2O A . 
B 2 HOH 75 279 279 HOH H2O A . 
B 2 HOH 76 280 280 HOH H2O A . 
B 2 HOH 77 281 281 HOH H2O A . 
B 2 HOH 78 282 282 HOH H2O A . 
B 2 HOH 79 283 283 HOH H2O A . 
B 2 HOH 80 284 284 HOH H2O A . 
B 2 HOH 81 285 285 HOH H2O A . 
B 2 HOH 82 286 286 HOH H2O A . 
B 2 HOH 83 287 287 HOH H2O A . 
B 2 HOH 84 288 288 HOH H2O A . 
B 2 HOH 85 289 289 HOH H2O A . 
B 2 HOH 86 290 290 HOH H2O A . 
B 2 HOH 87 291 291 HOH H2O A . 
B 2 HOH 88 292 292 HOH H2O A . 
B 2 HOH 89 293 293 HOH H2O A . 
B 2 HOH 90 294 294 HOH H2O A . 
B 2 HOH 91 296 296 HOH H2O A . 
B 2 HOH 92 297 297 HOH H2O A . 
B 2 HOH 93 298 298 HOH H2O A . 
B 2 HOH 94 299 299 HOH H2O A . 
B 2 HOH 95 300 300 HOH H2O A . 
B 2 HOH 96 301 301 HOH H2O A . 
# 
loop_
_software.name 
_software.classification 
_software.version 
_software.citation_id 
_software.pdbx_ordinal 
AMoRE     phasing          . ? 1 
X-PLOR    refinement       . ? 2 
DENZO     'data reduction' . ? 3 
SCALEPACK 'data scaling'   . ? 4 
# 
_cell.entry_id           1G6L 
_cell.length_a           63.150 
_cell.length_b           63.150 
_cell.length_c           83.610 
_cell.angle_alpha        90.00 
_cell.angle_beta         90.00 
_cell.angle_gamma        120.00 
_cell.Z_PDB              6 
_cell.pdbx_unique_axis   ? 
# 
_symmetry.entry_id                         1G6L 
_symmetry.space_group_name_H-M             'P 61' 
_symmetry.pdbx_full_space_group_name_H-M   ? 
_symmetry.cell_setting                     ? 
_symmetry.Int_Tables_number                169 
# 
_exptl.entry_id          1G6L 
_exptl.method            'X-RAY DIFFRACTION' 
_exptl.crystals_number   2 
# 
_exptl_crystal.id                    1 
_exptl_crystal.density_meas          ? 
_exptl_crystal.density_Matthews      2.19 
_exptl_crystal.density_percent_sol   43.91 
_exptl_crystal.description           ? 
# 
loop_
_diffrn.id 
_diffrn.ambient_temp 
_diffrn.ambient_temp_details 
_diffrn.crystal_id 
1 296 ? 1 
2 293 ? 1 
# 
loop_
_diffrn_detector.diffrn_id 
_diffrn_detector.detector 
_diffrn_detector.type 
_diffrn_detector.pdbx_collection_date 
_diffrn_detector.details 
1 'IMAGE PLATE' ? ? ? 
2 'IMAGE PLATE' ? ? ? 
# 
_diffrn_radiation.diffrn_id                        1 
_diffrn_radiation.wavelength_id                    1 
_diffrn_radiation.pdbx_monochromatic_or_laue_m_l   M 
_diffrn_radiation.monochromator                    ? 
_diffrn_radiation.pdbx_diffrn_protocol             'SINGLE WAVELENGTH' 
_diffrn_radiation.pdbx_scattering_type             x-ray 
# 
_diffrn_radiation_wavelength.id           1 
_diffrn_radiation_wavelength.wavelength   . 
_diffrn_radiation_wavelength.wt           1.0 
# 
loop_
_diffrn_source.diffrn_id 
_diffrn_source.source 
_diffrn_source.type 
_diffrn_source.pdbx_synchrotron_site 
_diffrn_source.pdbx_synchrotron_beamline 
_diffrn_source.pdbx_wavelength 
_diffrn_source.pdbx_wavelength_list 
1 SYNCHROTRON 'SPRING-8 BEAMLINE BL41XU' SPring-8 BL41XU ? ? 
2 SYNCHROTRON 'SPRING-8 BEAMLINE BL41XU' SPring-8 BL41XU ? ? 
# 
_reflns.entry_id                     1G6L 
_reflns.observed_criterion_sigma_I   1.0 
_reflns.observed_criterion_sigma_F   2.0 
_reflns.d_resolution_low             20.0 
_reflns.d_resolution_high            1.9 
_reflns.number_obs                   14318 
_reflns.number_all                   43302 
_reflns.percent_possible_obs         95.8 
_reflns.pdbx_Rmerge_I_obs            0.0550000 
_reflns.pdbx_Rsym_value              ? 
_reflns.pdbx_netI_over_sigmaI        ? 
_reflns.B_iso_Wilson_estimate        ? 
_reflns.pdbx_redundancy              ? 
_reflns.R_free_details               ? 
_reflns.limit_h_max                  ? 
_reflns.limit_h_min                  ? 
_reflns.limit_k_max                  ? 
_reflns.limit_k_min                  ? 
_reflns.limit_l_max                  ? 
_reflns.limit_l_min                  ? 
_reflns.observed_criterion_F_max     ? 
_reflns.observed_criterion_F_min     ? 
_reflns.pdbx_diffrn_id               1 
_reflns.pdbx_ordinal                 1 
# 
_refine.entry_id                                 1G6L 
_refine.ls_number_reflns_obs                     14318 
_refine.ls_number_reflns_all                     43302 
_refine.pdbx_ls_sigma_I                          ? 
_refine.pdbx_ls_sigma_F                          ? 
_refine.pdbx_data_cutoff_high_absF               ? 
_refine.pdbx_data_cutoff_low_absF                ? 
_refine.ls_d_res_low                             8.0 
_refine.ls_d_res_high                            1.9 
_refine.ls_percent_reflns_obs                    ? 
_refine.ls_R_factor_obs                          ? 
_refine.ls_R_factor_all                          ? 
_refine.ls_R_factor_R_work                       0.1950000 
_refine.ls_R_factor_R_free                       0.2840000 
_refine.ls_R_factor_R_free_error                 ? 
_refine.ls_R_factor_R_free_error_details         ? 
_refine.ls_percent_reflns_R_free                 ? 
_refine.ls_number_reflns_R_free                  ? 
_refine.ls_number_parameters                     ? 
_refine.ls_number_restraints                     ? 
_refine.occupancy_min                            ? 
_refine.occupancy_max                            ? 
_refine.B_iso_mean                               28.3 
_refine.aniso_B[1][1]                            ? 
_refine.aniso_B[2][2]                            ? 
_refine.aniso_B[3][3]                            ? 
_refine.aniso_B[1][2]                            ? 
_refine.aniso_B[1][3]                            ? 
_refine.aniso_B[2][3]                            ? 
_refine.solvent_model_details                    ? 
_refine.solvent_model_param_ksol                 ? 
_refine.solvent_model_param_bsol                 ? 
_refine.pdbx_ls_cross_valid_method               ? 
_refine.details                                  ? 
_refine.pdbx_starting_model                      ? 
_refine.pdbx_method_to_determine_struct          'MOLECULAR REPLACEMENT' 
_refine.pdbx_isotropic_thermal_model             ? 
_refine.pdbx_stereochemistry_target_values       ? 
_refine.pdbx_stereochem_target_val_spec_case     ? 
_refine.pdbx_R_Free_selection_details            '10% reflections randomly chosen by X-PLOR' 
_refine.pdbx_overall_ESU_R_Free                  ? 
_refine.overall_SU_B                             ? 
_refine.ls_redundancy_reflns_obs                 ? 
_refine.B_iso_min                                ? 
_refine.B_iso_max                                ? 
_refine.overall_SU_ML                            ? 
_refine.pdbx_overall_ESU_R                       ? 
_refine.pdbx_data_cutoff_high_rms_absF           ? 
_refine.correlation_coeff_Fo_to_Fc               ? 
_refine.correlation_coeff_Fo_to_Fc_free          ? 
_refine.overall_SU_R_Cruickshank_DPI             ? 
_refine.overall_SU_R_free                        ? 
_refine.pdbx_refine_id                           'X-RAY DIFFRACTION' 
_refine.pdbx_diffrn_id                           1 
_refine.pdbx_TLS_residual_ADP_flag               ? 
_refine.pdbx_solvent_vdw_probe_radii             ? 
_refine.pdbx_solvent_ion_probe_radii             ? 
_refine.pdbx_solvent_shrinkage_radii             ? 
_refine.pdbx_overall_phase_error                 ? 
_refine.pdbx_overall_SU_R_free_Cruickshank_DPI   ? 
_refine.pdbx_overall_SU_R_Blow_DPI               ? 
_refine.pdbx_overall_SU_R_free_Blow_DPI          ? 
# 
_refine_hist.pdbx_refine_id                   'X-RAY DIFFRACTION' 
_refine_hist.cycle_id                         LAST 
_refine_hist.pdbx_number_atoms_protein        1515 
_refine_hist.pdbx_number_atoms_nucleic_acid   0 
_refine_hist.pdbx_number_atoms_ligand         0 
_refine_hist.number_atoms_solvent             96 
_refine_hist.number_atoms_total               1611 
_refine_hist.d_res_high                       1.9 
_refine_hist.d_res_low                        8.0 
# 
_struct.entry_id                  1G6L 
_struct.title                     '1.9A CRYSTAL STRUCTURE OF TETHERED HIV-1 PROTEASE' 
_struct.pdbx_model_details        ? 
_struct.pdbx_CASP_flag            ? 
_struct.pdbx_model_type_details   ? 
# 
_struct_keywords.entry_id        1G6L 
_struct_keywords.pdbx_keywords   HYDROLASE 
_struct_keywords.text            HYDROLASE 
# 
loop_
_struct_asym.id 
_struct_asym.pdbx_blank_PDB_chainid_flag 
_struct_asym.pdbx_modified 
_struct_asym.entity_id 
_struct_asym.details 
A N N 1 ? 
B N N 2 ? 
# 
_struct_ref.id                         1 
_struct_ref.db_name                    UNP 
_struct_ref.db_code                    POL_HV1H2 
_struct_ref.entity_id                  1 
_struct_ref.pdbx_seq_one_letter_code   ? 
_struct_ref.pdbx_align_begin           ? 
_struct_ref.pdbx_db_accession          P04585 
_struct_ref.pdbx_db_isoform            ? 
# 
loop_
_struct_ref_seq.align_id 
_struct_ref_seq.ref_id 
_struct_ref_seq.pdbx_PDB_id_code 
_struct_ref_seq.pdbx_strand_id 
_struct_ref_seq.seq_align_beg 
_struct_ref_seq.pdbx_seq_align_beg_ins_code 
_struct_ref_seq.seq_align_end 
_struct_ref_seq.pdbx_seq_align_end_ins_code 
_struct_ref_seq.pdbx_db_accession 
_struct_ref_seq.db_align_beg 
_struct_ref_seq.pdbx_db_align_beg_ins_code 
_struct_ref_seq.db_align_end 
_struct_ref_seq.pdbx_db_align_end_ins_code 
_struct_ref_seq.pdbx_auth_seq_align_beg 
_struct_ref_seq.pdbx_auth_seq_align_end 
1 1 1G6L A 1   ? 99  ? P04585 57 ? 155 ? 1    99   
2 1 1G6L A 105 ? 203 ? P04585 57 ? 155 ? 1001 1099 
# 
loop_
_struct_ref_seq_dif.align_id 
_struct_ref_seq_dif.pdbx_pdb_id_code 
_struct_ref_seq_dif.mon_id 
_struct_ref_seq_dif.pdbx_pdb_strand_id 
_struct_ref_seq_dif.seq_num 
_struct_ref_seq_dif.pdbx_pdb_ins_code 
_struct_ref_seq_dif.pdbx_seq_db_name 
_struct_ref_seq_dif.pdbx_seq_db_accession_code 
_struct_ref_seq_dif.db_mon_id 
_struct_ref_seq_dif.pdbx_seq_db_seq_num 
_struct_ref_seq_dif.details 
_struct_ref_seq_dif.pdbx_auth_seq_num 
_struct_ref_seq_dif.pdbx_ordinal 
1 1G6L MET A 95  ? UNP P04585 CYS 151 'engineered mutation' 95   1 
1 1G6L GLY A 100 ? UNP P04585 ?   ?   linker                996  2 
1 1G6L GLY A 101 ? UNP P04585 ?   ?   linker                997  3 
1 1G6L SER A 102 ? UNP P04585 ?   ?   linker                998  4 
1 1G6L SER A 103 ? UNP P04585 ?   ?   linker                999  5 
1 1G6L GLY A 104 ? UNP P04585 ?   ?   linker                1000 6 
# 
_pdbx_struct_assembly.id                   1 
_pdbx_struct_assembly.details              author_defined_assembly 
_pdbx_struct_assembly.method_details       ? 
_pdbx_struct_assembly.oligomeric_details   monomeric 
_pdbx_struct_assembly.oligomeric_count     1 
# 
_pdbx_struct_assembly_gen.assembly_id       1 
_pdbx_struct_assembly_gen.oper_expression   1 
_pdbx_struct_assembly_gen.asym_id_list      A,B 
# 
_pdbx_struct_oper_list.id                   1 
_pdbx_struct_oper_list.type                 'identity operation' 
_pdbx_struct_oper_list.name                 1_555 
_pdbx_struct_oper_list.symmetry_operation   x,y,z 
_pdbx_struct_oper_list.matrix[1][1]         1.0000000000 
_pdbx_struct_oper_list.matrix[1][2]         0.0000000000 
_pdbx_struct_oper_list.matrix[1][3]         0.0000000000 
_pdbx_struct_oper_list.vector[1]            0.0000000000 
_pdbx_struct_oper_list.matrix[2][1]         0.0000000000 
_pdbx_struct_oper_list.matrix[2][2]         1.0000000000 
_pdbx_struct_oper_list.matrix[2][3]         0.0000000000 
_pdbx_struct_oper_list.vector[2]            0.0000000000 
_pdbx_struct_oper_list.matrix[3][1]         0.0000000000 
_pdbx_struct_oper_list.matrix[3][2]         0.0000000000 
_pdbx_struct_oper_list.matrix[3][3]         1.0000000000 
_pdbx_struct_oper_list.vector[3]            0.0000000000 
# 
_struct_biol.id                    1 
_struct_biol.pdbx_parent_biol_id   ? 
_struct_biol.details               ? 
# 
loop_
_struct_conf.conf_type_id 
_struct_conf.id 
_struct_conf.pdbx_PDB_helix_id 
_struct_conf.beg_label_comp_id 
_struct_conf.beg_label_asym_id 
_struct_conf.beg_label_seq_id 
_struct_conf.pdbx_beg_PDB_ins_code 
_struct_conf.end_label_comp_id 
_struct_conf.end_label_asym_id 
_struct_conf.end_label_seq_id 
_struct_conf.pdbx_end_PDB_ins_code 
_struct_conf.beg_auth_comp_id 
_struct_conf.beg_auth_asym_id 
_struct_conf.beg_auth_seq_id 
_struct_conf.end_auth_comp_id 
_struct_conf.end_auth_asym_id 
_struct_conf.end_auth_seq_id 
_struct_conf.pdbx_PDB_helix_class 
_struct_conf.details 
_struct_conf.pdbx_PDB_helix_length 
HELX_P HELX_P1 1 GLY A 86  ? THR A 91  ? GLY A 86   THR A 91   1 ? 6 
HELX_P HELX_P2 2 GLY A 190 ? THR A 195 ? GLY A 1086 THR A 1091 1 ? 6 
# 
_struct_conf_type.id          HELX_P 
_struct_conf_type.criteria    ? 
_struct_conf_type.reference   ? 
# 
loop_
_struct_sheet.id 
_struct_sheet.type 
_struct_sheet.number_strands 
_struct_sheet.details 
A  ? 4 ? 
B  ? 8 ? 
14 ? 7 ? 
# 
loop_
_struct_sheet_order.sheet_id 
_struct_sheet_order.range_id_1 
_struct_sheet_order.range_id_2 
_struct_sheet_order.offset 
_struct_sheet_order.sense 
A  1 2 ? anti-parallel 
A  2 3 ? anti-parallel 
A  3 4 ? anti-parallel 
B  1 2 ? anti-parallel 
B  2 3 ? anti-parallel 
B  3 4 ? parallel      
B  4 5 ? anti-parallel 
B  5 6 ? parallel      
B  6 7 ? anti-parallel 
B  7 8 ? anti-parallel 
14 1 2 ? anti-parallel 
14 2 3 ? parallel      
14 3 4 ? anti-parallel 
14 4 5 ? parallel      
14 5 6 ? anti-parallel 
14 6 7 ? anti-parallel 
# 
loop_
_struct_sheet_range.sheet_id 
_struct_sheet_range.id 
_struct_sheet_range.beg_label_comp_id 
_struct_sheet_range.beg_label_asym_id 
_struct_sheet_range.beg_label_seq_id 
_struct_sheet_range.pdbx_beg_PDB_ins_code 
_struct_sheet_range.end_label_comp_id 
_struct_sheet_range.end_label_asym_id 
_struct_sheet_range.end_label_seq_id 
_struct_sheet_range.pdbx_end_PDB_ins_code 
_struct_sheet_range.beg_auth_comp_id 
_struct_sheet_range.beg_auth_asym_id 
_struct_sheet_range.beg_auth_seq_id 
_struct_sheet_range.end_auth_comp_id 
_struct_sheet_range.end_auth_asym_id 
_struct_sheet_range.end_auth_seq_id 
A  1 GLN A 2   ? THR A 4   ? GLN A 2    THR A 4    
A  2 THR A 200 ? ASN A 202 ? THR A 1096 ASN A 1098 
A  3 THR A 96  ? ASN A 98  ? THR A 96   ASN A 98   
A  4 GLN A 106 ? THR A 108 ? GLN A 1002 THR A 1004 
B  1 LYS A 43  ? GLY A 49  ? LYS A 43   GLY A 49   
B  2 GLY A 52  ? ILE A 66  ? GLY A 52   ILE A 66   
B  3 HIS A 69  ? GLY A 78  ? HIS A 69   GLY A 78   
B  4 VAL A 32  ? GLU A 34  ? VAL A 32   GLU A 34   
B  5 ILE A 84  ? ILE A 85  ? ILE A 84   ILE A 85   
B  6 GLN A 18  ? LEU A 24  ? GLN A 18   LEU A 24   
B  7 LEU A 10  ? ILE A 15  ? LEU A 10   ILE A 15   
B  8 GLY A 52  ? ILE A 66  ? GLY A 52   ILE A 66   
14 1 GLY A 156 ? ILE A 170 ? GLY A 1052 ILE A 1066 
14 2 HIS A 173 ? VAL A 181 ? HIS A 1069 VAL A 1077 
14 3 VAL A 136 ? LEU A 137 ? VAL A 1032 LEU A 1033 
14 4 ILE A 188 ? ILE A 189 ? ILE A 1084 ILE A 1085 
14 5 GLN A 122 ? LEU A 128 ? GLN A 1018 LEU A 1024 
14 6 LEU A 114 ? ILE A 119 ? LEU A 1010 ILE A 1015 
14 7 GLY A 156 ? ILE A 170 ? GLY A 1052 ILE A 1066 
# 
loop_
_pdbx_struct_sheet_hbond.sheet_id 
_pdbx_struct_sheet_hbond.range_id_1 
_pdbx_struct_sheet_hbond.range_id_2 
_pdbx_struct_sheet_hbond.range_1_label_atom_id 
_pdbx_struct_sheet_hbond.range_1_label_comp_id 
_pdbx_struct_sheet_hbond.range_1_label_asym_id 
_pdbx_struct_sheet_hbond.range_1_label_seq_id 
_pdbx_struct_sheet_hbond.range_1_PDB_ins_code 
_pdbx_struct_sheet_hbond.range_1_auth_atom_id 
_pdbx_struct_sheet_hbond.range_1_auth_comp_id 
_pdbx_struct_sheet_hbond.range_1_auth_asym_id 
_pdbx_struct_sheet_hbond.range_1_auth_seq_id 
_pdbx_struct_sheet_hbond.range_2_label_atom_id 
_pdbx_struct_sheet_hbond.range_2_label_comp_id 
_pdbx_struct_sheet_hbond.range_2_label_asym_id 
_pdbx_struct_sheet_hbond.range_2_label_seq_id 
_pdbx_struct_sheet_hbond.range_2_PDB_ins_code 
_pdbx_struct_sheet_hbond.range_2_auth_atom_id 
_pdbx_struct_sheet_hbond.range_2_auth_comp_id 
_pdbx_struct_sheet_hbond.range_2_auth_asym_id 
_pdbx_struct_sheet_hbond.range_2_auth_seq_id 
A  1 2 N VAL A 3   ? N VAL A 3    O LEU A 201 ? O LEU A 1097 
A  2 3 O ASN A 202 ? O ASN A 1098 N THR A 96  ? N THR A 96   
A  3 4 N LEU A 97  ? N LEU A 97   O VAL A 107 ? O VAL A 1003 
B  1 2 N GLY A 49  ? N GLY A 49   O GLY A 52  ? O GLY A 52   
B  2 3 O ILE A 66  ? O ILE A 66   N HIS A 69  ? N HIS A 69   
B  3 4 O LEU A 76  ? O LEU A 76   N LEU A 33  ? N LEU A 33   
B  4 5 O VAL A 32  ? O VAL A 32   N ILE A 84  ? N ILE A 84   
B  5 6 N ILE A 85  ? N ILE A 85   O LEU A 23  ? O LEU A 23   
B  6 7 O ALA A 22  ? O ALA A 22   N VAL A 11  ? N VAL A 11   
B  7 8 O LYS A 14  ? O LYS A 14   N GLU A 65  ? N GLU A 65   
14 1 2 N ILE A 170 ? N ILE A 1066 O HIS A 173 ? O HIS A 1069 
14 2 3 O LEU A 180 ? O LEU A 1076 N LEU A 137 ? N LEU A 1033 
14 3 4 O VAL A 136 ? O VAL A 1032 N ILE A 188 ? N ILE A 1084 
14 4 5 N ILE A 189 ? N ILE A 1085 O LEU A 127 ? O LEU A 1023 
14 5 6 N ALA A 126 ? N ALA A 1022 O VAL A 115 ? O VAL A 1011 
14 6 7 O LYS A 118 ? O LYS A 1014 N GLU A 169 ? N GLU A 1065 
# 
loop_
_pdbx_unobs_or_zero_occ_residues.id 
_pdbx_unobs_or_zero_occ_residues.PDB_model_num 
_pdbx_unobs_or_zero_occ_residues.polymer_flag 
_pdbx_unobs_or_zero_occ_residues.occupancy_flag 
_pdbx_unobs_or_zero_occ_residues.auth_asym_id 
_pdbx_unobs_or_zero_occ_residues.auth_comp_id 
_pdbx_unobs_or_zero_occ_residues.auth_seq_id 
_pdbx_unobs_or_zero_occ_residues.PDB_ins_code 
_pdbx_unobs_or_zero_occ_residues.label_asym_id 
_pdbx_unobs_or_zero_occ_residues.label_comp_id 
_pdbx_unobs_or_zero_occ_residues.label_seq_id 
1 1 Y 1 A GLY 996  ? A GLY 100 
2 1 Y 1 A GLY 997  ? A GLY 101 
3 1 Y 1 A SER 998  ? A SER 102 
4 1 Y 1 A SER 999  ? A SER 103 
5 1 Y 1 A GLY 1000 ? A GLY 104 
# 
loop_
_chem_comp_atom.comp_id 
_chem_comp_atom.atom_id 
_chem_comp_atom.type_symbol 
_chem_comp_atom.pdbx_aromatic_flag 
_chem_comp_atom.pdbx_stereo_config 
_chem_comp_atom.pdbx_ordinal 
ALA N    N N N 1   
ALA CA   C N S 2   
ALA C    C N N 3   
ALA O    O N N 4   
ALA CB   C N N 5   
ALA OXT  O N N 6   
ALA H    H N N 7   
ALA H2   H N N 8   
ALA HA   H N N 9   
ALA HB1  H N N 10  
ALA HB2  H N N 11  
ALA HB3  H N N 12  
ALA HXT  H N N 13  
ARG N    N N N 14  
ARG CA   C N S 15  
ARG C    C N N 16  
ARG O    O N N 17  
ARG CB   C N N 18  
ARG CG   C N N 19  
ARG CD   C N N 20  
ARG NE   N N N 21  
ARG CZ   C N N 22  
ARG NH1  N N N 23  
ARG NH2  N N N 24  
ARG OXT  O N N 25  
ARG H    H N N 26  
ARG H2   H N N 27  
ARG HA   H N N 28  
ARG HB2  H N N 29  
ARG HB3  H N N 30  
ARG HG2  H N N 31  
ARG HG3  H N N 32  
ARG HD2  H N N 33  
ARG HD3  H N N 34  
ARG HE   H N N 35  
ARG HH11 H N N 36  
ARG HH12 H N N 37  
ARG HH21 H N N 38  
ARG HH22 H N N 39  
ARG HXT  H N N 40  
ASN N    N N N 41  
ASN CA   C N S 42  
ASN C    C N N 43  
ASN O    O N N 44  
ASN CB   C N N 45  
ASN CG   C N N 46  
ASN OD1  O N N 47  
ASN ND2  N N N 48  
ASN OXT  O N N 49  
ASN H    H N N 50  
ASN H2   H N N 51  
ASN HA   H N N 52  
ASN HB2  H N N 53  
ASN HB3  H N N 54  
ASN HD21 H N N 55  
ASN HD22 H N N 56  
ASN HXT  H N N 57  
ASP N    N N N 58  
ASP CA   C N S 59  
ASP C    C N N 60  
ASP O    O N N 61  
ASP CB   C N N 62  
ASP CG   C N N 63  
ASP OD1  O N N 64  
ASP OD2  O N N 65  
ASP OXT  O N N 66  
ASP H    H N N 67  
ASP H2   H N N 68  
ASP HA   H N N 69  
ASP HB2  H N N 70  
ASP HB3  H N N 71  
ASP HD2  H N N 72  
ASP HXT  H N N 73  
CYS N    N N N 74  
CYS CA   C N R 75  
CYS C    C N N 76  
CYS O    O N N 77  
CYS CB   C N N 78  
CYS SG   S N N 79  
CYS OXT  O N N 80  
CYS H    H N N 81  
CYS H2   H N N 82  
CYS HA   H N N 83  
CYS HB2  H N N 84  
CYS HB3  H N N 85  
CYS HG   H N N 86  
CYS HXT  H N N 87  
GLN N    N N N 88  
GLN CA   C N S 89  
GLN C    C N N 90  
GLN O    O N N 91  
GLN CB   C N N 92  
GLN CG   C N N 93  
GLN CD   C N N 94  
GLN OE1  O N N 95  
GLN NE2  N N N 96  
GLN OXT  O N N 97  
GLN H    H N N 98  
GLN H2   H N N 99  
GLN HA   H N N 100 
GLN HB2  H N N 101 
GLN HB3  H N N 102 
GLN HG2  H N N 103 
GLN HG3  H N N 104 
GLN HE21 H N N 105 
GLN HE22 H N N 106 
GLN HXT  H N N 107 
GLU N    N N N 108 
GLU CA   C N S 109 
GLU C    C N N 110 
GLU O    O N N 111 
GLU CB   C N N 112 
GLU CG   C N N 113 
GLU CD   C N N 114 
GLU OE1  O N N 115 
GLU OE2  O N N 116 
GLU OXT  O N N 117 
GLU H    H N N 118 
GLU H2   H N N 119 
GLU HA   H N N 120 
GLU HB2  H N N 121 
GLU HB3  H N N 122 
GLU HG2  H N N 123 
GLU HG3  H N N 124 
GLU HE2  H N N 125 
GLU HXT  H N N 126 
GLY N    N N N 127 
GLY CA   C N N 128 
GLY C    C N N 129 
GLY O    O N N 130 
GLY OXT  O N N 131 
GLY H    H N N 132 
GLY H2   H N N 133 
GLY HA2  H N N 134 
GLY HA3  H N N 135 
GLY HXT  H N N 136 
HIS N    N N N 137 
HIS CA   C N S 138 
HIS C    C N N 139 
HIS O    O N N 140 
HIS CB   C N N 141 
HIS CG   C Y N 142 
HIS ND1  N Y N 143 
HIS CD2  C Y N 144 
HIS CE1  C Y N 145 
HIS NE2  N Y N 146 
HIS OXT  O N N 147 
HIS H    H N N 148 
HIS H2   H N N 149 
HIS HA   H N N 150 
HIS HB2  H N N 151 
HIS HB3  H N N 152 
HIS HD1  H N N 153 
HIS HD2  H N N 154 
HIS HE1  H N N 155 
HIS HE2  H N N 156 
HIS HXT  H N N 157 
HOH O    O N N 158 
HOH H1   H N N 159 
HOH H2   H N N 160 
ILE N    N N N 161 
ILE CA   C N S 162 
ILE C    C N N 163 
ILE O    O N N 164 
ILE CB   C N S 165 
ILE CG1  C N N 166 
ILE CG2  C N N 167 
ILE CD1  C N N 168 
ILE OXT  O N N 169 
ILE H    H N N 170 
ILE H2   H N N 171 
ILE HA   H N N 172 
ILE HB   H N N 173 
ILE HG12 H N N 174 
ILE HG13 H N N 175 
ILE HG21 H N N 176 
ILE HG22 H N N 177 
ILE HG23 H N N 178 
ILE HD11 H N N 179 
ILE HD12 H N N 180 
ILE HD13 H N N 181 
ILE HXT  H N N 182 
LEU N    N N N 183 
LEU CA   C N S 184 
LEU C    C N N 185 
LEU O    O N N 186 
LEU CB   C N N 187 
LEU CG   C N N 188 
LEU CD1  C N N 189 
LEU CD2  C N N 190 
LEU OXT  O N N 191 
LEU H    H N N 192 
LEU H2   H N N 193 
LEU HA   H N N 194 
LEU HB2  H N N 195 
LEU HB3  H N N 196 
LEU HG   H N N 197 
LEU HD11 H N N 198 
LEU HD12 H N N 199 
LEU HD13 H N N 200 
LEU HD21 H N N 201 
LEU HD22 H N N 202 
LEU HD23 H N N 203 
LEU HXT  H N N 204 
LYS N    N N N 205 
LYS CA   C N S 206 
LYS C    C N N 207 
LYS O    O N N 208 
LYS CB   C N N 209 
LYS CG   C N N 210 
LYS CD   C N N 211 
LYS CE   C N N 212 
LYS NZ   N N N 213 
LYS OXT  O N N 214 
LYS H    H N N 215 
LYS H2   H N N 216 
LYS HA   H N N 217 
LYS HB2  H N N 218 
LYS HB3  H N N 219 
LYS HG2  H N N 220 
LYS HG3  H N N 221 
LYS HD2  H N N 222 
LYS HD3  H N N 223 
LYS HE2  H N N 224 
LYS HE3  H N N 225 
LYS HZ1  H N N 226 
LYS HZ2  H N N 227 
LYS HZ3  H N N 228 
LYS HXT  H N N 229 
MET N    N N N 230 
MET CA   C N S 231 
MET C    C N N 232 
MET O    O N N 233 
MET CB   C N N 234 
MET CG   C N N 235 
MET SD   S N N 236 
MET CE   C N N 237 
MET OXT  O N N 238 
MET H    H N N 239 
MET H2   H N N 240 
MET HA   H N N 241 
MET HB2  H N N 242 
MET HB3  H N N 243 
MET HG2  H N N 244 
MET HG3  H N N 245 
MET HE1  H N N 246 
MET HE2  H N N 247 
MET HE3  H N N 248 
MET HXT  H N N 249 
PHE N    N N N 250 
PHE CA   C N S 251 
PHE C    C N N 252 
PHE O    O N N 253 
PHE CB   C N N 254 
PHE CG   C Y N 255 
PHE CD1  C Y N 256 
PHE CD2  C Y N 257 
PHE CE1  C Y N 258 
PHE CE2  C Y N 259 
PHE CZ   C Y N 260 
PHE OXT  O N N 261 
PHE H    H N N 262 
PHE H2   H N N 263 
PHE HA   H N N 264 
PHE HB2  H N N 265 
PHE HB3  H N N 266 
PHE HD1  H N N 267 
PHE HD2  H N N 268 
PHE HE1  H N N 269 
PHE HE2  H N N 270 
PHE HZ   H N N 271 
PHE HXT  H N N 272 
PRO N    N N N 273 
PRO CA   C N S 274 
PRO C    C N N 275 
PRO O    O N N 276 
PRO CB   C N N 277 
PRO CG   C N N 278 
PRO CD   C N N 279 
PRO OXT  O N N 280 
PRO H    H N N 281 
PRO HA   H N N 282 
PRO HB2  H N N 283 
PRO HB3  H N N 284 
PRO HG2  H N N 285 
PRO HG3  H N N 286 
PRO HD2  H N N 287 
PRO HD3  H N N 288 
PRO HXT  H N N 289 
SER N    N N N 290 
SER CA   C N S 291 
SER C    C N N 292 
SER O    O N N 293 
SER CB   C N N 294 
SER OG   O N N 295 
SER OXT  O N N 296 
SER H    H N N 297 
SER H2   H N N 298 
SER HA   H N N 299 
SER HB2  H N N 300 
SER HB3  H N N 301 
SER HG   H N N 302 
SER HXT  H N N 303 
THR N    N N N 304 
THR CA   C N S 305 
THR C    C N N 306 
THR O    O N N 307 
THR CB   C N R 308 
THR OG1  O N N 309 
THR CG2  C N N 310 
THR OXT  O N N 311 
THR H    H N N 312 
THR H2   H N N 313 
THR HA   H N N 314 
THR HB   H N N 315 
THR HG1  H N N 316 
THR HG21 H N N 317 
THR HG22 H N N 318 
THR HG23 H N N 319 
THR HXT  H N N 320 
TRP N    N N N 321 
TRP CA   C N S 322 
TRP C    C N N 323 
TRP O    O N N 324 
TRP CB   C N N 325 
TRP CG   C Y N 326 
TRP CD1  C Y N 327 
TRP CD2  C Y N 328 
TRP NE1  N Y N 329 
TRP CE2  C Y N 330 
TRP CE3  C Y N 331 
TRP CZ2  C Y N 332 
TRP CZ3  C Y N 333 
TRP CH2  C Y N 334 
TRP OXT  O N N 335 
TRP H    H N N 336 
TRP H2   H N N 337 
TRP HA   H N N 338 
TRP HB2  H N N 339 
TRP HB3  H N N 340 
TRP HD1  H N N 341 
TRP HE1  H N N 342 
TRP HE3  H N N 343 
TRP HZ2  H N N 344 
TRP HZ3  H N N 345 
TRP HH2  H N N 346 
TRP HXT  H N N 347 
TYR N    N N N 348 
TYR CA   C N S 349 
TYR C    C N N 350 
TYR O    O N N 351 
TYR CB   C N N 352 
TYR CG   C Y N 353 
TYR CD1  C Y N 354 
TYR CD2  C Y N 355 
TYR CE1  C Y N 356 
TYR CE2  C Y N 357 
TYR CZ   C Y N 358 
TYR OH   O N N 359 
TYR OXT  O N N 360 
TYR H    H N N 361 
TYR H2   H N N 362 
TYR HA   H N N 363 
TYR HB2  H N N 364 
TYR HB3  H N N 365 
TYR HD1  H N N 366 
TYR HD2  H N N 367 
TYR HE1  H N N 368 
TYR HE2  H N N 369 
TYR HH   H N N 370 
TYR HXT  H N N 371 
VAL N    N N N 372 
VAL CA   C N S 373 
VAL C    C N N 374 
VAL O    O N N 375 
VAL CB   C N N 376 
VAL CG1  C N N 377 
VAL CG2  C N N 378 
VAL OXT  O N N 379 
VAL H    H N N 380 
VAL H2   H N N 381 
VAL HA   H N N 382 
VAL HB   H N N 383 
VAL HG11 H N N 384 
VAL HG12 H N N 385 
VAL HG13 H N N 386 
VAL HG21 H N N 387 
VAL HG22 H N N 388 
VAL HG23 H N N 389 
VAL HXT  H N N 390 
# 
loop_
_chem_comp_bond.comp_id 
_chem_comp_bond.atom_id_1 
_chem_comp_bond.atom_id_2 
_chem_comp_bond.value_order 
_chem_comp_bond.pdbx_aromatic_flag 
_chem_comp_bond.pdbx_stereo_config 
_chem_comp_bond.pdbx_ordinal 
ALA N   CA   sing N N 1   
ALA N   H    sing N N 2   
ALA N   H2   sing N N 3   
ALA CA  C    sing N N 4   
ALA CA  CB   sing N N 5   
ALA CA  HA   sing N N 6   
ALA C   O    doub N N 7   
ALA C   OXT  sing N N 8   
ALA CB  HB1  sing N N 9   
ALA CB  HB2  sing N N 10  
ALA CB  HB3  sing N N 11  
ALA OXT HXT  sing N N 12  
ARG N   CA   sing N N 13  
ARG N   H    sing N N 14  
ARG N   H2   sing N N 15  
ARG CA  C    sing N N 16  
ARG CA  CB   sing N N 17  
ARG CA  HA   sing N N 18  
ARG C   O    doub N N 19  
ARG C   OXT  sing N N 20  
ARG CB  CG   sing N N 21  
ARG CB  HB2  sing N N 22  
ARG CB  HB3  sing N N 23  
ARG CG  CD   sing N N 24  
ARG CG  HG2  sing N N 25  
ARG CG  HG3  sing N N 26  
ARG CD  NE   sing N N 27  
ARG CD  HD2  sing N N 28  
ARG CD  HD3  sing N N 29  
ARG NE  CZ   sing N N 30  
ARG NE  HE   sing N N 31  
ARG CZ  NH1  sing N N 32  
ARG CZ  NH2  doub N N 33  
ARG NH1 HH11 sing N N 34  
ARG NH1 HH12 sing N N 35  
ARG NH2 HH21 sing N N 36  
ARG NH2 HH22 sing N N 37  
ARG OXT HXT  sing N N 38  
ASN N   CA   sing N N 39  
ASN N   H    sing N N 40  
ASN N   H2   sing N N 41  
ASN CA  C    sing N N 42  
ASN CA  CB   sing N N 43  
ASN CA  HA   sing N N 44  
ASN C   O    doub N N 45  
ASN C   OXT  sing N N 46  
ASN CB  CG   sing N N 47  
ASN CB  HB2  sing N N 48  
ASN CB  HB3  sing N N 49  
ASN CG  OD1  doub N N 50  
ASN CG  ND2  sing N N 51  
ASN ND2 HD21 sing N N 52  
ASN ND2 HD22 sing N N 53  
ASN OXT HXT  sing N N 54  
ASP N   CA   sing N N 55  
ASP N   H    sing N N 56  
ASP N   H2   sing N N 57  
ASP CA  C    sing N N 58  
ASP CA  CB   sing N N 59  
ASP CA  HA   sing N N 60  
ASP C   O    doub N N 61  
ASP C   OXT  sing N N 62  
ASP CB  CG   sing N N 63  
ASP CB  HB2  sing N N 64  
ASP CB  HB3  sing N N 65  
ASP CG  OD1  doub N N 66  
ASP CG  OD2  sing N N 67  
ASP OD2 HD2  sing N N 68  
ASP OXT HXT  sing N N 69  
CYS N   CA   sing N N 70  
CYS N   H    sing N N 71  
CYS N   H2   sing N N 72  
CYS CA  C    sing N N 73  
CYS CA  CB   sing N N 74  
CYS CA  HA   sing N N 75  
CYS C   O    doub N N 76  
CYS C   OXT  sing N N 77  
CYS CB  SG   sing N N 78  
CYS CB  HB2  sing N N 79  
CYS CB  HB3  sing N N 80  
CYS SG  HG   sing N N 81  
CYS OXT HXT  sing N N 82  
GLN N   CA   sing N N 83  
GLN N   H    sing N N 84  
GLN N   H2   sing N N 85  
GLN CA  C    sing N N 86  
GLN CA  CB   sing N N 87  
GLN CA  HA   sing N N 88  
GLN C   O    doub N N 89  
GLN C   OXT  sing N N 90  
GLN CB  CG   sing N N 91  
GLN CB  HB2  sing N N 92  
GLN CB  HB3  sing N N 93  
GLN CG  CD   sing N N 94  
GLN CG  HG2  sing N N 95  
GLN CG  HG3  sing N N 96  
GLN CD  OE1  doub N N 97  
GLN CD  NE2  sing N N 98  
GLN NE2 HE21 sing N N 99  
GLN NE2 HE22 sing N N 100 
GLN OXT HXT  sing N N 101 
GLU N   CA   sing N N 102 
GLU N   H    sing N N 103 
GLU N   H2   sing N N 104 
GLU CA  C    sing N N 105 
GLU CA  CB   sing N N 106 
GLU CA  HA   sing N N 107 
GLU C   O    doub N N 108 
GLU C   OXT  sing N N 109 
GLU CB  CG   sing N N 110 
GLU CB  HB2  sing N N 111 
GLU CB  HB3  sing N N 112 
GLU CG  CD   sing N N 113 
GLU CG  HG2  sing N N 114 
GLU CG  HG3  sing N N 115 
GLU CD  OE1  doub N N 116 
GLU CD  OE2  sing N N 117 
GLU OE2 HE2  sing N N 118 
GLU OXT HXT  sing N N 119 
GLY N   CA   sing N N 120 
GLY N   H    sing N N 121 
GLY N   H2   sing N N 122 
GLY CA  C    sing N N 123 
GLY CA  HA2  sing N N 124 
GLY CA  HA3  sing N N 125 
GLY C   O    doub N N 126 
GLY C   OXT  sing N N 127 
GLY OXT HXT  sing N N 128 
HIS N   CA   sing N N 129 
HIS N   H    sing N N 130 
HIS N   H2   sing N N 131 
HIS CA  C    sing N N 132 
HIS CA  CB   sing N N 133 
HIS CA  HA   sing N N 134 
HIS C   O    doub N N 135 
HIS C   OXT  sing N N 136 
HIS CB  CG   sing N N 137 
HIS CB  HB2  sing N N 138 
HIS CB  HB3  sing N N 139 
HIS CG  ND1  sing Y N 140 
HIS CG  CD2  doub Y N 141 
HIS ND1 CE1  doub Y N 142 
HIS ND1 HD1  sing N N 143 
HIS CD2 NE2  sing Y N 144 
HIS CD2 HD2  sing N N 145 
HIS CE1 NE2  sing Y N 146 
HIS CE1 HE1  sing N N 147 
HIS NE2 HE2  sing N N 148 
HIS OXT HXT  sing N N 149 
HOH O   H1   sing N N 150 
HOH O   H2   sing N N 151 
ILE N   CA   sing N N 152 
ILE N   H    sing N N 153 
ILE N   H2   sing N N 154 
ILE CA  C    sing N N 155 
ILE CA  CB   sing N N 156 
ILE CA  HA   sing N N 157 
ILE C   O    doub N N 158 
ILE C   OXT  sing N N 159 
ILE CB  CG1  sing N N 160 
ILE CB  CG2  sing N N 161 
ILE CB  HB   sing N N 162 
ILE CG1 CD1  sing N N 163 
ILE CG1 HG12 sing N N 164 
ILE CG1 HG13 sing N N 165 
ILE CG2 HG21 sing N N 166 
ILE CG2 HG22 sing N N 167 
ILE CG2 HG23 sing N N 168 
ILE CD1 HD11 sing N N 169 
ILE CD1 HD12 sing N N 170 
ILE CD1 HD13 sing N N 171 
ILE OXT HXT  sing N N 172 
LEU N   CA   sing N N 173 
LEU N   H    sing N N 174 
LEU N   H2   sing N N 175 
LEU CA  C    sing N N 176 
LEU CA  CB   sing N N 177 
LEU CA  HA   sing N N 178 
LEU C   O    doub N N 179 
LEU C   OXT  sing N N 180 
LEU CB  CG   sing N N 181 
LEU CB  HB2  sing N N 182 
LEU CB  HB3  sing N N 183 
LEU CG  CD1  sing N N 184 
LEU CG  CD2  sing N N 185 
LEU CG  HG   sing N N 186 
LEU CD1 HD11 sing N N 187 
LEU CD1 HD12 sing N N 188 
LEU CD1 HD13 sing N N 189 
LEU CD2 HD21 sing N N 190 
LEU CD2 HD22 sing N N 191 
LEU CD2 HD23 sing N N 192 
LEU OXT HXT  sing N N 193 
LYS N   CA   sing N N 194 
LYS N   H    sing N N 195 
LYS N   H2   sing N N 196 
LYS CA  C    sing N N 197 
LYS CA  CB   sing N N 198 
LYS CA  HA   sing N N 199 
LYS C   O    doub N N 200 
LYS C   OXT  sing N N 201 
LYS CB  CG   sing N N 202 
LYS CB  HB2  sing N N 203 
LYS CB  HB3  sing N N 204 
LYS CG  CD   sing N N 205 
LYS CG  HG2  sing N N 206 
LYS CG  HG3  sing N N 207 
LYS CD  CE   sing N N 208 
LYS CD  HD2  sing N N 209 
LYS CD  HD3  sing N N 210 
LYS CE  NZ   sing N N 211 
LYS CE  HE2  sing N N 212 
LYS CE  HE3  sing N N 213 
LYS NZ  HZ1  sing N N 214 
LYS NZ  HZ2  sing N N 215 
LYS NZ  HZ3  sing N N 216 
LYS OXT HXT  sing N N 217 
MET N   CA   sing N N 218 
MET N   H    sing N N 219 
MET N   H2   sing N N 220 
MET CA  C    sing N N 221 
MET CA  CB   sing N N 222 
MET CA  HA   sing N N 223 
MET C   O    doub N N 224 
MET C   OXT  sing N N 225 
MET CB  CG   sing N N 226 
MET CB  HB2  sing N N 227 
MET CB  HB3  sing N N 228 
MET CG  SD   sing N N 229 
MET CG  HG2  sing N N 230 
MET CG  HG3  sing N N 231 
MET SD  CE   sing N N 232 
MET CE  HE1  sing N N 233 
MET CE  HE2  sing N N 234 
MET CE  HE3  sing N N 235 
MET OXT HXT  sing N N 236 
PHE N   CA   sing N N 237 
PHE N   H    sing N N 238 
PHE N   H2   sing N N 239 
PHE CA  C    sing N N 240 
PHE CA  CB   sing N N 241 
PHE CA  HA   sing N N 242 
PHE C   O    doub N N 243 
PHE C   OXT  sing N N 244 
PHE CB  CG   sing N N 245 
PHE CB  HB2  sing N N 246 
PHE CB  HB3  sing N N 247 
PHE CG  CD1  doub Y N 248 
PHE CG  CD2  sing Y N 249 
PHE CD1 CE1  sing Y N 250 
PHE CD1 HD1  sing N N 251 
PHE CD2 CE2  doub Y N 252 
PHE CD2 HD2  sing N N 253 
PHE CE1 CZ   doub Y N 254 
PHE CE1 HE1  sing N N 255 
PHE CE2 CZ   sing Y N 256 
PHE CE2 HE2  sing N N 257 
PHE CZ  HZ   sing N N 258 
PHE OXT HXT  sing N N 259 
PRO N   CA   sing N N 260 
PRO N   CD   sing N N 261 
PRO N   H    sing N N 262 
PRO CA  C    sing N N 263 
PRO CA  CB   sing N N 264 
PRO CA  HA   sing N N 265 
PRO C   O    doub N N 266 
PRO C   OXT  sing N N 267 
PRO CB  CG   sing N N 268 
PRO CB  HB2  sing N N 269 
PRO CB  HB3  sing N N 270 
PRO CG  CD   sing N N 271 
PRO CG  HG2  sing N N 272 
PRO CG  HG3  sing N N 273 
PRO CD  HD2  sing N N 274 
PRO CD  HD3  sing N N 275 
PRO OXT HXT  sing N N 276 
SER N   CA   sing N N 277 
SER N   H    sing N N 278 
SER N   H2   sing N N 279 
SER CA  C    sing N N 280 
SER CA  CB   sing N N 281 
SER CA  HA   sing N N 282 
SER C   O    doub N N 283 
SER C   OXT  sing N N 284 
SER CB  OG   sing N N 285 
SER CB  HB2  sing N N 286 
SER CB  HB3  sing N N 287 
SER OG  HG   sing N N 288 
SER OXT HXT  sing N N 289 
THR N   CA   sing N N 290 
THR N   H    sing N N 291 
THR N   H2   sing N N 292 
THR CA  C    sing N N 293 
THR CA  CB   sing N N 294 
THR CA  HA   sing N N 295 
THR C   O    doub N N 296 
THR C   OXT  sing N N 297 
THR CB  OG1  sing N N 298 
THR CB  CG2  sing N N 299 
THR CB  HB   sing N N 300 
THR OG1 HG1  sing N N 301 
THR CG2 HG21 sing N N 302 
THR CG2 HG22 sing N N 303 
THR CG2 HG23 sing N N 304 
THR OXT HXT  sing N N 305 
TRP N   CA   sing N N 306 
TRP N   H    sing N N 307 
TRP N   H2   sing N N 308 
TRP CA  C    sing N N 309 
TRP CA  CB   sing N N 310 
TRP CA  HA   sing N N 311 
TRP C   O    doub N N 312 
TRP C   OXT  sing N N 313 
TRP CB  CG   sing N N 314 
TRP CB  HB2  sing N N 315 
TRP CB  HB3  sing N N 316 
TRP CG  CD1  doub Y N 317 
TRP CG  CD2  sing Y N 318 
TRP CD1 NE1  sing Y N 319 
TRP CD1 HD1  sing N N 320 
TRP CD2 CE2  doub Y N 321 
TRP CD2 CE3  sing Y N 322 
TRP NE1 CE2  sing Y N 323 
TRP NE1 HE1  sing N N 324 
TRP CE2 CZ2  sing Y N 325 
TRP CE3 CZ3  doub Y N 326 
TRP CE3 HE3  sing N N 327 
TRP CZ2 CH2  doub Y N 328 
TRP CZ2 HZ2  sing N N 329 
TRP CZ3 CH2  sing Y N 330 
TRP CZ3 HZ3  sing N N 331 
TRP CH2 HH2  sing N N 332 
TRP OXT HXT  sing N N 333 
TYR N   CA   sing N N 334 
TYR N   H    sing N N 335 
TYR N   H2   sing N N 336 
TYR CA  C    sing N N 337 
TYR CA  CB   sing N N 338 
TYR CA  HA   sing N N 339 
TYR C   O    doub N N 340 
TYR C   OXT  sing N N 341 
TYR CB  CG   sing N N 342 
TYR CB  HB2  sing N N 343 
TYR CB  HB3  sing N N 344 
TYR CG  CD1  doub Y N 345 
TYR CG  CD2  sing Y N 346 
TYR CD1 CE1  sing Y N 347 
TYR CD1 HD1  sing N N 348 
TYR CD2 CE2  doub Y N 349 
TYR CD2 HD2  sing N N 350 
TYR CE1 CZ   doub Y N 351 
TYR CE1 HE1  sing N N 352 
TYR CE2 CZ   sing Y N 353 
TYR CE2 HE2  sing N N 354 
TYR CZ  OH   sing N N 355 
TYR OH  HH   sing N N 356 
TYR OXT HXT  sing N N 357 
VAL N   CA   sing N N 358 
VAL N   H    sing N N 359 
VAL N   H2   sing N N 360 
VAL CA  C    sing N N 361 
VAL CA  CB   sing N N 362 
VAL CA  HA   sing N N 363 
VAL C   O    doub N N 364 
VAL C   OXT  sing N N 365 
VAL CB  CG1  sing N N 366 
VAL CB  CG2  sing N N 367 
VAL CB  HB   sing N N 368 
VAL CG1 HG11 sing N N 369 
VAL CG1 HG12 sing N N 370 
VAL CG1 HG13 sing N N 371 
VAL CG2 HG21 sing N N 372 
VAL CG2 HG22 sing N N 373 
VAL CG2 HG23 sing N N 374 
VAL OXT HXT  sing N N 375 
# 
_atom_sites.entry_id                    1G6L 
_atom_sites.fract_transf_matrix[1][1]   -0.00891093 
_atom_sites.fract_transf_matrix[1][2]   -0.01560771 
_atom_sites.fract_transf_matrix[1][3]   0.00336695 
_atom_sites.fract_transf_matrix[2][1]   0.00794419 
_atom_sites.fract_transf_matrix[2][2]   -0.01309135 
_atom_sites.fract_transf_matrix[2][3]   0.00999237 
_atom_sites.fract_transf_matrix[3][1]   -0.00462137 
_atom_sites.fract_transf_matrix[3][2]   0.00478284 
_atom_sites.fract_transf_matrix[3][3]   0.00994027 
_atom_sites.fract_transf_vector[1]      0.000171 
_atom_sites.fract_transf_vector[2]      0.376198 
_atom_sites.fract_transf_vector[3]      0.332259 
# 
loop_
_atom_type.symbol 
C 
N 
O 
S 
# 
loop_
_atom_site.group_PDB 
_atom_site.id 
_atom_site.type_symbol 
_atom_site.label_atom_id 
_atom_site.label_alt_id 
_atom_site.label_comp_id 
_atom_site.label_asym_id 
_atom_site.label_entity_id 
_atom_site.label_seq_id 
_atom_site.pdbx_PDB_ins_code 
_atom_site.Cartn_x 
_atom_site.Cartn_y 
_atom_site.Cartn_z 
_atom_site.occupancy 
_atom_site.B_iso_or_equiv 
_atom_site.pdbx_formal_charge 
_atom_site.auth_seq_id 
_atom_site.auth_comp_id 
_atom_site.auth_asym_id 
_atom_site.auth_atom_id 
_atom_site.pdbx_PDB_model_num 
ATOM   1    N N   . PRO A 1 1   ? 19.216  -0.073  4.934   1.00 37.05 ? 1    PRO A N   1 
ATOM   2    C CA  . PRO A 1 1   ? 18.323  0.900   5.595   1.00 38.27 ? 1    PRO A CA  1 
ATOM   3    C C   . PRO A 1 1   ? 17.066  0.279   6.192   1.00 38.55 ? 1    PRO A C   1 
ATOM   4    O O   . PRO A 1 1   ? 16.390  -0.528  5.552   1.00 38.34 ? 1    PRO A O   1 
ATOM   5    C CB  . PRO A 1 1   ? 17.962  1.972   4.570   1.00 36.18 ? 1    PRO A CB  1 
ATOM   6    C CG  . PRO A 1 1   ? 18.398  1.328   3.255   1.00 36.21 ? 1    PRO A CG  1 
ATOM   7    C CD  . PRO A 1 1   ? 19.610  0.457   3.620   1.00 39.89 ? 1    PRO A CD  1 
ATOM   8    N N   . GLN A 1 2   ? 16.806  0.623   7.449   1.00 37.68 ? 2    GLN A N   1 
ATOM   9    C CA  . GLN A 1 2   ? 15.637  0.153   8.166   1.00 37.79 ? 2    GLN A CA  1 
ATOM   10   C C   . GLN A 1 2   ? 14.811  1.411   8.348   1.00 36.68 ? 2    GLN A C   1 
ATOM   11   O O   . GLN A 1 2   ? 15.334  2.428   8.808   1.00 39.46 ? 2    GLN A O   1 
ATOM   12   C CB  . GLN A 1 2   ? 16.041  -0.413  9.521   1.00 36.96 ? 2    GLN A CB  1 
ATOM   13   C CG  . GLN A 1 2   ? 14.864  -0.692  10.410  1.00 42.68 ? 2    GLN A CG  1 
ATOM   14   C CD  . GLN A 1 2   ? 15.236  -1.500  11.632  1.00 47.72 ? 2    GLN A CD  1 
ATOM   15   O OE1 . GLN A 1 2   ? 15.689  -0.952  12.635  1.00 54.78 ? 2    GLN A OE1 1 
ATOM   16   N NE2 . GLN A 1 2   ? 15.042  -2.811  11.560  1.00 49.27 ? 2    GLN A NE2 1 
ATOM   17   N N   . VAL A 1 3   ? 13.547  1.377   7.956   1.00 30.74 ? 3    VAL A N   1 
ATOM   18   C CA  . VAL A 1 3   ? 12.727  2.568   8.079   1.00 30.87 ? 3    VAL A CA  1 
ATOM   19   C C   . VAL A 1 3   ? 11.490  2.299   8.935   1.00 31.53 ? 3    VAL A C   1 
ATOM   20   O O   . VAL A 1 3   ? 10.934  1.181   8.915   1.00 32.57 ? 3    VAL A O   1 
ATOM   21   C CB  . VAL A 1 3   ? 12.358  3.181   6.655   1.00 30.28 ? 3    VAL A CB  1 
ATOM   22   C CG1 . VAL A 1 3   ? 13.212  2.546   5.538   1.00 29.37 ? 3    VAL A CG1 1 
ATOM   23   C CG2 . VAL A 1 3   ? 10.883  3.068   6.330   1.00 26.53 ? 3    VAL A CG2 1 
ATOM   24   N N   . THR A 1 4   ? 11.118  3.278   9.754   1.00 26.68 ? 4    THR A N   1 
ATOM   25   C CA  . THR A 1 4   ? 9.937   3.129   10.569  1.00 23.97 ? 4    THR A CA  1 
ATOM   26   C C   . THR A 1 4   ? 8.764   3.749   9.826   1.00 21.40 ? 4    THR A C   1 
ATOM   27   O O   . THR A 1 4   ? 8.930   4.417   8.801   1.00 20.24 ? 4    THR A O   1 
ATOM   28   C CB  . THR A 1 4   ? 10.103  3.697   11.959  1.00 25.20 ? 4    THR A CB  1 
ATOM   29   O OG1 . THR A 1 4   ? 10.294  5.114   11.867  1.00 26.48 ? 4    THR A OG1 1 
ATOM   30   C CG2 . THR A 1 4   ? 11.286  3.022   12.631  1.00 23.56 ? 4    THR A CG2 1 
ATOM   31   N N   . LEU A 1 5   ? 7.576   3.571   10.371  1.00 18.08 ? 5    LEU A N   1 
ATOM   32   C CA  . LEU A 1 5   ? 6.396   3.989   9.661   1.00 16.70 ? 5    LEU A CA  1 
ATOM   33   C C   . LEU A 1 5   ? 5.602   5.123   10.274  1.00 16.68 ? 5    LEU A C   1 
ATOM   34   O O   . LEU A 1 5   ? 4.401   5.274   9.997   1.00 15.95 ? 5    LEU A O   1 
ATOM   35   C CB  . LEU A 1 5   ? 5.521   2.740   9.423   1.00 18.95 ? 5    LEU A CB  1 
ATOM   36   C CG  . LEU A 1 5   ? 6.116   1.651   8.528   1.00 15.39 ? 5    LEU A CG  1 
ATOM   37   C CD1 . LEU A 1 5   ? 5.356   0.374   8.671   1.00 20.99 ? 5    LEU A CD1 1 
ATOM   38   C CD2 . LEU A 1 5   ? 6.075   2.131   7.096   1.00 20.84 ? 5    LEU A CD2 1 
ATOM   39   N N   . TRP A 1 6   ? 6.286   5.942   11.068  1.00 18.10 ? 6    TRP A N   1 
ATOM   40   C CA  . TRP A 1 6   ? 5.677   7.103   11.698  1.00 17.29 ? 6    TRP A CA  1 
ATOM   41   C C   . TRP A 1 6   ? 5.412   8.146   10.635  1.00 20.20 ? 6    TRP A C   1 
ATOM   42   O O   . TRP A 1 6   ? 4.567   9.018   10.815  1.00 23.88 ? 6    TRP A O   1 
ATOM   43   C CB  . TRP A 1 6   ? 6.597   7.660   12.767  1.00 22.63 ? 6    TRP A CB  1 
ATOM   44   C CG  . TRP A 1 6   ? 6.807   6.661   13.818  1.00 20.08 ? 6    TRP A CG  1 
ATOM   45   C CD1 . TRP A 1 6   ? 7.837   5.796   13.914  1.00 22.84 ? 6    TRP A CD1 1 
ATOM   46   C CD2 . TRP A 1 6   ? 5.903   6.338   14.866  1.00 20.39 ? 6    TRP A CD2 1 
ATOM   47   N NE1 . TRP A 1 6   ? 7.633   4.929   14.953  1.00 23.44 ? 6    TRP A NE1 1 
ATOM   48   C CE2 . TRP A 1 6   ? 6.446   5.236   15.556  1.00 19.06 ? 6    TRP A CE2 1 
ATOM   49   C CE3 . TRP A 1 6   ? 4.683   6.875   15.292  1.00 21.61 ? 6    TRP A CE3 1 
ATOM   50   C CZ2 . TRP A 1 6   ? 5.816   4.644   16.650  1.00 21.56 ? 6    TRP A CZ2 1 
ATOM   51   C CZ3 . TRP A 1 6   ? 4.048   6.293   16.383  1.00 25.80 ? 6    TRP A CZ3 1 
ATOM   52   C CH2 . TRP A 1 6   ? 4.620   5.181   17.052  1.00 23.10 ? 6    TRP A CH2 1 
ATOM   53   N N   . GLN A 1 7   ? 6.128   8.047   9.521   1.00 18.76 ? 7    GLN A N   1 
ATOM   54   C CA  . GLN A 1 7   ? 5.930   8.943   8.385   1.00 21.11 ? 7    GLN A CA  1 
ATOM   55   C C   . GLN A 1 7   ? 5.883   8.085   7.111   1.00 19.41 ? 7    GLN A C   1 
ATOM   56   O O   . GLN A 1 7   ? 6.348   6.938   7.135   1.00 17.49 ? 7    GLN A O   1 
ATOM   57   C CB  . GLN A 1 7   ? 7.067   9.958   8.319   1.00 25.99 ? 7    GLN A CB  1 
ATOM   58   C CG  . GLN A 1 7   ? 8.419   9.301   8.282   1.00 38.13 ? 7    GLN A CG  1 
ATOM   59   C CD  . GLN A 1 7   ? 9.477   10.131  8.979   1.00 47.84 ? 7    GLN A CD  1 
ATOM   60   O OE1 . GLN A 1 7   ? 9.329   11.356  9.133   1.00 49.27 ? 7    GLN A OE1 1 
ATOM   61   N NE2 . GLN A 1 7   ? 10.543  9.470   9.435   1.00 47.83 ? 7    GLN A NE2 1 
ATOM   62   N N   . ARG A 1 8   ? 5.321   8.615   6.019   1.00 17.56 ? 8    ARG A N   1 
ATOM   63   C CA  . ARG A 1 8   ? 5.245   7.872   4.751   1.00 18.94 ? 8    ARG A CA  1 
ATOM   64   C C   . ARG A 1 8   ? 6.633   7.475   4.313   1.00 16.09 ? 8    ARG A C   1 
ATOM   65   O O   . ARG A 1 8   ? 7.558   8.293   4.338   1.00 17.44 ? 8    ARG A O   1 
ATOM   66   C CB  . ARG A 1 8   ? 4.592   8.714   3.670   1.00 20.70 ? 8    ARG A CB  1 
ATOM   67   C CG  . ARG A 1 8   ? 3.230   9.206   4.075   1.00 31.00 ? 8    ARG A CG  1 
ATOM   68   C CD  . ARG A 1 8   ? 2.529   9.934   2.964   1.00 38.89 ? 8    ARG A CD  1 
ATOM   69   N NE  . ARG A 1 8   ? 1.753   8.994   2.175   1.00 51.47 ? 8    ARG A NE  1 
ATOM   70   C CZ  . ARG A 1 8   ? 0.707   9.336   1.434   1.00 57.55 ? 8    ARG A CZ  1 
ATOM   71   N NH1 . ARG A 1 8   ? 0.319   10.605  1.382   1.00 60.44 ? 8    ARG A NH1 1 
ATOM   72   N NH2 . ARG A 1 8   ? 0.030   8.402   0.769   1.00 61.56 ? 8    ARG A NH2 1 
ATOM   73   N N   . PRO A 1 9   ? 6.830   6.185   4.004   1.00 16.13 ? 9    PRO A N   1 
ATOM   74   C CA  . PRO A 1 9   ? 8.145   5.696   3.572   1.00 14.29 ? 9    PRO A CA  1 
ATOM   75   C C   . PRO A 1 9   ? 8.452   6.109   2.121   1.00 18.53 ? 9    PRO A C   1 
ATOM   76   O O   . PRO A 1 9   ? 8.233   5.340   1.178   1.00 17.53 ? 9    PRO A O   1 
ATOM   77   C CB  . PRO A 1 9   ? 8.005   4.189   3.757   1.00 11.71 ? 9    PRO A CB  1 
ATOM   78   C CG  . PRO A 1 9   ? 6.586   3.964   3.441   1.00 12.22 ? 9    PRO A CG  1 
ATOM   79   C CD  . PRO A 1 9   ? 5.864   5.081   4.120   1.00 12.29 ? 9    PRO A CD  1 
ATOM   80   N N   . LEU A 1 10  ? 8.887   7.363   1.953   1.00 18.88 ? 10   LEU A N   1 
ATOM   81   C CA  . LEU A 1 10  ? 9.237   7.954   0.649   1.00 18.93 ? 10   LEU A CA  1 
ATOM   82   C C   . LEU A 1 10  ? 10.684  7.707   0.289   1.00 16.95 ? 10   LEU A C   1 
ATOM   83   O O   . LEU A 1 10  ? 11.565  7.798   1.136   1.00 18.73 ? 10   LEU A O   1 
ATOM   84   C CB  . LEU A 1 10  ? 9.018   9.452   0.695   1.00 19.86 ? 10   LEU A CB  1 
ATOM   85   C CG  . LEU A 1 10  ? 7.795   10.022  0.017   1.00 24.16 ? 10   LEU A CG  1 
ATOM   86   C CD1 . LEU A 1 10  ? 6.572   9.176   0.212   1.00 25.93 ? 10   LEU A CD1 1 
ATOM   87   C CD2 . LEU A 1 10  ? 7.613   11.393  0.602   1.00 29.17 ? 10   LEU A CD2 1 
ATOM   88   N N   . VAL A 1 11  ? 10.943  7.451   -0.979  1.00 17.93 ? 11   VAL A N   1 
ATOM   89   C CA  . VAL A 1 11  ? 12.298  7.196   -1.420  1.00 16.82 ? 11   VAL A CA  1 
ATOM   90   C C   . VAL A 1 11  ? 12.550  7.907   -2.768  1.00 16.23 ? 11   VAL A C   1 
ATOM   91   O O   . VAL A 1 11  ? 11.619  8.182   -3.509  1.00 18.58 ? 11   VAL A O   1 
ATOM   92   C CB  . VAL A 1 11  ? 12.510  5.663   -1.518  1.00 17.20 ? 11   VAL A CB  1 
ATOM   93   C CG1 . VAL A 1 11  ? 11.909  5.094   -2.788  1.00 16.61 ? 11   VAL A CG1 1 
ATOM   94   C CG2 . VAL A 1 11  ? 13.942  5.344   -1.404  1.00 27.44 ? 11   VAL A CG2 1 
ATOM   95   N N   . THR A 1 12  ? 13.788  8.300   -3.034  1.00 20.14 ? 12   THR A N   1 
ATOM   96   C CA  . THR A 1 12  ? 14.134  8.950   -4.306  1.00 20.32 ? 12   THR A CA  1 
ATOM   97   C C   . THR A 1 12  ? 14.463  7.878   -5.377  1.00 20.53 ? 12   THR A C   1 
ATOM   98   O O   . THR A 1 12  ? 15.203  6.907   -5.128  1.00 17.90 ? 12   THR A O   1 
ATOM   99   C CB  . THR A 1 12  ? 15.351  9.953   -4.162  1.00 22.81 ? 12   THR A CB  1 
ATOM   100  O OG1 . THR A 1 12  ? 15.016  11.003  -3.240  1.00 21.02 ? 12   THR A OG1 1 
ATOM   101  C CG2 . THR A 1 12  ? 15.671  10.619  -5.523  1.00 26.38 ? 12   THR A CG2 1 
ATOM   102  N N   . ILE A 1 13  ? 13.843  8.020   -6.538  1.00 14.87 ? 13   ILE A N   1 
ATOM   103  C CA  . ILE A 1 13  ? 14.083  7.102   -7.641  1.00 17.20 ? 13   ILE A CA  1 
ATOM   104  C C   . ILE A 1 13  ? 14.559  7.889   -8.887  1.00 16.59 ? 13   ILE A C   1 
ATOM   105  O O   . ILE A 1 13  ? 14.350  9.110   -8.994  1.00 16.22 ? 13   ILE A O   1 
ATOM   106  C CB  . ILE A 1 13  ? 12.806  6.271   -7.995  1.00 15.76 ? 13   ILE A CB  1 
ATOM   107  C CG1 . ILE A 1 13  ? 11.682  7.190   -8.500  1.00 15.15 ? 13   ILE A CG1 1 
ATOM   108  C CG2 . ILE A 1 13  ? 12.369  5.475   -6.774  1.00 19.84 ? 13   ILE A CG2 1 
ATOM   109  C CD1 . ILE A 1 13  ? 10.415  6.493   -8.984  1.00 13.53 ? 13   ILE A CD1 1 
ATOM   110  N N   . LYS A 1 14  ? 15.285  7.207   -9.763  1.00 16.69 ? 14   LYS A N   1 
ATOM   111  C CA  . LYS A 1 14  ? 15.732  7.796   -11.003 1.00 14.20 ? 14   LYS A CA  1 
ATOM   112  C C   . LYS A 1 14  ? 15.206  6.828   -12.039 1.00 16.57 ? 14   LYS A C   1 
ATOM   113  O O   . LYS A 1 14  ? 15.478  5.624   -11.946 1.00 16.62 ? 14   LYS A O   1 
ATOM   114  C CB  . LYS A 1 14  ? 17.246  7.876   -11.059 1.00 15.37 ? 14   LYS A CB  1 
ATOM   115  C CG  . LYS A 1 14  ? 17.739  8.674   -12.263 1.00 19.75 ? 14   LYS A CG  1 
ATOM   116  C CD  . LYS A 1 14  ? 19.262  8.733   -12.303 1.00 24.63 ? 14   LYS A CD  1 
ATOM   117  C CE  . LYS A 1 14  ? 19.714  9.416   -13.596 1.00 29.04 ? 14   LYS A CE  1 
ATOM   118  N NZ  . LYS A 1 14  ? 21.193  9.355   -13.788 1.00 28.49 ? 14   LYS A NZ  1 
ATOM   119  N N   . ILE A 1 15  ? 14.365  7.336   -12.943 1.00 16.94 ? 15   ILE A N   1 
ATOM   120  C CA  . ILE A 1 15  ? 13.751  6.548   -14.028 1.00 18.99 ? 15   ILE A CA  1 
ATOM   121  C C   . ILE A 1 15  ? 13.781  7.431   -15.279 1.00 22.22 ? 15   ILE A C   1 
ATOM   122  O O   . ILE A 1 15  ? 13.370  8.602   -15.217 1.00 22.80 ? 15   ILE A O   1 
ATOM   123  C CB  . ILE A 1 15  ? 12.217  6.316   -13.827 1.00 21.79 ? 15   ILE A CB  1 
ATOM   124  C CG1 . ILE A 1 15  ? 11.784  6.718   -12.436 1.00 25.43 ? 15   ILE A CG1 1 
ATOM   125  C CG2 . ILE A 1 15  ? 11.753  4.961   -14.331 1.00 22.70 ? 15   ILE A CG2 1 
ATOM   126  C CD1 . ILE A 1 15  ? 11.682  8.195   -12.333 1.00 25.53 ? 15   ILE A CD1 1 
ATOM   127  N N   . GLY A 1 16  ? 14.214  6.874   -16.406 1.00 22.03 ? 16   GLY A N   1 
ATOM   128  C CA  . GLY A 1 16  ? 14.224  7.624   -17.652 1.00 22.33 ? 16   GLY A CA  1 
ATOM   129  C C   . GLY A 1 16  ? 14.926  8.965   -17.597 1.00 18.51 ? 16   GLY A C   1 
ATOM   130  O O   . GLY A 1 16  ? 14.454  9.940   -18.171 1.00 20.85 ? 16   GLY A O   1 
ATOM   131  N N   . GLY A 1 17  ? 16.043  9.007   -16.891 1.00 18.09 ? 17   GLY A N   1 
ATOM   132  C CA  . GLY A 1 17  ? 16.805  10.230  -16.753 1.00 18.32 ? 17   GLY A CA  1 
ATOM   133  C C   . GLY A 1 17  ? 16.169  11.264  -15.851 1.00 20.34 ? 17   GLY A C   1 
ATOM   134  O O   . GLY A 1 17  ? 16.671  12.374  -15.763 1.00 21.64 ? 17   GLY A O   1 
ATOM   135  N N   . GLN A 1 18  ? 15.079  10.915  -15.169 1.00 18.01 ? 18   GLN A N   1 
ATOM   136  C CA  . GLN A 1 18  ? 14.370  11.864  -14.307 1.00 15.19 ? 18   GLN A CA  1 
ATOM   137  C C   . GLN A 1 18  ? 14.346  11.462  -12.814 1.00 14.93 ? 18   GLN A C   1 
ATOM   138  O O   . GLN A 1 18  ? 14.256  10.285  -12.482 1.00 14.88 ? 18   GLN A O   1 
ATOM   139  C CB  . GLN A 1 18  ? 12.951  12.027  -14.840 1.00 16.24 ? 18   GLN A CB  1 
ATOM   140  C CG  . GLN A 1 18  ? 12.899  12.515  -16.288 1.00 18.70 ? 18   GLN A CG  1 
ATOM   141  C CD  . GLN A 1 18  ? 11.565  12.236  -16.922 1.00 20.96 ? 18   GLN A CD  1 
ATOM   142  O OE1 . GLN A 1 18  ? 10.566  12.876  -16.591 1.00 25.28 ? 18   GLN A OE1 1 
ATOM   143  N NE2 . GLN A 1 18  ? 11.520  11.247  -17.805 1.00 21.69 ? 18   GLN A NE2 1 
ATOM   144  N N   . LEU A 1 19  ? 14.386  12.449  -11.921 1.00 14.94 ? 19   LEU A N   1 
ATOM   145  C CA  . LEU A 1 19  ? 14.387  12.182  -10.487 1.00 15.11 ? 19   LEU A CA  1 
ATOM   146  C C   . LEU A 1 19  ? 12.976  12.365  -9.902  1.00 14.88 ? 19   LEU A C   1 
ATOM   147  O O   . LEU A 1 19  ? 12.341  13.380  -10.144 1.00 16.00 ? 19   LEU A O   1 
ATOM   148  C CB  . LEU A 1 19  ? 15.383  13.124  -9.783  1.00 14.65 ? 19   LEU A CB  1 
ATOM   149  C CG  . LEU A 1 19  ? 16.841  13.209  -10.258 1.00 15.82 ? 19   LEU A CG  1 
ATOM   150  C CD1 . LEU A 1 19  ? 17.637  14.132  -9.367  1.00 13.04 ? 19   LEU A CD1 1 
ATOM   151  C CD2 . LEU A 1 19  ? 17.455  11.845  -10.227 1.00 15.30 ? 19   LEU A CD2 1 
ATOM   152  N N   . LYS A 1 20  ? 12.477  11.389  -9.153  1.00 13.74 ? 20   LYS A N   1 
ATOM   153  C CA  . LYS A 1 20  ? 11.150  11.499  -8.540  1.00 15.38 ? 20   LYS A CA  1 
ATOM   154  C C   . LYS A 1 20  ? 11.159  10.889  -7.143  1.00 15.69 ? 20   LYS A C   1 
ATOM   155  O O   . LYS A 1 20  ? 12.142  10.270  -6.751  1.00 15.60 ? 20   LYS A O   1 
ATOM   156  C CB  . LYS A 1 20  ? 10.100  10.772  -9.387  1.00 20.15 ? 20   LYS A CB  1 
ATOM   157  C CG  . LYS A 1 20  ? 9.983   11.301  -10.801 1.00 22.55 ? 20   LYS A CG  1 
ATOM   158  C CD  . LYS A 1 20  ? 8.672   10.929  -11.428 1.00 28.60 ? 20   LYS A CD  1 
ATOM   159  C CE  . LYS A 1 20  ? 8.601   11.409  -12.879 1.00 32.12 ? 20   LYS A CE  1 
ATOM   160  N NZ  . LYS A 1 20  ? 8.874   12.853  -13.020 1.00 32.73 ? 20   LYS A NZ  1 
ATOM   161  N N   . GLU A 1 21  ? 10.125  11.164  -6.347  1.00 16.45 ? 21   GLU A N   1 
ATOM   162  C CA  . GLU A 1 21  ? 10.009  10.548  -5.008  1.00 14.78 ? 21   GLU A CA  1 
ATOM   163  C C   . GLU A 1 21  ? 8.877   9.533   -5.165  1.00 12.06 ? 21   GLU A C   1 
ATOM   164  O O   . GLU A 1 21  ? 7.969   9.749   -5.965  1.00 13.58 ? 21   GLU A O   1 
ATOM   165  C CB  . GLU A 1 21  ? 9.653   11.573  -3.922  1.00 18.62 ? 21   GLU A CB  1 
ATOM   166  C CG  . GLU A 1 21  ? 10.816  12.431  -3.460  1.00 30.20 ? 21   GLU A CG  1 
ATOM   167  C CD  . GLU A 1 21  ? 10.542  13.182  -2.158  1.00 29.08 ? 21   GLU A CD  1 
ATOM   168  O OE1 . GLU A 1 21  ? 10.101  14.344  -2.201  1.00 35.46 ? 21   GLU A OE1 1 
ATOM   169  O OE2 . GLU A 1 21  ? 10.796  12.608  -1.090  1.00 31.78 ? 21   GLU A OE2 1 
ATOM   170  N N   . ALA A 1 22  ? 8.965   8.405   -4.483  1.00 10.65 ? 22   ALA A N   1 
ATOM   171  C CA  . ALA A 1 22  ? 7.931   7.408   -4.584  1.00 10.43 ? 22   ALA A CA  1 
ATOM   172  C C   . ALA A 1 22  ? 7.730   6.717   -3.228  1.00 13.10 ? 22   ALA A C   1 
ATOM   173  O O   . ALA A 1 22  ? 8.605   6.729   -2.374  1.00 13.67 ? 22   ALA A O   1 
ATOM   174  C CB  . ALA A 1 22  ? 8.291   6.407   -5.664  1.00 11.91 ? 22   ALA A CB  1 
ATOM   175  N N   . LEU A 1 23  ? 6.552   6.140   -3.041  1.00 15.04 ? 23   LEU A N   1 
ATOM   176  C CA  . LEU A 1 23  ? 6.199   5.449   -1.815  1.00 17.55 ? 23   LEU A CA  1 
ATOM   177  C C   . LEU A 1 23  ? 6.519   3.978   -1.884  1.00 16.53 ? 23   LEU A C   1 
ATOM   178  O O   . LEU A 1 23  ? 6.118   3.312   -2.847  1.00 19.20 ? 23   LEU A O   1 
ATOM   179  C CB  . LEU A 1 23  ? 4.675   5.504   -1.602  1.00 20.15 ? 23   LEU A CB  1 
ATOM   180  C CG  . LEU A 1 23  ? 3.934   6.234   -0.482  1.00 22.39 ? 23   LEU A CG  1 
ATOM   181  C CD1 . LEU A 1 23  ? 2.494   5.789   -0.542  1.00 19.84 ? 23   LEU A CD1 1 
ATOM   182  C CD2 . LEU A 1 23  ? 4.499   5.944   0.852   1.00 20.58 ? 23   LEU A CD2 1 
ATOM   183  N N   . LEU A 1 24  ? 7.155   3.465   -0.833  1.00 11.80 ? 24   LEU A N   1 
ATOM   184  C CA  . LEU A 1 24  ? 7.443   2.037   -0.690  1.00 14.82 ? 24   LEU A CA  1 
ATOM   185  C C   . LEU A 1 24  ? 6.084   1.464   -0.240  1.00 15.48 ? 24   LEU A C   1 
ATOM   186  O O   . LEU A 1 24  ? 5.650   1.670   0.898   1.00 16.86 ? 24   LEU A O   1 
ATOM   187  C CB  . LEU A 1 24  ? 8.495   1.835   0.386   1.00 15.28 ? 24   LEU A CB  1 
ATOM   188  C CG  . LEU A 1 24  ? 9.971   1.750   0.003   1.00 19.71 ? 24   LEU A CG  1 
ATOM   189  C CD1 . LEU A 1 24  ? 10.223  2.330   -1.382  1.00 18.85 ? 24   LEU A CD1 1 
ATOM   190  C CD2 . LEU A 1 24  ? 10.838  2.350   1.096   1.00 14.93 ? 24   LEU A CD2 1 
ATOM   191  N N   . ASP A 1 25  ? 5.429   0.729   -1.132  1.00 13.38 ? 25   ASP A N   1 
ATOM   192  C CA  . ASP A 1 25  ? 4.085   0.231   -0.886  1.00 10.87 ? 25   ASP A CA  1 
ATOM   193  C C   . ASP A 1 25  ? 3.959   -1.284  -0.939  1.00 14.47 ? 25   ASP A C   1 
ATOM   194  O O   . ASP A 1 25  ? 3.705   -1.834  -2.013  1.00 12.30 ? 25   ASP A O   1 
ATOM   195  C CB  . ASP A 1 25  ? 3.178   0.851   -1.959  1.00 12.74 ? 25   ASP A CB  1 
ATOM   196  C CG  . ASP A 1 25  ? 1.687   0.693   -1.688  1.00 16.02 ? 25   ASP A CG  1 
ATOM   197  O OD1 . ASP A 1 25  ? 1.257   -0.082  -0.834  1.00 16.32 ? 25   ASP A OD1 1 
ATOM   198  O OD2 . ASP A 1 25  ? 0.914   1.358   -2.383  1.00 20.50 ? 25   ASP A OD2 1 
ATOM   199  N N   . THR A 1 26  ? 4.023   -1.944  0.222   1.00 13.40 ? 26   THR A N   1 
ATOM   200  C CA  . THR A 1 26  ? 3.895   -3.413  0.290   1.00 14.16 ? 26   THR A CA  1 
ATOM   201  C C   . THR A 1 26  ? 2.476   -3.911  -0.065  1.00 14.58 ? 26   THR A C   1 
ATOM   202  O O   . THR A 1 26  ? 2.252   -5.083  -0.324  1.00 14.65 ? 26   THR A O   1 
ATOM   203  C CB  . THR A 1 26  ? 4.236   -3.926  1.684   1.00 16.04 ? 26   THR A CB  1 
ATOM   204  O OG1 . THR A 1 26  ? 3.306   -3.375  2.634   1.00 14.74 ? 26   THR A OG1 1 
ATOM   205  C CG2 . THR A 1 26  ? 5.655   -3.513  2.069   1.00 17.41 ? 26   THR A CG2 1 
ATOM   206  N N   . GLY A 1 27  ? 1.513   -3.005  -0.078  1.00 15.33 ? 27   GLY A N   1 
ATOM   207  C CA  . GLY A 1 27  ? 0.176   -3.400  -0.408  1.00 15.37 ? 27   GLY A CA  1 
ATOM   208  C C   . GLY A 1 27  ? -0.144  -3.314  -1.887  1.00 17.57 ? 27   GLY A C   1 
ATOM   209  O O   . GLY A 1 27  ? -1.267  -3.610  -2.246  1.00 21.78 ? 27   GLY A O   1 
ATOM   210  N N   . ALA A 1 28  ? 0.810   -2.929  -2.735  1.00 13.41 ? 28   ALA A N   1 
ATOM   211  C CA  . ALA A 1 28  ? 0.590   -2.799  -4.178  1.00 13.43 ? 28   ALA A CA  1 
ATOM   212  C C   . ALA A 1 28  ? 1.363   -3.894  -4.903  1.00 15.25 ? 28   ALA A C   1 
ATOM   213  O O   . ALA A 1 28  ? 2.545   -4.101  -4.643  1.00 16.11 ? 28   ALA A O   1 
ATOM   214  C CB  . ALA A 1 28  ? 1.066   -1.416  -4.662  1.00 10.31 ? 28   ALA A CB  1 
ATOM   215  N N   . ASP A 1 29  ? 0.688   -4.646  -5.767  1.00 15.66 ? 29   ASP A N   1 
ATOM   216  C CA  . ASP A 1 29  ? 1.380   -5.703  -6.505  1.00 16.73 ? 29   ASP A CA  1 
ATOM   217  C C   . ASP A 1 29  ? 2.293   -5.071  -7.544  1.00 15.77 ? 29   ASP A C   1 
ATOM   218  O O   . ASP A 1 29  ? 3.403   -5.554  -7.742  1.00 16.86 ? 29   ASP A O   1 
ATOM   219  C CB  . ASP A 1 29  ? 0.419   -6.614  -7.282  1.00 15.84 ? 29   ASP A CB  1 
ATOM   220  C CG  . ASP A 1 29  ? -0.577  -7.364  -6.404  1.00 24.62 ? 29   ASP A CG  1 
ATOM   221  O OD1 . ASP A 1 29  ? -0.461  -7.457  -5.157  1.00 21.46 ? 29   ASP A OD1 1 
ATOM   222  O OD2 . ASP A 1 29  ? -1.513  -7.893  -7.028  1.00 31.09 ? 29   ASP A OD2 1 
ATOM   223  N N   . ASP A 1 30  ? 1.794   -4.007  -8.182  1.00 13.77 ? 30   ASP A N   1 
ATOM   224  C CA  . ASP A 1 30  ? 2.455   -3.283  -9.267  1.00 17.37 ? 30   ASP A CA  1 
ATOM   225  C C   . ASP A 1 30  ? 3.050   -1.947  -8.878  1.00 18.52 ? 30   ASP A C   1 
ATOM   226  O O   . ASP A 1 30  ? 2.675   -1.353  -7.873  1.00 20.03 ? 30   ASP A O   1 
ATOM   227  C CB  . ASP A 1 30  ? 1.448   -2.951  -10.363 1.00 19.45 ? 30   ASP A CB  1 
ATOM   228  C CG  . ASP A 1 30  ? 0.656   -4.145  -10.831 1.00 26.85 ? 30   ASP A CG  1 
ATOM   229  O OD1 . ASP A 1 30  ? 1.255   -5.230  -11.025 1.00 29.59 ? 30   ASP A OD1 1 
ATOM   230  O OD2 . ASP A 1 30  ? -0.578  -3.991  -11.015 1.00 32.87 ? 30   ASP A OD2 1 
ATOM   231  N N   . THR A 1 31  ? 3.911   -1.435  -9.748  1.00 17.15 ? 31   THR A N   1 
ATOM   232  C CA  . THR A 1 31  ? 4.539   -0.136  -9.551  1.00 14.80 ? 31   THR A CA  1 
ATOM   233  C C   . THR A 1 31  ? 3.749   0.776   -10.470 1.00 15.58 ? 31   THR A C   1 
ATOM   234  O O   . THR A 1 31  ? 3.536   0.455   -11.640 1.00 16.35 ? 31   THR A O   1 
ATOM   235  C CB  . THR A 1 31  ? 6.028   -0.184  -9.948  1.00 12.35 ? 31   THR A CB  1 
ATOM   236  O OG1 . THR A 1 31  ? 6.720   -1.014  -9.015  1.00 14.87 ? 31   THR A OG1 1 
ATOM   237  C CG2 . THR A 1 31  ? 6.661   1.192   -9.956  1.00 9.02  ? 31   THR A CG2 1 
ATOM   238  N N   . VAL A 1 32  ? 3.276   1.885   -9.926  1.00 16.29 ? 32   VAL A N   1 
ATOM   239  C CA  . VAL A 1 32  ? 2.477   2.835   -10.686 1.00 16.79 ? 32   VAL A CA  1 
ATOM   240  C C   . VAL A 1 32  ? 3.026   4.234   -10.506 1.00 16.11 ? 32   VAL A C   1 
ATOM   241  O O   . VAL A 1 32  ? 3.088   4.732   -9.391  1.00 15.61 ? 32   VAL A O   1 
ATOM   242  C CB  . VAL A 1 32  ? 1.024   2.879   -10.195 1.00 15.89 ? 32   VAL A CB  1 
ATOM   243  C CG1 . VAL A 1 32  ? 0.204   3.700   -11.153 1.00 14.38 ? 32   VAL A CG1 1 
ATOM   244  C CG2 . VAL A 1 32  ? 0.474   1.471   -10.059 1.00 18.34 ? 32   VAL A CG2 1 
ATOM   245  N N   . LEU A 1 33  ? 3.330   4.904   -11.604 1.00 12.87 ? 33   LEU A N   1 
ATOM   246  C CA  . LEU A 1 33  ? 3.867   6.225   -11.514 1.00 17.25 ? 33   LEU A CA  1 
ATOM   247  C C   . LEU A 1 33  ? 2.991   7.227   -12.221 1.00 17.25 ? 33   LEU A C   1 
ATOM   248  O O   . LEU A 1 33  ? 2.268   6.881   -13.141 1.00 17.05 ? 33   LEU A O   1 
ATOM   249  C CB  . LEU A 1 33  ? 5.277   6.251   -12.128 1.00 23.16 ? 33   LEU A CB  1 
ATOM   250  C CG  . LEU A 1 33  ? 6.391   5.279   -11.672 1.00 23.41 ? 33   LEU A CG  1 
ATOM   251  C CD1 . LEU A 1 33  ? 7.652   5.676   -12.414 1.00 26.81 ? 33   LEU A CD1 1 
ATOM   252  C CD2 . LEU A 1 33  ? 6.674   5.314   -10.167 1.00 20.15 ? 33   LEU A CD2 1 
ATOM   253  N N   . GLU A 1 34  ? 3.074   8.467   -11.753 1.00 19.50 ? 34   GLU A N   1 
ATOM   254  C CA  . GLU A 1 34  ? 2.384   9.628   -12.312 1.00 22.25 ? 34   GLU A CA  1 
ATOM   255  C C   . GLU A 1 34  ? 2.784   9.792   -13.796 1.00 24.27 ? 34   GLU A C   1 
ATOM   256  O O   . GLU A 1 34  ? 3.882   9.400   -14.188 1.00 23.10 ? 34   GLU A O   1 
ATOM   257  C CB  . GLU A 1 34  ? 2.848   10.882  -11.552 1.00 27.68 ? 34   GLU A CB  1 
ATOM   258  C CG  . GLU A 1 34  ? 4.391   11.122  -11.630 1.00 40.66 ? 34   GLU A CG  1 
ATOM   259  C CD  . GLU A 1 34  ? 4.922   12.279  -10.755 1.00 44.94 ? 34   GLU A CD  1 
ATOM   260  O OE1 . GLU A 1 34  ? 5.621   13.158  -11.298 1.00 47.95 ? 34   GLU A OE1 1 
ATOM   261  O OE2 . GLU A 1 34  ? 4.682   12.295  -9.526  1.00 51.38 ? 34   GLU A OE2 1 
ATOM   262  N N   . GLU A 1 35  ? 1.931   10.429  -14.595 1.00 25.98 ? 35   GLU A N   1 
ATOM   263  C CA  . GLU A 1 35  ? 2.212   10.643  -16.009 1.00 27.51 ? 35   GLU A CA  1 
ATOM   264  C C   . GLU A 1 35  ? 3.601   11.210  -16.187 1.00 26.68 ? 35   GLU A C   1 
ATOM   265  O O   . GLU A 1 35  ? 3.941   12.215  -15.575 1.00 24.97 ? 35   GLU A O   1 
ATOM   266  C CB  . GLU A 1 35  ? 1.218   11.635  -16.626 1.00 34.80 ? 35   GLU A CB  1 
ATOM   267  C CG  . GLU A 1 35  ? 0.018   11.013  -17.329 1.00 40.60 ? 35   GLU A CG  1 
ATOM   268  C CD  . GLU A 1 35  ? 0.402   10.186  -18.536 1.00 44.62 ? 35   GLU A CD  1 
ATOM   269  O OE1 . GLU A 1 35  ? -0.289  9.170   -18.806 1.00 48.42 ? 35   GLU A OE1 1 
ATOM   270  O OE2 . GLU A 1 35  ? 1.391   10.551  -19.217 1.00 47.54 ? 35   GLU A OE2 1 
ATOM   271  N N   . MET A 1 36  ? 4.394   10.579  -17.045 1.00 27.09 ? 36   MET A N   1 
ATOM   272  C CA  . MET A 1 36  ? 5.747   11.044  -17.309 1.00 28.27 ? 36   MET A CA  1 
ATOM   273  C C   . MET A 1 36  ? 6.209   10.542  -18.665 1.00 27.64 ? 36   MET A C   1 
ATOM   274  O O   . MET A 1 36  ? 5.650   9.581   -19.223 1.00 26.14 ? 36   MET A O   1 
ATOM   275  C CB  . MET A 1 36  ? 6.717   10.544  -16.241 1.00 27.30 ? 36   MET A CB  1 
ATOM   276  C CG  . MET A 1 36  ? 6.926   9.046   -16.278 1.00 26.56 ? 36   MET A CG  1 
ATOM   277  S SD  . MET A 1 36  ? 8.133   8.661   -15.088 1.00 30.99 ? 36   MET A SD  1 
ATOM   278  C CE  . MET A 1 36  ? 9.635   9.259   -15.850 1.00 34.19 ? 36   MET A CE  1 
ATOM   279  N N   . SER A 1 37  ? 7.277   11.171  -19.139 1.00 29.27 ? 37   SER A N   1 
ATOM   280  C CA  . SER A 1 37  ? 7.877   10.855  -20.417 1.00 32.19 ? 37   SER A CA  1 
ATOM   281  C C   . SER A 1 37  ? 8.761   9.650   -20.277 1.00 30.34 ? 37   SER A C   1 
ATOM   282  O O   . SER A 1 37  ? 9.795   9.695   -19.608 1.00 29.62 ? 37   SER A O   1 
ATOM   283  C CB  . SER A 1 37  ? 8.704   12.036  -20.929 1.00 37.72 ? 37   SER A CB  1 
ATOM   284  O OG  . SER A 1 37  ? 9.274   11.757  -22.202 1.00 45.42 ? 37   SER A OG  1 
ATOM   285  N N   . LEU A 1 38  ? 8.323   8.575   -20.913 1.00 31.79 ? 38   LEU A N   1 
ATOM   286  C CA  . LEU A 1 38  ? 9.030   7.318   -20.923 1.00 34.04 ? 38   LEU A CA  1 
ATOM   287  C C   . LEU A 1 38  ? 9.163   6.912   -22.401 1.00 38.64 ? 38   LEU A C   1 
ATOM   288  O O   . LEU A 1 38  ? 8.251   7.141   -23.212 1.00 36.70 ? 38   LEU A O   1 
ATOM   289  C CB  . LEU A 1 38  ? 8.247   6.267   -20.122 1.00 33.77 ? 38   LEU A CB  1 
ATOM   290  C CG  . LEU A 1 38  ? 8.987   5.553   -18.979 1.00 31.07 ? 38   LEU A CG  1 
ATOM   291  C CD1 . LEU A 1 38  ? 9.682   6.558   -18.119 1.00 29.45 ? 38   LEU A CD1 1 
ATOM   292  C CD2 . LEU A 1 38  ? 8.061   4.701   -18.151 1.00 27.43 ? 38   LEU A CD2 1 
ATOM   293  N N   . PRO A 1 39  ? 10.345  6.396   -22.783 1.00 40.42 ? 39   PRO A N   1 
ATOM   294  C CA  . PRO A 1 39  ? 10.602  5.969   -24.154 1.00 42.86 ? 39   PRO A CA  1 
ATOM   295  C C   . PRO A 1 39  ? 10.256  4.503   -24.418 1.00 43.12 ? 39   PRO A C   1 
ATOM   296  O O   . PRO A 1 39  ? 10.440  3.624   -23.559 1.00 43.39 ? 39   PRO A O   1 
ATOM   297  C CB  . PRO A 1 39  ? 12.098  6.189   -24.278 1.00 42.33 ? 39   PRO A CB  1 
ATOM   298  C CG  . PRO A 1 39  ? 12.575  5.724   -22.927 1.00 42.50 ? 39   PRO A CG  1 
ATOM   299  C CD  . PRO A 1 39  ? 11.591  6.376   -21.989 1.00 40.38 ? 39   PRO A CD  1 
ATOM   300  N N   . GLY A 1 40  ? 9.755   4.254   -25.621 1.00 43.24 ? 40   GLY A N   1 
ATOM   301  C CA  . GLY A 1 40  ? 9.442   2.899   -26.019 1.00 43.94 ? 40   GLY A CA  1 
ATOM   302  C C   . GLY A 1 40  ? 7.988   2.599   -26.285 1.00 43.90 ? 40   GLY A C   1 
ATOM   303  O O   . GLY A 1 40  ? 7.142   3.493   -26.304 1.00 41.86 ? 40   GLY A O   1 
ATOM   304  N N   . ARG A 1 41  ? 7.728   1.320   -26.533 1.00 46.23 ? 41   ARG A N   1 
ATOM   305  C CA  . ARG A 1 41  ? 6.386   0.823   -26.793 1.00 49.72 ? 41   ARG A CA  1 
ATOM   306  C C   . ARG A 1 41  ? 5.742   0.528   -25.448 1.00 47.27 ? 41   ARG A C   1 
ATOM   307  O O   . ARG A 1 41  ? 6.441   0.251   -24.460 1.00 49.06 ? 41   ARG A O   1 
ATOM   308  C CB  . ARG A 1 41  ? 6.433   -0.464  -27.641 1.00 55.24 ? 41   ARG A CB  1 
ATOM   309  C CG  . ARG A 1 41  ? 7.591   -1.435  -27.292 1.00 64.80 ? 41   ARG A CG  1 
ATOM   310  C CD  . ARG A 1 41  ? 7.144   -2.913  -27.171 1.00 70.41 ? 41   ARG A CD  1 
ATOM   311  N NE  . ARG A 1 41  ? 6.354   -3.176  -25.963 1.00 74.64 ? 41   ARG A NE  1 
ATOM   312  C CZ  . ARG A 1 41  ? 6.864   -3.537  -24.783 1.00 77.27 ? 41   ARG A CZ  1 
ATOM   313  N NH1 . ARG A 1 41  ? 8.177   -3.694  -24.626 1.00 76.67 ? 41   ARG A NH1 1 
ATOM   314  N NH2 . ARG A 1 41  ? 6.057   -3.698  -23.741 1.00 77.11 ? 41   ARG A NH2 1 
ATOM   315  N N   . TRP A 1 42  ? 4.423   0.630   -25.407 1.00 43.62 ? 42   TRP A N   1 
ATOM   316  C CA  . TRP A 1 42  ? 3.668   0.346   -24.204 1.00 41.95 ? 42   TRP A CA  1 
ATOM   317  C C   . TRP A 1 42  ? 2.383   -0.314  -24.627 1.00 42.49 ? 42   TRP A C   1 
ATOM   318  O O   . TRP A 1 42  ? 2.124   -0.491  -25.815 1.00 39.88 ? 42   TRP A O   1 
ATOM   319  C CB  . TRP A 1 42  ? 3.367   1.612   -23.410 1.00 37.42 ? 42   TRP A CB  1 
ATOM   320  C CG  . TRP A 1 42  ? 2.842   2.716   -24.230 1.00 37.89 ? 42   TRP A CG  1 
ATOM   321  C CD1 . TRP A 1 42  ? 3.569   3.698   -24.814 1.00 39.11 ? 42   TRP A CD1 1 
ATOM   322  C CD2 . TRP A 1 42  ? 1.472   2.991   -24.536 1.00 39.10 ? 42   TRP A CD2 1 
ATOM   323  N NE1 . TRP A 1 42  ? 2.747   4.576   -25.461 1.00 40.45 ? 42   TRP A NE1 1 
ATOM   324  C CE2 . TRP A 1 42  ? 1.450   4.169   -25.310 1.00 40.09 ? 42   TRP A CE2 1 
ATOM   325  C CE3 . TRP A 1 42  ? 0.262   2.359   -24.232 1.00 41.78 ? 42   TRP A CE3 1 
ATOM   326  C CZ2 . TRP A 1 42  ? 0.259   4.740   -25.789 1.00 43.67 ? 42   TRP A CZ2 1 
ATOM   327  C CZ3 . TRP A 1 42  ? -0.931  2.925   -24.709 1.00 43.57 ? 42   TRP A CZ3 1 
ATOM   328  C CH2 . TRP A 1 42  ? -0.919  4.106   -25.480 1.00 42.71 ? 42   TRP A CH2 1 
ATOM   329  N N   . LYS A 1 43  ? 1.587   -0.692  -23.640 1.00 45.61 ? 43   LYS A N   1 
ATOM   330  C CA  . LYS A 1 43  ? 0.307   -1.347  -23.872 1.00 46.62 ? 43   LYS A CA  1 
ATOM   331  C C   . LYS A 1 43  ? -0.707  -0.809  -22.865 1.00 45.81 ? 43   LYS A C   1 
ATOM   332  O O   . LYS A 1 43  ? -0.353  -0.521  -21.723 1.00 44.92 ? 43   LYS A O   1 
ATOM   333  C CB  . LYS A 1 43  ? 0.457   -2.860  -23.695 1.00 44.72 ? 43   LYS A CB  1 
ATOM   334  C CG  . LYS A 1 43  ? 1.305   -3.522  -24.768 1.00 50.51 ? 43   LYS A CG  1 
ATOM   335  C CD  . LYS A 1 43  ? 1.551   -5.006  -24.487 1.00 53.18 ? 43   LYS A CD  1 
ATOM   336  C CE  . LYS A 1 43  ? 2.579   -5.217  -23.372 1.00 53.87 ? 43   LYS A CE  1 
ATOM   337  N NZ  . LYS A 1 43  ? 2.797   -6.665  -23.065 1.00 54.52 ? 43   LYS A NZ  1 
ATOM   338  N N   . PRO A 1 44  ? -1.957  -0.579  -23.304 1.00 45.69 ? 44   PRO A N   1 
ATOM   339  C CA  . PRO A 1 44  ? -3.002  -0.071  -22.410 1.00 43.90 ? 44   PRO A CA  1 
ATOM   340  C C   . PRO A 1 44  ? -3.289  -1.156  -21.384 1.00 42.91 ? 44   PRO A C   1 
ATOM   341  O O   . PRO A 1 44  ? -3.166  -2.343  -21.683 1.00 44.20 ? 44   PRO A O   1 
ATOM   342  C CB  . PRO A 1 44  ? -4.195  0.100   -23.345 1.00 43.29 ? 44   PRO A CB  1 
ATOM   343  C CG  . PRO A 1 44  ? -3.568  0.318   -24.675 1.00 45.29 ? 44   PRO A CG  1 
ATOM   344  C CD  . PRO A 1 44  ? -2.471  -0.704  -24.679 1.00 44.52 ? 44   PRO A CD  1 
ATOM   345  N N   . LYS A 1 45  ? -3.639  -0.760  -20.169 1.00 43.02 ? 45   LYS A N   1 
ATOM   346  C CA  . LYS A 1 45  ? -3.936  -1.729  -19.124 1.00 38.71 ? 45   LYS A CA  1 
ATOM   347  C C   . LYS A 1 45  ? -4.887  -1.043  -18.185 1.00 36.88 ? 45   LYS A C   1 
ATOM   348  O O   . LYS A 1 45  ? -5.038  0.175   -18.240 1.00 38.32 ? 45   LYS A O   1 
ATOM   349  C CB  . LYS A 1 45  ? -2.668  -2.151  -18.390 1.00 42.15 ? 45   LYS A CB  1 
ATOM   350  C CG  . LYS A 1 45  ? -2.818  -3.364  -17.488 1.00 45.61 ? 45   LYS A CG  1 
ATOM   351  C CD  . LYS A 1 45  ? -1.520  -3.639  -16.742 1.00 49.91 ? 45   LYS A CD  1 
ATOM   352  C CE  . LYS A 1 45  ? -1.653  -4.823  -15.809 1.00 52.35 ? 45   LYS A CE  1 
ATOM   353  N NZ  . LYS A 1 45  ? -2.753  -4.611  -14.824 1.00 57.14 ? 45   LYS A NZ  1 
ATOM   354  N N   . MET A 1 46  ? -5.549  -1.837  -17.355 1.00 36.29 ? 46   MET A N   1 
ATOM   355  C CA  . MET A 1 46  ? -6.534  -1.354  -16.402 1.00 35.29 ? 46   MET A CA  1 
ATOM   356  C C   . MET A 1 46  ? -6.179  -1.941  -15.048 1.00 34.11 ? 46   MET A C   1 
ATOM   357  O O   . MET A 1 46  ? -5.935  -3.146  -14.942 1.00 33.53 ? 46   MET A O   1 
ATOM   358  C CB  . MET A 1 46  ? -7.907  -1.883  -16.812 1.00 41.43 ? 46   MET A CB  1 
ATOM   359  C CG  . MET A 1 46  ? -9.109  -1.266  -16.116 1.00 46.22 ? 46   MET A CG  1 
ATOM   360  S SD  . MET A 1 46  ? -9.896  -0.056  -17.197 1.00 57.60 ? 46   MET A SD  1 
ATOM   361  C CE  . MET A 1 46  ? -10.156 -1.073  -18.710 1.00 56.04 ? 46   MET A CE  1 
ATOM   362  N N   . ILE A 1 47  ? -6.083  -1.099  -14.028 1.00 30.31 ? 47   ILE A N   1 
ATOM   363  C CA  . ILE A 1 47  ? -5.787  -1.593  -12.693 1.00 27.62 ? 47   ILE A CA  1 
ATOM   364  C C   . ILE A 1 47  ? -6.834  -1.118  -11.706 1.00 25.82 ? 47   ILE A C   1 
ATOM   365  O O   . ILE A 1 47  ? -7.424  -0.042  -11.857 1.00 23.40 ? 47   ILE A O   1 
ATOM   366  C CB  . ILE A 1 47  ? -4.393  -1.213  -12.204 1.00 27.75 ? 47   ILE A CB  1 
ATOM   367  C CG1 . ILE A 1 47  ? -4.266  0.290   -12.050 1.00 25.73 ? 47   ILE A CG1 1 
ATOM   368  C CG2 . ILE A 1 47  ? -3.349  -1.714  -13.184 1.00 32.62 ? 47   ILE A CG2 1 
ATOM   369  C CD1 . ILE A 1 47  ? -2.985  0.677   -11.356 1.00 31.24 ? 47   ILE A CD1 1 
ATOM   370  N N   . GLY A 1 48  ? -7.112  -1.965  -10.730 1.00 25.72 ? 48   GLY A N   1 
ATOM   371  C CA  . GLY A 1 48  ? -8.104  -1.614  -9.744  1.00 29.10 ? 48   GLY A CA  1 
ATOM   372  C C   . GLY A 1 48  ? -7.472  -1.123  -8.464  1.00 31.32 ? 48   GLY A C   1 
ATOM   373  O O   . GLY A 1 48  ? -6.323  -1.463  -8.166  1.00 32.18 ? 48   GLY A O   1 
ATOM   374  N N   . GLY A 1 49  ? -8.225  -0.327  -7.706  1.00 35.06 ? 49   GLY A N   1 
ATOM   375  C CA  . GLY A 1 49  ? -7.747  0.198   -6.434  1.00 34.87 ? 49   GLY A CA  1 
ATOM   376  C C   . GLY A 1 49  ? -8.949  0.613   -5.621  1.00 34.50 ? 49   GLY A C   1 
ATOM   377  O O   . GLY A 1 49  ? -10.077 0.292   -5.985  1.00 33.75 ? 49   GLY A O   1 
ATOM   378  N N   . ILE A 1 50  ? -8.722  1.253   -4.483  1.00 34.53 ? 50   ILE A N   1 
ATOM   379  C CA  . ILE A 1 50  ? -9.832  1.751   -3.699  1.00 35.37 ? 50   ILE A CA  1 
ATOM   380  C C   . ILE A 1 50  ? -10.346 2.889   -4.572  1.00 35.41 ? 50   ILE A C   1 
ATOM   381  O O   . ILE A 1 50  ? -9.563  3.573   -5.241  1.00 38.88 ? 50   ILE A O   1 
ATOM   382  C CB  . ILE A 1 50  ? -9.362  2.312   -2.347  1.00 35.58 ? 50   ILE A CB  1 
ATOM   383  C CG1 . ILE A 1 50  ? -9.205  1.169   -1.354  1.00 39.93 ? 50   ILE A CG1 1 
ATOM   384  C CG2 . ILE A 1 50  ? -10.362 3.314   -1.791  1.00 35.76 ? 50   ILE A CG2 1 
ATOM   385  C CD1 . ILE A 1 50  ? -8.835  1.633   0.040   1.00 40.34 ? 50   ILE A CD1 1 
ATOM   386  N N   . GLY A 1 51  ? -11.651 3.064   -4.619  1.00 37.27 ? 51   GLY A N   1 
ATOM   387  C CA  . GLY A 1 51  ? -12.186 4.130   -5.433  1.00 35.68 ? 51   GLY A CA  1 
ATOM   388  C C   . GLY A 1 51  ? -12.475 3.669   -6.845  1.00 37.60 ? 51   GLY A C   1 
ATOM   389  O O   . GLY A 1 51  ? -13.219 4.336   -7.550  1.00 40.84 ? 51   GLY A O   1 
ATOM   390  N N   . GLY A 1 52  ? -11.899 2.548   -7.281  1.00 36.64 ? 52   GLY A N   1 
ATOM   391  C CA  . GLY A 1 52  ? -12.166 2.082   -8.633  1.00 33.81 ? 52   GLY A CA  1 
ATOM   392  C C   . GLY A 1 52  ? -10.965 1.743   -9.498  1.00 31.25 ? 52   GLY A C   1 
ATOM   393  O O   . GLY A 1 52  ? -9.843  1.585   -9.005  1.00 30.78 ? 52   GLY A O   1 
ATOM   394  N N   . PHE A 1 53  ? -11.198 1.698   -10.804 1.00 29.38 ? 53   PHE A N   1 
ATOM   395  C CA  . PHE A 1 53  ? -10.159 1.333   -11.756 1.00 29.13 ? 53   PHE A CA  1 
ATOM   396  C C   . PHE A 1 53  ? -9.644  2.491   -12.589 1.00 29.46 ? 53   PHE A C   1 
ATOM   397  O O   . PHE A 1 53  ? -10.372 3.435   -12.881 1.00 31.46 ? 53   PHE A O   1 
ATOM   398  C CB  . PHE A 1 53  ? -10.685 0.267   -12.719 1.00 30.99 ? 53   PHE A CB  1 
ATOM   399  C CG  . PHE A 1 53  ? -10.984 -1.072  -12.073 1.00 39.93 ? 53   PHE A CG  1 
ATOM   400  C CD1 . PHE A 1 53  ? -12.072 -1.227  -11.199 1.00 40.19 ? 53   PHE A CD1 1 
ATOM   401  C CD2 . PHE A 1 53  ? -10.207 -2.201  -12.387 1.00 40.92 ? 53   PHE A CD2 1 
ATOM   402  C CE1 . PHE A 1 53  ? -12.378 -2.479  -10.661 1.00 41.13 ? 53   PHE A CE1 1 
ATOM   403  C CE2 . PHE A 1 53  ? -10.502 -3.455  -11.854 1.00 37.81 ? 53   PHE A CE2 1 
ATOM   404  C CZ  . PHE A 1 53  ? -11.586 -3.597  -10.994 1.00 40.30 ? 53   PHE A CZ  1 
ATOM   405  N N   . ILE A 1 54  ? -8.387  2.403   -12.994 1.00 28.21 ? 54   ILE A N   1 
ATOM   406  C CA  . ILE A 1 54  ? -7.800  3.421   -13.856 1.00 26.47 ? 54   ILE A CA  1 
ATOM   407  C C   . ILE A 1 54  ? -7.061  2.742   -15.031 1.00 24.97 ? 54   ILE A C   1 
ATOM   408  O O   . ILE A 1 54  ? -6.545  1.624   -14.905 1.00 22.64 ? 54   ILE A O   1 
ATOM   409  C CB  . ILE A 1 54  ? -6.823  4.363   -13.081 1.00 24.83 ? 54   ILE A CB  1 
ATOM   410  C CG1 . ILE A 1 54  ? -5.792  3.535   -12.308 1.00 25.29 ? 54   ILE A CG1 1 
ATOM   411  C CG2 . ILE A 1 54  ? -7.605  5.325   -12.190 1.00 23.83 ? 54   ILE A CG2 1 
ATOM   412  C CD1 . ILE A 1 54  ? -4.398  4.079   -12.377 1.00 27.25 ? 54   ILE A CD1 1 
ATOM   413  N N   . LYS A 1 55  ? -7.074  3.384   -16.188 1.00 27.11 ? 55   LYS A N   1 
ATOM   414  C CA  . LYS A 1 55  ? -6.374  2.840   -17.343 1.00 32.22 ? 55   LYS A CA  1 
ATOM   415  C C   . LYS A 1 55  ? -4.943  3.375   -17.319 1.00 28.00 ? 55   LYS A C   1 
ATOM   416  O O   . LYS A 1 55  ? -4.716  4.563   -17.071 1.00 26.89 ? 55   LYS A O   1 
ATOM   417  C CB  . LYS A 1 55  ? -7.075  3.219   -18.648 1.00 38.11 ? 55   LYS A CB  1 
ATOM   418  C CG  . LYS A 1 55  ? -6.308  2.776   -19.893 1.00 47.88 ? 55   LYS A CG  1 
ATOM   419  C CD  . LYS A 1 55  ? -7.185  2.861   -21.132 1.00 55.17 ? 55   LYS A CD  1 
ATOM   420  C CE  . LYS A 1 55  ? -8.408  1.959   -20.977 1.00 59.69 ? 55   LYS A CE  1 
ATOM   421  N NZ  . LYS A 1 55  ? -8.022  0.544   -20.643 1.00 62.69 ? 55   LYS A NZ  1 
ATOM   422  N N   . VAL A 1 56  ? -3.983  2.484   -17.524 1.00 28.13 ? 56   VAL A N   1 
ATOM   423  C CA  . VAL A 1 56  ? -2.577  2.855   -17.519 1.00 27.91 ? 56   VAL A CA  1 
ATOM   424  C C   . VAL A 1 56  ? -1.878  2.323   -18.779 1.00 27.41 ? 56   VAL A C   1 
ATOM   425  O O   . VAL A 1 56  ? -2.440  1.524   -19.529 1.00 23.96 ? 56   VAL A O   1 
ATOM   426  C CB  . VAL A 1 56  ? -1.866  2.319   -16.253 1.00 27.46 ? 56   VAL A CB  1 
ATOM   427  C CG1 . VAL A 1 56  ? -2.471  2.959   -14.992 1.00 28.40 ? 56   VAL A CG1 1 
ATOM   428  C CG2 . VAL A 1 56  ? -1.969  0.812   -16.197 1.00 24.43 ? 56   VAL A CG2 1 
ATOM   429  N N   . ARG A 1 57  ? -0.681  2.841   -19.030 1.00 25.83 ? 57   ARG A N   1 
ATOM   430  C CA  . ARG A 1 57  ? 0.131   2.435   -20.159 1.00 25.85 ? 57   ARG A CA  1 
ATOM   431  C C   . ARG A 1 57  ? 1.190   1.590   -19.492 1.00 26.25 ? 57   ARG A C   1 
ATOM   432  O O   . ARG A 1 57  ? 1.797   2.007   -18.507 1.00 28.92 ? 57   ARG A O   1 
ATOM   433  C CB  . ARG A 1 57  ? 0.758   3.669   -20.813 1.00 26.34 ? 57   ARG A CB  1 
ATOM   434  C CG  . ARG A 1 57  ? -0.254  4.772   -21.165 1.00 30.33 ? 57   ARG A CG  1 
ATOM   435  C CD  . ARG A 1 57  ? 0.399   5.924   -21.904 1.00 33.03 ? 57   ARG A CD  1 
ATOM   436  N NE  . ARG A 1 57  ? 1.500   6.474   -21.133 1.00 39.38 ? 57   ARG A NE  1 
ATOM   437  C CZ  . ARG A 1 57  ? 2.474   7.213   -21.647 1.00 48.03 ? 57   ARG A CZ  1 
ATOM   438  N NH1 . ARG A 1 57  ? 2.464   7.482   -22.950 1.00 51.17 ? 57   ARG A NH1 1 
ATOM   439  N NH2 . ARG A 1 57  ? 3.467   7.667   -20.867 1.00 48.00 ? 57   ARG A NH2 1 
ATOM   440  N N   . GLN A 1 58  ? 1.375   0.380   -19.975 1.00 23.49 ? 58   GLN A N   1 
ATOM   441  C CA  . GLN A 1 58  ? 2.339   -0.505  -19.395 1.00 23.54 ? 58   GLN A CA  1 
ATOM   442  C C   . GLN A 1 58  ? 3.650   -0.556  -20.186 1.00 26.41 ? 58   GLN A C   1 
ATOM   443  O O   . GLN A 1 58  ? 3.646   -0.744  -21.402 1.00 27.35 ? 58   GLN A O   1 
ATOM   444  C CB  . GLN A 1 58  ? 1.755   -1.901  -19.305 1.00 22.23 ? 58   GLN A CB  1 
ATOM   445  C CG  . GLN A 1 58  ? 2.764   -2.926  -18.846 1.00 22.54 ? 58   GLN A CG  1 
ATOM   446  C CD  . GLN A 1 58  ? 2.258   -4.339  -18.941 1.00 24.11 ? 58   GLN A CD  1 
ATOM   447  O OE1 . GLN A 1 58  ? 3.042   -5.288  -19.005 1.00 26.21 ? 58   GLN A OE1 1 
ATOM   448  N NE2 . GLN A 1 58  ? 0.946   -4.498  -18.926 1.00 27.81 ? 58   GLN A NE2 1 
ATOM   449  N N   . TYR A 1 59  ? 4.761   -0.425  -19.466 1.00 27.43 ? 59   TYR A N   1 
ATOM   450  C CA  . TYR A 1 59  ? 6.109   -0.488  -20.035 1.00 25.89 ? 59   TYR A CA  1 
ATOM   451  C C   . TYR A 1 59  ? 6.827   -1.627  -19.322 1.00 26.53 ? 59   TYR A C   1 
ATOM   452  O O   . TYR A 1 59  ? 6.719   -1.765  -18.099 1.00 27.62 ? 59   TYR A O   1 
ATOM   453  C CB  . TYR A 1 59  ? 6.879   0.815   -19.776 1.00 21.65 ? 59   TYR A CB  1 
ATOM   454  C CG  . TYR A 1 59  ? 6.345   2.045   -20.466 1.00 19.89 ? 59   TYR A CG  1 
ATOM   455  C CD1 . TYR A 1 59  ? 5.336   2.808   -19.884 1.00 21.82 ? 59   TYR A CD1 1 
ATOM   456  C CD2 . TYR A 1 59  ? 6.896   2.485   -21.666 1.00 24.21 ? 59   TYR A CD2 1 
ATOM   457  C CE1 . TYR A 1 59  ? 4.889   3.976   -20.462 1.00 20.06 ? 59   TYR A CE1 1 
ATOM   458  C CE2 . TYR A 1 59  ? 6.458   3.662   -22.265 1.00 24.48 ? 59   TYR A CE2 1 
ATOM   459  C CZ  . TYR A 1 59  ? 5.459   4.399   -21.650 1.00 27.60 ? 59   TYR A CZ  1 
ATOM   460  O OH  . TYR A 1 59  ? 5.054   5.581   -22.200 1.00 31.40 ? 59   TYR A OH  1 
ATOM   461  N N   . ASP A 1 60  ? 7.531   -2.462  -20.077 1.00 25.64 ? 60   ASP A N   1 
ATOM   462  C CA  . ASP A 1 60  ? 8.267   -3.568  -19.488 1.00 28.60 ? 60   ASP A CA  1 
ATOM   463  C C   . ASP A 1 60  ? 9.737   -3.234  -19.594 1.00 29.02 ? 60   ASP A C   1 
ATOM   464  O O   . ASP A 1 60  ? 10.112  -2.364  -20.391 1.00 29.45 ? 60   ASP A O   1 
ATOM   465  C CB  . ASP A 1 60  ? 8.013   -4.867  -20.250 1.00 34.13 ? 60   ASP A CB  1 
ATOM   466  C CG  . ASP A 1 60  ? 6.548   -5.173  -20.401 1.00 41.78 ? 60   ASP A CG  1 
ATOM   467  O OD1 . ASP A 1 60  ? 5.840   -5.261  -19.371 1.00 44.61 ? 60   ASP A OD1 1 
ATOM   468  O OD2 . ASP A 1 60  ? 6.106   -5.331  -21.560 1.00 45.41 ? 60   ASP A OD2 1 
ATOM   469  N N   . GLN A 1 61  ? 10.562  -3.932  -18.818 1.00 26.75 ? 61   GLN A N   1 
ATOM   470  C CA  . GLN A 1 61  ? 12.006  -3.731  -18.842 1.00 29.82 ? 61   GLN A CA  1 
ATOM   471  C C   . GLN A 1 61  ? 12.473  -2.310  -18.610 1.00 29.35 ? 61   GLN A C   1 
ATOM   472  O O   . GLN A 1 61  ? 13.412  -1.849  -19.272 1.00 26.88 ? 61   GLN A O   1 
ATOM   473  C CB  . GLN A 1 61  ? 12.598  -4.214  -20.164 1.00 37.41 ? 61   GLN A CB  1 
ATOM   474  C CG  . GLN A 1 61  ? 13.118  -5.619  -20.121 1.00 51.86 ? 61   GLN A CG  1 
ATOM   475  C CD  . GLN A 1 61  ? 12.031  -6.588  -19.739 1.00 59.93 ? 61   GLN A CD  1 
ATOM   476  O OE1 . GLN A 1 61  ? 12.015  -7.116  -18.619 1.00 65.14 ? 61   GLN A OE1 1 
ATOM   477  N NE2 . GLN A 1 61  ? 11.079  -6.797  -20.649 1.00 64.94 ? 61   GLN A NE2 1 
ATOM   478  N N   . ILE A 1 62  ? 11.826  -1.594  -17.700 1.00 24.46 ? 62   ILE A N   1 
ATOM   479  C CA  . ILE A 1 62  ? 12.267  -0.241  -17.426 1.00 24.17 ? 62   ILE A CA  1 
ATOM   480  C C   . ILE A 1 62  ? 13.275  -0.307  -16.274 1.00 20.35 ? 62   ILE A C   1 
ATOM   481  O O   . ILE A 1 62  ? 13.039  -0.993  -15.296 1.00 20.93 ? 62   ILE A O   1 
ATOM   482  C CB  . ILE A 1 62  ? 11.082  0.674   -17.041 1.00 23.27 ? 62   ILE A CB  1 
ATOM   483  C CG1 . ILE A 1 62  ? 10.044  0.669   -18.141 1.00 28.82 ? 62   ILE A CG1 1 
ATOM   484  C CG2 . ILE A 1 62  ? 11.547  2.115   -16.901 1.00 25.83 ? 62   ILE A CG2 1 
ATOM   485  C CD1 . ILE A 1 62  ? 10.500  1.435   -19.362 1.00 30.69 ? 62   ILE A CD1 1 
ATOM   486  N N   . LEU A 1 63  ? 14.419  0.347   -16.422 1.00 18.34 ? 63   LEU A N   1 
ATOM   487  C CA  . LEU A 1 63  ? 15.423  0.383   -15.372 1.00 17.21 ? 63   LEU A CA  1 
ATOM   488  C C   . LEU A 1 63  ? 15.035  1.491   -14.396 1.00 16.25 ? 63   LEU A C   1 
ATOM   489  O O   . LEU A 1 63  ? 14.709  2.597   -14.808 1.00 19.13 ? 63   LEU A O   1 
ATOM   490  C CB  . LEU A 1 63  ? 16.812  0.684   -15.958 1.00 18.22 ? 63   LEU A CB  1 
ATOM   491  C CG  . LEU A 1 63  ? 17.948  1.041   -14.997 1.00 14.56 ? 63   LEU A CG  1 
ATOM   492  C CD1 . LEU A 1 63  ? 18.339  -0.147  -14.129 1.00 16.58 ? 63   LEU A CD1 1 
ATOM   493  C CD2 . LEU A 1 63  ? 19.122  1.520   -15.818 1.00 19.30 ? 63   LEU A CD2 1 
ATOM   494  N N   . ILE A 1 64  ? 15.088  1.191   -13.111 1.00 15.63 ? 64   ILE A N   1 
ATOM   495  C CA  . ILE A 1 64  ? 14.756  2.143   -12.075 1.00 17.17 ? 64   ILE A CA  1 
ATOM   496  C C   . ILE A 1 64  ? 15.834  2.047   -11.019 1.00 16.42 ? 64   ILE A C   1 
ATOM   497  O O   . ILE A 1 64  ? 16.279  0.956   -10.688 1.00 15.99 ? 64   ILE A O   1 
ATOM   498  C CB  . ILE A 1 64  ? 13.402  1.799   -11.377 1.00 18.49 ? 64   ILE A CB  1 
ATOM   499  C CG1 . ILE A 1 64  ? 12.303  1.547   -12.404 1.00 27.70 ? 64   ILE A CG1 1 
ATOM   500  C CG2 . ILE A 1 64  ? 12.949  2.943   -10.514 1.00 18.61 ? 64   ILE A CG2 1 
ATOM   501  C CD1 . ILE A 1 64  ? 11.017  2.336   -12.146 1.00 34.02 ? 64   ILE A CD1 1 
ATOM   502  N N   . GLU A 1 65  ? 16.329  3.190   -10.566 1.00 16.27 ? 65   GLU A N   1 
ATOM   503  C CA  . GLU A 1 65  ? 17.306  3.202   -9.489  1.00 26.30 ? 65   GLU A CA  1 
ATOM   504  C C   . GLU A 1 65  ? 16.616  3.720   -8.229  1.00 31.36 ? 65   GLU A C   1 
ATOM   505  O O   . GLU A 1 65  ? 16.488  4.937   -8.030  1.00 32.33 ? 65   GLU A O   1 
ATOM   506  C CB  . GLU A 1 65  ? 18.513  4.042   -9.839  1.00 28.21 ? 65   GLU A CB  1 
ATOM   507  C CG  . GLU A 1 65  ? 19.410  3.318   -10.769 1.00 36.86 ? 65   GLU A CG  1 
ATOM   508  C CD  . GLU A 1 65  ? 20.409  4.224   -11.397 1.00 42.52 ? 65   GLU A CD  1 
ATOM   509  O OE1 . GLU A 1 65  ? 21.249  4.769   -10.642 1.00 48.19 ? 65   GLU A OE1 1 
ATOM   510  O OE2 . GLU A 1 65  ? 20.332  4.398   -12.635 1.00 38.65 ? 65   GLU A OE2 1 
ATOM   511  N N   . ILE A 1 66  ? 16.102  2.770   -7.440  1.00 32.56 ? 66   ILE A N   1 
ATOM   512  C CA  . ILE A 1 66  ? 15.385  3.030   -6.196  1.00 32.50 ? 66   ILE A CA  1 
ATOM   513  C C   . ILE A 1 66  ? 16.358  3.174   -5.055  1.00 33.30 ? 66   ILE A C   1 
ATOM   514  O O   . ILE A 1 66  ? 17.019  2.213   -4.669  1.00 31.27 ? 66   ILE A O   1 
ATOM   515  C CB  . ILE A 1 66  ? 14.511  1.863   -5.804  1.00 32.57 ? 66   ILE A CB  1 
ATOM   516  C CG1 . ILE A 1 66  ? 13.687  1.374   -6.991  1.00 29.41 ? 66   ILE A CG1 1 
ATOM   517  C CG2 . ILE A 1 66  ? 13.666  2.271   -4.596  1.00 37.09 ? 66   ILE A CG2 1 
ATOM   518  C CD1 . ILE A 1 66  ? 13.027  0.007   -6.754  1.00 30.74 ? 66   ILE A CD1 1 
ATOM   519  N N   . CYS A 1 67  ? 16.430  4.363   -4.494  1.00 36.94 ? 67   CYS A N   1 
ATOM   520  C CA  . CYS A 1 67  ? 17.342  4.608   -3.394  1.00 43.13 ? 67   CYS A CA  1 
ATOM   521  C C   . CYS A 1 67  ? 18.789  4.182   -3.735  1.00 45.32 ? 67   CYS A C   1 
ATOM   522  O O   . CYS A 1 67  ? 19.516  3.687   -2.862  1.00 48.03 ? 67   CYS A O   1 
ATOM   523  C CB  . CYS A 1 67  ? 16.849  3.877   -2.135  1.00 44.63 ? 67   CYS A CB  1 
ATOM   524  S SG  . CYS A 1 67  ? 17.073  4.794   -0.608  1.00 50.36 ? 67   CYS A SG  1 
ATOM   525  N N   . GLY A 1 68  ? 19.191  4.324   -4.999  1.00 42.70 ? 68   GLY A N   1 
ATOM   526  C CA  . GLY A 1 68  ? 20.549  3.969   -5.366  1.00 45.66 ? 68   GLY A CA  1 
ATOM   527  C C   . GLY A 1 68  ? 20.771  2.527   -5.792  1.00 49.43 ? 68   GLY A C   1 
ATOM   528  O O   . GLY A 1 68  ? 21.874  2.180   -6.236  1.00 53.58 ? 68   GLY A O   1 
ATOM   529  N N   . HIS A 1 69  ? 19.753  1.673   -5.651  1.00 47.19 ? 69   HIS A N   1 
ATOM   530  C CA  . HIS A 1 69  ? 19.862  0.259   -6.059  1.00 40.84 ? 69   HIS A CA  1 
ATOM   531  C C   . HIS A 1 69  ? 19.221  0.162   -7.451  1.00 36.74 ? 69   HIS A C   1 
ATOM   532  O O   . HIS A 1 69  ? 18.212  0.809   -7.701  1.00 38.13 ? 69   HIS A O   1 
ATOM   533  C CB  . HIS A 1 69  ? 19.040  -0.658  -5.139  1.00 41.71 ? 69   HIS A CB  1 
ATOM   534  C CG  . HIS A 1 69  ? 19.380  -0.560  -3.686  1.00 44.17 ? 69   HIS A CG  1 
ATOM   535  N ND1 . HIS A 1 69  ? 19.305  0.619   -2.975  1.00 46.86 ? 69   HIS A ND1 1 
ATOM   536  C CD2 . HIS A 1 69  ? 19.738  -1.513  -2.795  1.00 47.37 ? 69   HIS A CD2 1 
ATOM   537  C CE1 . HIS A 1 69  ? 19.600  0.389   -1.708  1.00 49.43 ? 69   HIS A CE1 1 
ATOM   538  N NE2 . HIS A 1 69  ? 19.867  -0.898  -1.571  1.00 51.59 ? 69   HIS A NE2 1 
ATOM   539  N N   . LYS A 1 70  ? 19.771  -0.643  -8.348  1.00 32.00 ? 70   LYS A N   1 
ATOM   540  C CA  . LYS A 1 70  ? 19.165  -0.797  -9.657  1.00 27.62 ? 70   LYS A CA  1 
ATOM   541  C C   . LYS A 1 70  ? 18.196  -1.971  -9.682  1.00 28.54 ? 70   LYS A C   1 
ATOM   542  O O   . LYS A 1 70  ? 18.391  -2.964  -8.968  1.00 30.42 ? 70   LYS A O   1 
ATOM   543  C CB  . LYS A 1 70  ? 20.231  -1.004  -10.715 1.00 29.30 ? 70   LYS A CB  1 
ATOM   544  C CG  . LYS A 1 70  ? 20.940  0.257   -11.076 1.00 33.78 ? 70   LYS A CG  1 
ATOM   545  C CD  . LYS A 1 70  ? 22.326  -0.038  -11.588 1.00 36.12 ? 70   LYS A CD  1 
ATOM   546  C CE  . LYS A 1 70  ? 23.106  1.244   -11.694 1.00 41.97 ? 70   LYS A CE  1 
ATOM   547  N NZ  . LYS A 1 70  ? 23.065  1.981   -10.394 1.00 50.24 ? 70   LYS A NZ  1 
ATOM   548  N N   . ALA A 1 71  ? 17.136  -1.834  -10.479 1.00 26.12 ? 71   ALA A N   1 
ATOM   549  C CA  . ALA A 1 71  ? 16.122  -2.868  -10.662 1.00 23.06 ? 71   ALA A CA  1 
ATOM   550  C C   . ALA A 1 71  ? 15.540  -2.668  -12.070 1.00 21.63 ? 71   ALA A C   1 
ATOM   551  O O   . ALA A 1 71  ? 15.589  -1.557  -12.600 1.00 21.75 ? 71   ALA A O   1 
ATOM   552  C CB  . ALA A 1 71  ? 15.025  -2.741  -9.589  1.00 21.60 ? 71   ALA A CB  1 
ATOM   553  N N   . ILE A 1 72  ? 15.097  -3.748  -12.716 1.00 22.17 ? 72   ILE A N   1 
ATOM   554  C CA  . ILE A 1 72  ? 14.478  -3.678  -14.054 1.00 21.76 ? 72   ILE A CA  1 
ATOM   555  C C   . ILE A 1 72  ? 13.127  -4.385  -13.948 1.00 21.92 ? 72   ILE A C   1 
ATOM   556  O O   . ILE A 1 72  ? 13.031  -5.483  -13.387 1.00 21.74 ? 72   ILE A O   1 
ATOM   557  C CB  . ILE A 1 72  ? 15.284  -4.431  -15.181 1.00 23.24 ? 72   ILE A CB  1 
ATOM   558  C CG1 . ILE A 1 72  ? 16.628  -3.750  -15.500 1.00 22.89 ? 72   ILE A CG1 1 
ATOM   559  C CG2 . ILE A 1 72  ? 14.454  -4.457  -16.456 1.00 22.59 ? 72   ILE A CG2 1 
ATOM   560  C CD1 . ILE A 1 72  ? 16.600  -2.774  -16.631 1.00 21.44 ? 72   ILE A CD1 1 
ATOM   561  N N   . GLY A 1 73  ? 12.087  -3.785  -14.497 1.00 20.88 ? 73   GLY A N   1 
ATOM   562  C CA  . GLY A 1 73  ? 10.805  -4.428  -14.424 1.00 18.26 ? 73   GLY A CA  1 
ATOM   563  C C   . GLY A 1 73  ? 9.760   -3.639  -15.137 1.00 19.66 ? 73   GLY A C   1 
ATOM   564  O O   . GLY A 1 73  ? 10.045  -2.709  -15.887 1.00 21.44 ? 73   GLY A O   1 
ATOM   565  N N   . THR A 1 74  ? 8.526   -4.038  -14.890 1.00 22.04 ? 74   THR A N   1 
ATOM   566  C CA  . THR A 1 74  ? 7.379   -3.406  -15.487 1.00 21.03 ? 74   THR A CA  1 
ATOM   567  C C   . THR A 1 74  ? 6.953   -2.228  -14.612 1.00 21.35 ? 74   THR A C   1 
ATOM   568  O O   . THR A 1 74  ? 6.912   -2.323  -13.378 1.00 19.17 ? 74   THR A O   1 
ATOM   569  C CB  . THR A 1 74  ? 6.215   -4.436  -15.652 1.00 22.93 ? 74   THR A CB  1 
ATOM   570  O OG1 . THR A 1 74  ? 6.660   -5.546  -16.460 1.00 24.65 ? 74   THR A OG1 1 
ATOM   571  C CG2 . THR A 1 74  ? 5.007   -3.783  -16.299 1.00 21.25 ? 74   THR A CG2 1 
ATOM   572  N N   . VAL A 1 75  ? 6.638   -1.126  -15.273 1.00 19.09 ? 75   VAL A N   1 
ATOM   573  C CA  . VAL A 1 75  ? 6.223   0.089   -14.623 1.00 18.58 ? 75   VAL A CA  1 
ATOM   574  C C   . VAL A 1 75  ? 4.967   0.544   -15.330 1.00 17.95 ? 75   VAL A C   1 
ATOM   575  O O   . VAL A 1 75  ? 4.905   0.519   -16.556 1.00 19.46 ? 75   VAL A O   1 
ATOM   576  C CB  . VAL A 1 75  ? 7.330   1.182   -14.775 1.00 22.87 ? 75   VAL A CB  1 
ATOM   577  C CG1 . VAL A 1 75  ? 6.754   2.568   -14.551 1.00 24.56 ? 75   VAL A CG1 1 
ATOM   578  C CG2 . VAL A 1 75  ? 8.481   0.931   -13.801 1.00 20.13 ? 75   VAL A CG2 1 
ATOM   579  N N   . LEU A 1 76  ? 3.959   0.929   -14.553 1.00 16.74 ? 76   LEU A N   1 
ATOM   580  C CA  . LEU A 1 76  ? 2.699   1.428   -15.084 1.00 17.24 ? 76   LEU A CA  1 
ATOM   581  C C   . LEU A 1 76  ? 2.682   2.934   -14.944 1.00 18.23 ? 76   LEU A C   1 
ATOM   582  O O   . LEU A 1 76  ? 3.086   3.474   -13.928 1.00 22.32 ? 76   LEU A O   1 
ATOM   583  C CB  . LEU A 1 76  ? 1.511   0.811   -14.334 1.00 18.29 ? 76   LEU A CB  1 
ATOM   584  C CG  . LEU A 1 76  ? 1.547   -0.716  -14.269 1.00 15.45 ? 76   LEU A CG  1 
ATOM   585  C CD1 . LEU A 1 76  ? 0.283   -1.178  -13.604 1.00 21.63 ? 76   LEU A CD1 1 
ATOM   586  C CD2 . LEU A 1 76  ? 1.676   -1.322  -15.667 1.00 20.19 ? 76   LEU A CD2 1 
ATOM   587  N N   . VAL A 1 77  ? 2.251   3.637   -15.966 1.00 18.65 ? 77   VAL A N   1 
ATOM   588  C CA  . VAL A 1 77  ? 2.243   5.092   -15.895 1.00 21.72 ? 77   VAL A CA  1 
ATOM   589  C C   . VAL A 1 77  ? 0.802   5.552   -16.035 1.00 24.73 ? 77   VAL A C   1 
ATOM   590  O O   . VAL A 1 77  ? 0.108   5.138   -16.946 1.00 27.22 ? 77   VAL A O   1 
ATOM   591  C CB  . VAL A 1 77  ? 3.129   5.678   -17.002 1.00 19.94 ? 77   VAL A CB  1 
ATOM   592  C CG1 . VAL A 1 77  ? 2.957   7.156   -17.077 1.00 20.83 ? 77   VAL A CG1 1 
ATOM   593  C CG2 . VAL A 1 77  ? 4.589   5.349   -16.712 1.00 21.90 ? 77   VAL A CG2 1 
ATOM   594  N N   . GLY A 1 78  ? 0.319   6.334   -15.087 1.00 26.34 ? 78   GLY A N   1 
ATOM   595  C CA  . GLY A 1 78  ? -1.053  6.748   -15.172 1.00 26.00 ? 78   GLY A CA  1 
ATOM   596  C C   . GLY A 1 78  ? -1.462  7.808   -14.188 1.00 26.68 ? 78   GLY A C   1 
ATOM   597  O O   . GLY A 1 78  ? -0.629  8.463   -13.555 1.00 26.81 ? 78   GLY A O   1 
ATOM   598  N N   . PRO A 1 79  ? -2.774  7.973   -14.017 1.00 28.40 ? 79   PRO A N   1 
ATOM   599  C CA  . PRO A 1 79  ? -3.323  8.967   -13.104 1.00 32.04 ? 79   PRO A CA  1 
ATOM   600  C C   . PRO A 1 79  ? -3.320  8.575   -11.614 1.00 33.08 ? 79   PRO A C   1 
ATOM   601  O O   . PRO A 1 79  ? -4.372  8.580   -10.960 1.00 36.62 ? 79   PRO A O   1 
ATOM   602  C CB  . PRO A 1 79  ? -4.749  9.178   -13.658 1.00 33.61 ? 79   PRO A CB  1 
ATOM   603  C CG  . PRO A 1 79  ? -4.775  8.410   -15.008 1.00 30.35 ? 79   PRO A CG  1 
ATOM   604  C CD  . PRO A 1 79  ? -3.849  7.298   -14.764 1.00 28.65 ? 79   PRO A CD  1 
ATOM   605  N N   . THR A 1 80  ? -2.155  8.208   -11.082 1.00 33.95 ? 80   THR A N   1 
ATOM   606  C CA  . THR A 1 80  ? -2.043  7.859   -9.669  1.00 30.44 ? 80   THR A CA  1 
ATOM   607  C C   . THR A 1 80  ? -1.898  9.148   -8.914  1.00 32.59 ? 80   THR A C   1 
ATOM   608  O O   . THR A 1 80  ? -1.284  10.096  -9.408  1.00 33.11 ? 80   THR A O   1 
ATOM   609  C CB  . THR A 1 80  ? -0.720  7.236   -9.304  1.00 28.10 ? 80   THR A CB  1 
ATOM   610  O OG1 . THR A 1 80  ? -0.103  6.689   -10.461 1.00 35.73 ? 80   THR A OG1 1 
ATOM   611  C CG2 . THR A 1 80  ? -0.892  6.231   -8.218  1.00 19.11 ? 80   THR A CG2 1 
ATOM   612  N N   . PRO A 1 81  ? -2.478  9.220   -7.712  1.00 35.34 ? 81   PRO A N   1 
ATOM   613  C CA  . PRO A 1 81  ? -2.313  10.467  -6.955  1.00 34.60 ? 81   PRO A CA  1 
ATOM   614  C C   . PRO A 1 81  ? -0.867  10.523  -6.364  1.00 32.42 ? 81   PRO A C   1 
ATOM   615  O O   . PRO A 1 81  ? -0.354  11.607  -6.048  1.00 30.51 ? 81   PRO A O   1 
ATOM   616  C CB  . PRO A 1 81  ? -3.393  10.344  -5.869  1.00 36.65 ? 81   PRO A CB  1 
ATOM   617  C CG  . PRO A 1 81  ? -3.650  8.822   -5.753  1.00 37.12 ? 81   PRO A CG  1 
ATOM   618  C CD  . PRO A 1 81  ? -3.593  8.400   -7.182  1.00 34.67 ? 81   PRO A CD  1 
ATOM   619  N N   . VAL A 1 82  ? -0.221  9.350   -6.262  1.00 26.74 ? 82   VAL A N   1 
ATOM   620  C CA  . VAL A 1 82  ? 1.139   9.207   -5.721  1.00 26.04 ? 82   VAL A CA  1 
ATOM   621  C C   . VAL A 1 82  ? 1.920   8.162   -6.526  1.00 21.48 ? 82   VAL A C   1 
ATOM   622  O O   . VAL A 1 82  ? 1.323   7.227   -7.078  1.00 21.69 ? 82   VAL A O   1 
ATOM   623  C CB  . VAL A 1 82  ? 1.150   8.665   -4.238  1.00 28.31 ? 82   VAL A CB  1 
ATOM   624  C CG1 . VAL A 1 82  ? 2.361   9.194   -3.502  1.00 31.40 ? 82   VAL A CG1 1 
ATOM   625  C CG2 . VAL A 1 82  ? -0.115  9.010   -3.485  1.00 30.73 ? 82   VAL A CG2 1 
ATOM   626  N N   . ASN A 1 83  ? 3.245   8.333   -6.595  1.00 20.01 ? 83   ASN A N   1 
ATOM   627  C CA  . ASN A 1 83  ? 4.143   7.369   -7.271  1.00 18.44 ? 83   ASN A CA  1 
ATOM   628  C C   . ASN A 1 83  ? 4.303   6.216   -6.257  1.00 15.74 ? 83   ASN A C   1 
ATOM   629  O O   . ASN A 1 83  ? 4.654   6.433   -5.093  1.00 18.83 ? 83   ASN A O   1 
ATOM   630  C CB  . ASN A 1 83  ? 5.515   7.996   -7.608  1.00 19.85 ? 83   ASN A CB  1 
ATOM   631  C CG  . ASN A 1 83  ? 5.425   9.109   -8.656  1.00 20.52 ? 83   ASN A CG  1 
ATOM   632  O OD1 . ASN A 1 83  ? 4.648   9.031   -9.597  1.00 20.62 ? 83   ASN A OD1 1 
ATOM   633  N ND2 . ASN A 1 83  ? 6.237   10.137  -8.494  1.00 17.02 ? 83   ASN A ND2 1 
ATOM   634  N N   . ILE A 1 84  ? 4.028   5.001   -6.697  1.00 15.29 ? 84   ILE A N   1 
ATOM   635  C CA  . ILE A 1 84  ? 4.035   3.825   -5.838  1.00 15.01 ? 84   ILE A CA  1 
ATOM   636  C C   . ILE A 1 84  ? 4.977   2.764   -6.343  1.00 14.24 ? 84   ILE A C   1 
ATOM   637  O O   . ILE A 1 84  ? 4.933   2.413   -7.517  1.00 15.20 ? 84   ILE A O   1 
ATOM   638  C CB  . ILE A 1 84  ? 2.593   3.242   -5.831  1.00 18.57 ? 84   ILE A CB  1 
ATOM   639  C CG1 . ILE A 1 84  ? 1.689   4.102   -4.963  1.00 21.54 ? 84   ILE A CG1 1 
ATOM   640  C CG2 . ILE A 1 84  ? 2.558   1.775   -5.427  1.00 20.19 ? 84   ILE A CG2 1 
ATOM   641  C CD1 . ILE A 1 84  ? 0.262   4.086   -5.459  1.00 25.44 ? 84   ILE A CD1 1 
ATOM   642  N N   . ILE A 1 85  ? 5.857   2.285   -5.471  1.00 13.18 ? 85   ILE A N   1 
ATOM   643  C CA  . ILE A 1 85  ? 6.752   1.209   -5.846  1.00 12.30 ? 85   ILE A CA  1 
ATOM   644  C C   . ILE A 1 85  ? 6.111   -0.030  -5.245  1.00 12.13 ? 85   ILE A C   1 
ATOM   645  O O   . ILE A 1 85  ? 6.055   -0.163  -4.038  1.00 14.65 ? 85   ILE A O   1 
ATOM   646  C CB  . ILE A 1 85  ? 8.151   1.375   -5.250  1.00 14.26 ? 85   ILE A CB  1 
ATOM   647  C CG1 . ILE A 1 85  ? 8.735   2.747   -5.619  1.00 15.89 ? 85   ILE A CG1 1 
ATOM   648  C CG2 . ILE A 1 85  ? 9.052   0.242   -5.747  1.00 14.65 ? 85   ILE A CG2 1 
ATOM   649  C CD1 . ILE A 1 85  ? 8.890   2.970   -7.103  1.00 20.48 ? 85   ILE A CD1 1 
ATOM   650  N N   . GLY A 1 86  ? 5.623   -0.922  -6.096  1.00 13.61 ? 86   GLY A N   1 
ATOM   651  C CA  . GLY A 1 86  ? 4.962   -2.140  -5.653  1.00 10.24 ? 86   GLY A CA  1 
ATOM   652  C C   . GLY A 1 86  ? 5.869   -3.326  -5.430  1.00 11.92 ? 86   GLY A C   1 
ATOM   653  O O   . GLY A 1 86  ? 7.092   -3.244  -5.598  1.00 14.75 ? 86   GLY A O   1 
ATOM   654  N N   . ARG A 1 87  ? 5.271   -4.458  -5.068  1.00 13.12 ? 87   ARG A N   1 
ATOM   655  C CA  . ARG A 1 87  ? 6.034   -5.671  -4.776  1.00 14.81 ? 87   ARG A CA  1 
ATOM   656  C C   . ARG A 1 87  ? 6.869   -6.234  -5.927  1.00 16.26 ? 87   ARG A C   1 
ATOM   657  O O   . ARG A 1 87  ? 7.833   -6.961  -5.700  1.00 14.29 ? 87   ARG A O   1 
ATOM   658  C CB  . ARG A 1 87  ? 5.107   -6.761  -4.243  1.00 20.36 ? 87   ARG A CB  1 
ATOM   659  C CG  . ARG A 1 87  ? 4.523   -6.512  -2.841  1.00 15.72 ? 87   ARG A CG  1 
ATOM   660  C CD  . ARG A 1 87  ? 3.811   -7.789  -2.369  1.00 16.15 ? 87   ARG A CD  1 
ATOM   661  N NE  . ARG A 1 87  ? 2.697   -8.148  -3.258  1.00 17.18 ? 87   ARG A NE  1 
ATOM   662  C CZ  . ARG A 1 87  ? 2.678   -9.201  -4.069  1.00 17.12 ? 87   ARG A CZ  1 
ATOM   663  N NH1 . ARG A 1 87  ? 3.708   -10.033 -4.130  1.00 19.11 ? 87   ARG A NH1 1 
ATOM   664  N NH2 . ARG A 1 87  ? 1.617   -9.426  -4.815  1.00 14.30 ? 87   ARG A NH2 1 
ATOM   665  N N   . ASN A 1 88  ? 6.485   -5.920  -7.157  1.00 16.58 ? 88   ASN A N   1 
ATOM   666  C CA  . ASN A 1 88  ? 7.235   -6.406  -8.289  1.00 17.05 ? 88   ASN A CA  1 
ATOM   667  C C   . ASN A 1 88  ? 8.655   -5.877  -8.248  1.00 18.29 ? 88   ASN A C   1 
ATOM   668  O O   . ASN A 1 88  ? 9.584   -6.602  -8.591  1.00 23.69 ? 88   ASN A O   1 
ATOM   669  C CB  . ASN A 1 88  ? 6.523   -6.093  -9.606  1.00 14.76 ? 88   ASN A CB  1 
ATOM   670  C CG  . ASN A 1 88  ? 6.603   -4.650  -9.999  1.00 16.68 ? 88   ASN A CG  1 
ATOM   671  O OD1 . ASN A 1 88  ? 6.251   -3.759  -9.243  1.00 17.29 ? 88   ASN A OD1 1 
ATOM   672  N ND2 . ASN A 1 88  ? 7.080   -4.409  -11.201 1.00 20.57 ? 88   ASN A ND2 1 
ATOM   673  N N   . LEU A 1 89  ? 8.848   -4.649  -7.773  1.00 16.15 ? 89   LEU A N   1 
ATOM   674  C CA  . LEU A 1 89  ? 10.187  -4.087  -7.674  1.00 14.14 ? 89   LEU A CA  1 
ATOM   675  C C   . LEU A 1 89  ? 10.792  -4.259  -6.291  1.00 14.92 ? 89   LEU A C   1 
ATOM   676  O O   . LEU A 1 89  ? 12.009  -4.411  -6.168  1.00 17.03 ? 89   LEU A O   1 
ATOM   677  C CB  . LEU A 1 89  ? 10.197  -2.610  -8.074  1.00 14.09 ? 89   LEU A CB  1 
ATOM   678  C CG  . LEU A 1 89  ? 9.926   -2.446  -9.574  1.00 18.04 ? 89   LEU A CG  1 
ATOM   679  C CD1 . LEU A 1 89  ? 9.909   -0.979  -9.997  1.00 16.88 ? 89   LEU A CD1 1 
ATOM   680  C CD2 . LEU A 1 89  ? 10.984  -3.236  -10.349 1.00 18.80 ? 89   LEU A CD2 1 
ATOM   681  N N   . LEU A 1 90  ? 9.952   -4.231  -5.251  1.00 10.78 ? 90   LEU A N   1 
ATOM   682  C CA  . LEU A 1 90  ? 10.411  -4.373  -3.865  1.00 11.77 ? 90   LEU A CA  1 
ATOM   683  C C   . LEU A 1 90  ? 11.194  -5.668  -3.618  1.00 12.05 ? 90   LEU A C   1 
ATOM   684  O O   . LEU A 1 90  ? 12.212  -5.664  -2.943  1.00 14.76 ? 90   LEU A O   1 
ATOM   685  C CB  . LEU A 1 90  ? 9.225   -4.260  -2.899  1.00 12.27 ? 90   LEU A CB  1 
ATOM   686  C CG  . LEU A 1 90  ? 8.790   -2.956  -2.208  1.00 18.56 ? 90   LEU A CG  1 
ATOM   687  C CD1 . LEU A 1 90  ? 9.233   -1.713  -2.886  1.00 16.76 ? 90   LEU A CD1 1 
ATOM   688  C CD2 . LEU A 1 90  ? 7.318   -2.953  -2.012  1.00 16.59 ? 90   LEU A CD2 1 
ATOM   689  N N   . THR A 1 91  ? 10.742  -6.780  -4.176  1.00 16.38 ? 91   THR A N   1 
ATOM   690  C CA  . THR A 1 91  ? 11.451  -8.050  -3.998  1.00 17.30 ? 91   THR A CA  1 
ATOM   691  C C   . THR A 1 91  ? 12.853  -7.948  -4.567  1.00 20.72 ? 91   THR A C   1 
ATOM   692  O O   . THR A 1 91  ? 13.801  -8.459  -3.975  1.00 25.30 ? 91   THR A O   1 
ATOM   693  C CB  . THR A 1 91  ? 10.733  -9.195  -4.697  1.00 14.52 ? 91   THR A CB  1 
ATOM   694  O OG1 . THR A 1 91  ? 10.476  -8.821  -6.042  1.00 19.36 ? 91   THR A OG1 1 
ATOM   695  C CG2 . THR A 1 91  ? 9.425   -9.463  -4.044  1.00 12.80 ? 91   THR A CG2 1 
ATOM   696  N N   . GLN A 1 92  ? 12.989  -7.241  -5.686  1.00 23.25 ? 92   GLN A N   1 
ATOM   697  C CA  . GLN A 1 92  ? 14.282  -7.052  -6.346  1.00 23.33 ? 92   GLN A CA  1 
ATOM   698  C C   . GLN A 1 92  ? 15.321  -6.301  -5.528  1.00 23.75 ? 92   GLN A C   1 
ATOM   699  O O   . GLN A 1 92  ? 16.492  -6.645  -5.575  1.00 27.32 ? 92   GLN A O   1 
ATOM   700  C CB  . GLN A 1 92  ? 14.109  -6.390  -7.702  1.00 24.19 ? 92   GLN A CB  1 
ATOM   701  C CG  . GLN A 1 92  ? 13.624  -7.337  -8.788  1.00 26.53 ? 92   GLN A CG  1 
ATOM   702  C CD  . GLN A 1 92  ? 13.642  -6.671  -10.154 1.00 31.66 ? 92   GLN A CD  1 
ATOM   703  O OE1 . GLN A 1 92  ? 14.718  -6.398  -10.728 1.00 32.03 ? 92   GLN A OE1 1 
ATOM   704  N NE2 . GLN A 1 92  ? 12.454  -6.352  -10.664 1.00 32.65 ? 92   GLN A NE2 1 
ATOM   705  N N   . ILE A 1 93  ? 14.916  -5.306  -4.755  1.00 23.82 ? 93   ILE A N   1 
ATOM   706  C CA  . ILE A 1 93  ? 15.880  -4.579  -3.930  1.00 25.17 ? 93   ILE A CA  1 
ATOM   707  C C   . ILE A 1 93  ? 15.975  -5.185  -2.520  1.00 25.94 ? 93   ILE A C   1 
ATOM   708  O O   . ILE A 1 93  ? 16.437  -4.530  -1.573  1.00 28.93 ? 93   ILE A O   1 
ATOM   709  C CB  . ILE A 1 93  ? 15.580  -3.051  -3.852  1.00 25.56 ? 93   ILE A CB  1 
ATOM   710  C CG1 . ILE A 1 93  ? 14.224  -2.794  -3.194  1.00 23.31 ? 93   ILE A CG1 1 
ATOM   711  C CG2 . ILE A 1 93  ? 15.649  -2.454  -5.231  1.00 26.80 ? 93   ILE A CG2 1 
ATOM   712  C CD1 . ILE A 1 93  ? 13.938  -1.336  -2.928  1.00 27.94 ? 93   ILE A CD1 1 
ATOM   713  N N   . GLY A 1 94  ? 15.463  -6.408  -2.386  1.00 23.85 ? 94   GLY A N   1 
ATOM   714  C CA  . GLY A 1 94  ? 15.517  -7.137  -1.133  1.00 23.58 ? 94   GLY A CA  1 
ATOM   715  C C   . GLY A 1 94  ? 14.770  -6.585  0.060   1.00 23.16 ? 94   GLY A C   1 
ATOM   716  O O   . GLY A 1 94  ? 15.173  -6.774  1.197   1.00 26.15 ? 94   GLY A O   1 
ATOM   717  N N   . MET A 1 95  ? 13.652  -5.939  -0.180  1.00 22.76 ? 95   MET A N   1 
ATOM   718  C CA  . MET A 1 95  ? 12.872  -5.403  0.910   1.00 22.26 ? 95   MET A CA  1 
ATOM   719  C C   . MET A 1 95  ? 12.114  -6.484  1.712   1.00 21.78 ? 95   MET A C   1 
ATOM   720  O O   . MET A 1 95  ? 11.517  -7.377  1.121   1.00 25.47 ? 95   MET A O   1 
ATOM   721  C CB  . MET A 1 95  ? 11.884  -4.418  0.323   1.00 23.90 ? 95   MET A CB  1 
ATOM   722  C CG  . MET A 1 95  ? 10.812  -4.011  1.274   1.00 30.20 ? 95   MET A CG  1 
ATOM   723  S SD  . MET A 1 95  ? 10.570  -2.298  1.131   1.00 46.16 ? 95   MET A SD  1 
ATOM   724  C CE  . MET A 1 95  ? 12.204  -1.717  1.348   1.00 36.88 ? 95   MET A CE  1 
ATOM   725  N N   . THR A 1 96  ? 12.115  -6.380  3.044   1.00 21.65 ? 96   THR A N   1 
ATOM   726  C CA  . THR A 1 96  ? 11.383  -7.299  3.942   1.00 21.53 ? 96   THR A CA  1 
ATOM   727  C C   . THR A 1 96  ? 10.617  -6.500  5.011   1.00 21.36 ? 96   THR A C   1 
ATOM   728  O O   . THR A 1 96  ? 10.966  -5.341  5.313   1.00 20.40 ? 96   THR A O   1 
ATOM   729  C CB  . THR A 1 96  ? 12.327  -8.262  4.736   1.00 23.46 ? 96   THR A CB  1 
ATOM   730  O OG1 . THR A 1 96  ? 13.293  -7.505  5.479   1.00 24.93 ? 96   THR A OG1 1 
ATOM   731  C CG2 . THR A 1 96  ? 13.025  -9.255  3.804   1.00 26.19 ? 96   THR A CG2 1 
ATOM   732  N N   . LEU A 1 97  ? 9.564   -7.097  5.562   1.00 19.16 ? 97   LEU A N   1 
ATOM   733  C CA  . LEU A 1 97  ? 8.788   -6.467  6.642   1.00 21.15 ? 97   LEU A CA  1 
ATOM   734  C C   . LEU A 1 97  ? 9.156   -7.194  7.941   1.00 23.61 ? 97   LEU A C   1 
ATOM   735  O O   . LEU A 1 97  ? 9.360   -8.403  7.934   1.00 24.18 ? 97   LEU A O   1 
ATOM   736  C CB  . LEU A 1 97  ? 7.282   -6.614  6.420   1.00 22.58 ? 97   LEU A CB  1 
ATOM   737  C CG  . LEU A 1 97  ? 6.528   -5.569  5.626   1.00 18.79 ? 97   LEU A CG  1 
ATOM   738  C CD1 . LEU A 1 97  ? 5.074   -6.013  5.567   1.00 20.92 ? 97   LEU A CD1 1 
ATOM   739  C CD2 . LEU A 1 97  ? 6.653   -4.238  6.337   1.00 22.98 ? 97   LEU A CD2 1 
ATOM   740  N N   . ASN A 1 98  ? 9.259   -6.463  9.043   1.00 24.22 ? 98   ASN A N   1 
ATOM   741  C CA  . ASN A 1 98  ? 9.619   -7.059  10.328  1.00 27.63 ? 98   ASN A CA  1 
ATOM   742  C C   . ASN A 1 98  ? 8.711   -6.455  11.384  1.00 26.26 ? 98   ASN A C   1 
ATOM   743  O O   . ASN A 1 98  ? 8.669   -5.241  11.525  1.00 23.09 ? 98   ASN A O   1 
ATOM   744  C CB  . ASN A 1 98  ? 11.084  -6.735  10.673  1.00 29.60 ? 98   ASN A CB  1 
ATOM   745  C CG  . ASN A 1 98  ? 12.084  -7.308  9.645   1.00 38.61 ? 98   ASN A CG  1 
ATOM   746  O OD1 . ASN A 1 98  ? 12.725  -8.338  9.892   1.00 49.31 ? 98   ASN A OD1 1 
ATOM   747  N ND2 . ASN A 1 98  ? 12.220  -6.643  8.498   1.00 38.07 ? 98   ASN A ND2 1 
ATOM   748  N N   . PHE A 1 99  ? 7.943   -7.278  12.090  1.00 30.89 ? 99   PHE A N   1 
ATOM   749  C CA  . PHE A 1 99  ? 7.054   -6.741  13.135  1.00 33.76 ? 99   PHE A CA  1 
ATOM   750  C C   . PHE A 1 99  ? 7.060   -7.582  14.378  1.00 33.53 ? 99   PHE A C   1 
ATOM   751  O O   . PHE A 1 99  ? 7.881   -8.485  14.476  1.00 36.43 ? 99   PHE A O   1 
ATOM   752  C CB  . PHE A 1 99  ? 5.621   -6.519  12.635  1.00 34.17 ? 99   PHE A CB  1 
ATOM   753  C CG  . PHE A 1 99  ? 4.805   -7.776  12.465  1.00 39.18 ? 99   PHE A CG  1 
ATOM   754  C CD1 . PHE A 1 99  ? 4.776   -8.444  11.245  1.00 40.27 ? 99   PHE A CD1 1 
ATOM   755  C CD2 . PHE A 1 99  ? 3.964   -8.222  13.493  1.00 39.31 ? 99   PHE A CD2 1 
ATOM   756  C CE1 . PHE A 1 99  ? 3.916   -9.522  11.049  1.00 39.01 ? 99   PHE A CE1 1 
ATOM   757  C CE2 . PHE A 1 99  ? 3.104   -9.299  13.303  1.00 36.48 ? 99   PHE A CE2 1 
ATOM   758  C CZ  . PHE A 1 99  ? 3.080   -9.945  12.079  1.00 38.45 ? 99   PHE A CZ  1 
ATOM   759  N N   . PRO A 1 105 ? 7.998   -11.627 13.499  1.00 40.48 ? 1001 PRO A N   1 
ATOM   760  C CA  . PRO A 1 105 ? 8.395   -12.205 12.218  1.00 39.75 ? 1001 PRO A CA  1 
ATOM   761  C C   . PRO A 1 105 ? 8.922   -11.233 11.156  1.00 39.49 ? 1001 PRO A C   1 
ATOM   762  O O   . PRO A 1 105 ? 8.748   -10.006 11.230  1.00 37.12 ? 1001 PRO A O   1 
ATOM   763  C CB  . PRO A 1 105 ? 7.108   -12.883 11.746  1.00 40.10 ? 1001 PRO A CB  1 
ATOM   764  C CG  . PRO A 1 105 ? 6.057   -11.992 12.276  1.00 40.60 ? 1001 PRO A CG  1 
ATOM   765  C CD  . PRO A 1 105 ? 6.539   -11.750 13.682  1.00 41.41 ? 1001 PRO A CD  1 
ATOM   766  N N   . GLN A 1 106 ? 9.627   -11.831 10.201  1.00 37.90 ? 1002 GLN A N   1 
ATOM   767  C CA  . GLN A 1 106 ? 10.197  -11.154 9.060   1.00 37.38 ? 1002 GLN A CA  1 
ATOM   768  C C   . GLN A 1 106 ? 9.390   -11.735 7.905   1.00 36.77 ? 1002 GLN A C   1 
ATOM   769  O O   . GLN A 1 106 ? 9.095   -12.942 7.872   1.00 37.78 ? 1002 GLN A O   1 
ATOM   770  C CB  . GLN A 1 106 ? 11.658  -11.506 8.928   1.00 38.73 ? 1002 GLN A CB  1 
ATOM   771  C CG  . GLN A 1 106 ? 12.289  -11.043 7.650   1.00 44.16 ? 1002 GLN A CG  1 
ATOM   772  C CD  . GLN A 1 106 ? 13.650  -11.670 7.481   1.00 49.89 ? 1002 GLN A CD  1 
ATOM   773  O OE1 . GLN A 1 106 ? 13.920  -12.361 6.493   1.00 53.41 ? 1002 GLN A OE1 1 
ATOM   774  N NE2 . GLN A 1 106 ? 14.496  -11.501 8.485   1.00 54.57 ? 1002 GLN A NE2 1 
ATOM   775  N N   . VAL A 1 107 ? 9.025   -10.881 6.967   1.00 31.95 ? 1003 VAL A N   1 
ATOM   776  C CA  . VAL A 1 107 ? 8.196   -11.280 5.853   1.00 30.45 ? 1003 VAL A CA  1 
ATOM   777  C C   . VAL A 1 107 ? 8.804   -10.745 4.555   1.00 29.67 ? 1003 VAL A C   1 
ATOM   778  O O   . VAL A 1 107 ? 9.076   -9.537  4.447   1.00 28.12 ? 1003 VAL A O   1 
ATOM   779  C CB  . VAL A 1 107 ? 6.778   -10.629 5.991   1.00 27.06 ? 1003 VAL A CB  1 
ATOM   780  C CG1 . VAL A 1 107 ? 5.794   -11.287 5.082   1.00 27.89 ? 1003 VAL A CG1 1 
ATOM   781  C CG2 . VAL A 1 107 ? 6.285   -10.678 7.430   1.00 33.63 ? 1003 VAL A CG2 1 
ATOM   782  N N   . THR A 1 108 ? 9.046   -11.634 3.594   1.00 24.87 ? 1004 THR A N   1 
ATOM   783  C CA  . THR A 1 108 ? 9.543   -11.207 2.291   1.00 22.34 ? 1004 THR A CA  1 
ATOM   784  C C   . THR A 1 108 ? 8.294   -10.863 1.450   1.00 20.73 ? 1004 THR A C   1 
ATOM   785  O O   . THR A 1 108 ? 7.159   -11.250 1.792   1.00 20.62 ? 1004 THR A O   1 
ATOM   786  C CB  . THR A 1 108 ? 10.414  -12.272 1.635   1.00 22.72 ? 1004 THR A CB  1 
ATOM   787  O OG1 . THR A 1 108 ? 9.670   -13.490 1.524   1.00 24.40 ? 1004 THR A OG1 1 
ATOM   788  C CG2 . THR A 1 108 ? 11.629  -12.496 2.474   1.00 19.86 ? 1004 THR A CG2 1 
ATOM   789  N N   . LEU A 1 109 ? 8.492   -10.187 0.329   1.00 17.51 ? 1005 LEU A N   1 
ATOM   790  C CA  . LEU A 1 109 ? 7.366   -9.728  -0.451  1.00 16.04 ? 1005 LEU A CA  1 
ATOM   791  C C   . LEU A 1 109 ? 7.024   -10.436 -1.757  1.00 14.19 ? 1005 LEU A C   1 
ATOM   792  O O   . LEU A 1 109 ? 6.324   -9.873  -2.614  1.00 11.44 ? 1005 LEU A O   1 
ATOM   793  C CB  . LEU A 1 109 ? 7.498   -8.202  -0.622  1.00 18.65 ? 1005 LEU A CB  1 
ATOM   794  C CG  . LEU A 1 109 ? 7.429   -7.421  0.716   1.00 18.82 ? 1005 LEU A CG  1 
ATOM   795  C CD1 . LEU A 1 109 ? 8.128   -6.121  0.560   1.00 21.33 ? 1005 LEU A CD1 1 
ATOM   796  C CD2 . LEU A 1 109 ? 5.979   -7.200  1.196   1.00 16.77 ? 1005 LEU A CD2 1 
ATOM   797  N N   . TRP A 1 110 ? 7.465   -11.693 -1.880  1.00 16.59 ? 1006 TRP A N   1 
ATOM   798  C CA  . TRP A 1 110 ? 7.176   -12.494 -3.073  1.00 18.11 ? 1006 TRP A CA  1 
ATOM   799  C C   . TRP A 1 110 ? 5.677   -12.780 -3.128  1.00 19.55 ? 1006 TRP A C   1 
ATOM   800  O O   . TRP A 1 110 ? 5.102   -12.940 -4.194  1.00 24.38 ? 1006 TRP A O   1 
ATOM   801  C CB  . TRP A 1 110 ? 7.980   -13.796 -3.070  1.00 21.25 ? 1006 TRP A CB  1 
ATOM   802  C CG  . TRP A 1 110 ? 9.431   -13.533 -3.092  1.00 23.05 ? 1006 TRP A CG  1 
ATOM   803  C CD1 . TRP A 1 110 ? 10.245  -13.414 -2.014  1.00 25.79 ? 1006 TRP A CD1 1 
ATOM   804  C CD2 . TRP A 1 110 ? 10.222  -13.192 -4.232  1.00 23.99 ? 1006 TRP A CD2 1 
ATOM   805  N NE1 . TRP A 1 110 ? 11.496  -12.992 -2.400  1.00 27.45 ? 1006 TRP A NE1 1 
ATOM   806  C CE2 . TRP A 1 110 ? 11.509  -12.844 -3.761  1.00 25.99 ? 1006 TRP A CE2 1 
ATOM   807  C CE3 . TRP A 1 110 ? 9.966   -13.136 -5.604  1.00 25.77 ? 1006 TRP A CE3 1 
ATOM   808  C CZ2 . TRP A 1 110 ? 12.540  -12.438 -4.611  1.00 27.08 ? 1006 TRP A CZ2 1 
ATOM   809  C CZ3 . TRP A 1 110 ? 10.999  -12.731 -6.460  1.00 30.11 ? 1006 TRP A CZ3 1 
ATOM   810  C CH2 . TRP A 1 110 ? 12.267  -12.387 -5.955  1.00 28.67 ? 1006 TRP A CH2 1 
ATOM   811  N N   . GLN A 1 111 ? 5.033   -12.803 -1.975  1.00 21.22 ? 1007 GLN A N   1 
ATOM   812  C CA  . GLN A 1 111 ? 3.592   -13.019 -1.919  1.00 22.94 ? 1007 GLN A CA  1 
ATOM   813  C C   . GLN A 1 111 ? 2.952   -11.819 -1.167  1.00 17.76 ? 1007 GLN A C   1 
ATOM   814  O O   . GLN A 1 111 ? 3.654   -11.112 -0.461  1.00 16.91 ? 1007 GLN A O   1 
ATOM   815  C CB  . GLN A 1 111 ? 3.309   -14.334 -1.181  1.00 31.04 ? 1007 GLN A CB  1 
ATOM   816  C CG  . GLN A 1 111 ? 2.056   -15.079 -1.656  1.00 44.42 ? 1007 GLN A CG  1 
ATOM   817  C CD  . GLN A 1 111 ? 2.272   -15.871 -2.954  1.00 49.96 ? 1007 GLN A CD  1 
ATOM   818  O OE1 . GLN A 1 111 ? 3.040   -16.838 -2.982  1.00 54.10 ? 1007 GLN A OE1 1 
ATOM   819  N NE2 . GLN A 1 111 ? 1.568   -15.482 -4.017  1.00 50.85 ? 1007 GLN A NE2 1 
ATOM   820  N N   . ARG A 1 112 ? 1.658   -11.553 -1.352  1.00 18.99 ? 1008 ARG A N   1 
ATOM   821  C CA  . ARG A 1 112 ? 1.017   -10.452 -0.625  1.00 19.89 ? 1008 ARG A CA  1 
ATOM   822  C C   . ARG A 1 112 ? 1.212   -10.741 0.853   1.00 17.00 ? 1008 ARG A C   1 
ATOM   823  O O   . ARG A 1 112 ? 0.998   -11.881 1.303   1.00 15.06 ? 1008 ARG A O   1 
ATOM   824  C CB  . ARG A 1 112 ? -0.475  -10.413 -0.855  1.00 18.72 ? 1008 ARG A CB  1 
ATOM   825  C CG  . ARG A 1 112 ? -0.900  -10.343 -2.257  1.00 25.17 ? 1008 ARG A CG  1 
ATOM   826  C CD  . ARG A 1 112 ? -2.384  -10.461 -2.288  1.00 30.41 ? 1008 ARG A CD  1 
ATOM   827  N NE  . ARG A 1 112 ? -3.027  -9.177  -2.506  1.00 39.90 ? 1008 ARG A NE  1 
ATOM   828  C CZ  . ARG A 1 112 ? -3.280  -8.683  -3.712  1.00 46.33 ? 1008 ARG A CZ  1 
ATOM   829  N NH1 . ARG A 1 112 ? -2.932  -9.373  -4.793  1.00 46.97 ? 1008 ARG A NH1 1 
ATOM   830  N NH2 . ARG A 1 112 ? -3.892  -7.510  -3.843  1.00 50.48 ? 1008 ARG A NH2 1 
ATOM   831  N N   . PRO A 1 113 ? 1.598   -9.714  1.634   1.00 17.04 ? 1009 PRO A N   1 
ATOM   832  C CA  . PRO A 1 113 ? 1.818   -9.898  3.082   1.00 15.61 ? 1009 PRO A CA  1 
ATOM   833  C C   . PRO A 1 113 ? 0.506   -9.874  3.875   1.00 15.86 ? 1009 PRO A C   1 
ATOM   834  O O   . PRO A 1 113 ? 0.081   -8.813  4.333   1.00 14.85 ? 1009 PRO A O   1 
ATOM   835  C CB  . PRO A 1 113 ? 2.731   -8.731  3.429   1.00 12.37 ? 1009 PRO A CB  1 
ATOM   836  C CG  . PRO A 1 113 ? 2.257   -7.655  2.475   1.00 15.05 ? 1009 PRO A CG  1 
ATOM   837  C CD  . PRO A 1 113 ? 2.021   -8.374  1.174   1.00 13.55 ? 1009 PRO A CD  1 
ATOM   838  N N   . LEU A 1 114 ? -0.175  -11.028 3.939   1.00 19.08 ? 1010 LEU A N   1 
ATOM   839  C CA  . LEU A 1 114 ? -1.457  -11.189 4.662   1.00 17.87 ? 1010 LEU A CA  1 
ATOM   840  C C   . LEU A 1 114 ? -1.284  -11.715 6.065   1.00 18.01 ? 1010 LEU A C   1 
ATOM   841  O O   . LEU A 1 114 ? -0.408  -12.548 6.325   1.00 20.49 ? 1010 LEU A O   1 
ATOM   842  C CB  . LEU A 1 114 ? -2.383  -12.151 3.939   1.00 15.85 ? 1010 LEU A CB  1 
ATOM   843  C CG  . LEU A 1 114 ? -2.680  -11.737 2.523   1.00 17.95 ? 1010 LEU A CG  1 
ATOM   844  C CD1 . LEU A 1 114 ? -3.166  -12.934 1.793   1.00 22.73 ? 1010 LEU A CD1 1 
ATOM   845  C CD2 . LEU A 1 114 ? -3.685  -10.653 2.519   1.00 18.36 ? 1010 LEU A CD2 1 
ATOM   846  N N   . VAL A 1 115 ? -2.112  -11.207 6.971   1.00 15.20 ? 1011 VAL A N   1 
ATOM   847  C CA  . VAL A 1 115 ? -2.111  -11.619 8.365   1.00 14.01 ? 1011 VAL A CA  1 
ATOM   848  C C   . VAL A 1 115 ? -3.561  -11.812 8.811   1.00 13.46 ? 1011 VAL A C   1 
ATOM   849  O O   . VAL A 1 115 ? -4.486  -11.293 8.192   1.00 15.73 ? 1011 VAL A O   1 
ATOM   850  C CB  . VAL A 1 115 ? -1.429  -10.558 9.294   1.00 14.04 ? 1011 VAL A CB  1 
ATOM   851  C CG1 . VAL A 1 115 ? 0.080   -10.468 9.005   1.00 17.53 ? 1011 VAL A CG1 1 
ATOM   852  C CG2 . VAL A 1 115 ? -2.090  -9.197  9.128   1.00 14.87 ? 1011 VAL A CG2 1 
ATOM   853  N N   . THR A 1 116 ? -3.772  -12.606 9.849   1.00 17.76 ? 1012 THR A N   1 
ATOM   854  C CA  . THR A 1 116 ? -5.120  -12.788 10.375  1.00 20.78 ? 1012 THR A CA  1 
ATOM   855  C C   . THR A 1 116 ? -5.278  -11.791 11.529  1.00 19.61 ? 1012 THR A C   1 
ATOM   856  O O   . THR A 1 116 ? -4.356  -11.583 12.339  1.00 19.93 ? 1012 THR A O   1 
ATOM   857  C CB  . THR A 1 116 ? -5.388  -14.248 10.898  1.00 25.92 ? 1012 THR A CB  1 
ATOM   858  O OG1 . THR A 1 116 ? -4.515  -14.532 11.992  1.00 33.82 ? 1012 THR A OG1 1 
ATOM   859  C CG2 . THR A 1 116 ? -5.135  -15.291 9.797   1.00 22.09 ? 1012 THR A CG2 1 
ATOM   860  N N   . ILE A 1 117 ? -6.417  -11.122 11.550  1.00 14.56 ? 1013 ILE A N   1 
ATOM   861  C CA  . ILE A 1 117 ? -6.728  -10.159 12.600  1.00 18.26 ? 1013 ILE A CA  1 
ATOM   862  C C   . ILE A 1 117 ? -8.050  -10.583 13.275  1.00 18.80 ? 1013 ILE A C   1 
ATOM   863  O O   . ILE A 1 117 ? -8.866  -11.308 12.686  1.00 18.00 ? 1013 ILE A O   1 
ATOM   864  C CB  . ILE A 1 117 ? -6.905  -8.714  12.029  1.00 16.17 ? 1013 ILE A CB  1 
ATOM   865  C CG1 . ILE A 1 117 ? -8.131  -8.675  11.094  1.00 13.87 ? 1013 ILE A CG1 1 
ATOM   866  C CG2 . ILE A 1 117 ? -5.603  -8.268  11.347  1.00 17.16 ? 1013 ILE A CG2 1 
ATOM   867  C CD1 . ILE A 1 117 ? -8.562  -7.329  10.601  1.00 17.72 ? 1013 ILE A CD1 1 
ATOM   868  N N   . LYS A 1 118 ? -8.249  -10.176 14.518  1.00 17.57 ? 1014 LYS A N   1 
ATOM   869  C CA  . LYS A 1 118 ? -9.497  -10.475 15.186  1.00 11.67 ? 1014 LYS A CA  1 
ATOM   870  C C   . LYS A 1 118 ? -9.999  -9.099  15.551  1.00 13.12 ? 1014 LYS A C   1 
ATOM   871  O O   . LYS A 1 118 ? -9.261  -8.309  16.132  1.00 16.13 ? 1014 LYS A O   1 
ATOM   872  C CB  . LYS A 1 118 ? -9.259  -11.335 16.413  1.00 15.24 ? 1014 LYS A CB  1 
ATOM   873  C CG  . LYS A 1 118 ? -10.549 -11.777 17.090  1.00 18.10 ? 1014 LYS A CG  1 
ATOM   874  C CD  . LYS A 1 118 ? -10.246 -12.589 18.339  1.00 28.05 ? 1014 LYS A CD  1 
ATOM   875  C CE  . LYS A 1 118 ? -11.532 -13.144 18.927  1.00 35.51 ? 1014 LYS A CE  1 
ATOM   876  N NZ  . LYS A 1 118 ? -11.299 -13.756 20.276  1.00 41.30 ? 1014 LYS A NZ  1 
ATOM   877  N N   . ILE A 1 119 ? -11.202 -8.769  15.107  1.00 15.06 ? 1015 ILE A N   1 
ATOM   878  C CA  . ILE A 1 119 ? -11.799 -7.465  15.369  1.00 17.89 ? 1015 ILE A CA  1 
ATOM   879  C C   . ILE A 1 119 ? -13.298 -7.609  15.508  1.00 18.77 ? 1015 ILE A C   1 
ATOM   880  O O   . ILE A 1 119 ? -13.952 -8.221  14.651  1.00 18.55 ? 1015 ILE A O   1 
ATOM   881  C CB  . ILE A 1 119 ? -11.500 -6.456  14.216  1.00 20.39 ? 1015 ILE A CB  1 
ATOM   882  C CG1 . ILE A 1 119 ? -12.251 -5.144  14.486  1.00 20.29 ? 1015 ILE A CG1 1 
ATOM   883  C CG2 . ILE A 1 119 ? -11.846 -7.080  12.817  1.00 19.86 ? 1015 ILE A CG2 1 
ATOM   884  C CD1 . ILE A 1 119 ? -11.863 -4.026  13.587  1.00 22.59 ? 1015 ILE A CD1 1 
ATOM   885  N N   . GLY A 1 120 ? -13.837 -7.055  16.587  1.00 20.58 ? 1016 GLY A N   1 
ATOM   886  C CA  . GLY A 1 120 ? -15.273 -7.151  16.831  1.00 23.94 ? 1016 GLY A CA  1 
ATOM   887  C C   . GLY A 1 120 ? -15.783 -8.593  17.005  1.00 22.68 ? 1016 GLY A C   1 
ATOM   888  O O   . GLY A 1 120 ? -16.936 -8.909  16.671  1.00 22.22 ? 1016 GLY A O   1 
ATOM   889  N N   . GLY A 1 121 ? -14.919 -9.469  17.520  1.00 20.35 ? 1017 GLY A N   1 
ATOM   890  C CA  . GLY A 1 121 ? -15.275 -10.867 17.704  1.00 18.65 ? 1017 GLY A CA  1 
ATOM   891  C C   . GLY A 1 121 ? -15.237 -11.715 16.435  1.00 19.28 ? 1017 GLY A C   1 
ATOM   892  O O   . GLY A 1 121 ? -15.591 -12.890 16.472  1.00 17.41 ? 1017 GLY A O   1 
ATOM   893  N N   . GLN A 1 122 ? -14.788 -11.134 15.317  1.00 16.43 ? 1018 GLN A N   1 
ATOM   894  C CA  . GLN A 1 122 ? -14.725 -11.833 14.027  1.00 14.64 ? 1018 GLN A CA  1 
ATOM   895  C C   . GLN A 1 122 ? -13.283 -11.966 13.581  1.00 15.25 ? 1018 GLN A C   1 
ATOM   896  O O   . GLN A 1 122 ? -12.469 -11.095 13.833  1.00 14.47 ? 1018 GLN A O   1 
ATOM   897  C CB  . GLN A 1 122 ? -15.464 -11.051 12.934  1.00 15.41 ? 1018 GLN A CB  1 
ATOM   898  C CG  . GLN A 1 122 ? -16.941 -10.794 13.162  1.00 20.50 ? 1018 GLN A CG  1 
ATOM   899  C CD  . GLN A 1 122 ? -17.615 -10.280 11.909  1.00 24.28 ? 1018 GLN A CD  1 
ATOM   900  O OE1 . GLN A 1 122 ? -17.938 -11.049 11.000  1.00 33.79 ? 1018 GLN A OE1 1 
ATOM   901  N NE2 . GLN A 1 122 ? -17.791 -8.985  11.822  1.00 26.88 ? 1018 GLN A NE2 1 
ATOM   902  N N   . LEU A 1 123 ? -13.013 -12.999 12.803  1.00 16.99 ? 1019 LEU A N   1 
ATOM   903  C CA  . LEU A 1 123 ? -11.669 -13.251 12.294  1.00 15.72 ? 1019 LEU A CA  1 
ATOM   904  C C   . LEU A 1 123 ? -11.666 -12.866 10.816  1.00 15.07 ? 1019 LEU A C   1 
ATOM   905  O O   . LEU A 1 123 ? -12.618 -13.153 10.112  1.00 16.80 ? 1019 LEU A O   1 
ATOM   906  C CB  . LEU A 1 123 ? -11.333 -14.735 12.447  1.00 14.63 ? 1019 LEU A CB  1 
ATOM   907  C CG  . LEU A 1 123 ? -11.498 -15.313 13.851  1.00 13.81 ? 1019 LEU A CG  1 
ATOM   908  C CD1 . LEU A 1 123 ? -11.271 -16.799 13.826  1.00 14.23 ? 1019 LEU A CD1 1 
ATOM   909  C CD2 . LEU A 1 123 ? -10.538 -14.621 14.782  1.00 10.45 ? 1019 LEU A CD2 1 
ATOM   910  N N   . LYS A 1 124 ? -10.644 -12.148 10.365  1.00 16.88 ? 1020 LYS A N   1 
ATOM   911  C CA  . LYS A 1 124 ? -10.526 -11.745 8.947   1.00 17.32 ? 1020 LYS A CA  1 
ATOM   912  C C   . LYS A 1 124 ? -9.054  -11.783 8.542   1.00 16.24 ? 1020 LYS A C   1 
ATOM   913  O O   . LYS A 1 124 ? -8.193  -11.993 9.385   1.00 17.20 ? 1020 LYS A O   1 
ATOM   914  C CB  . LYS A 1 124 ? -11.074 -10.328 8.737   1.00 18.82 ? 1020 LYS A CB  1 
ATOM   915  C CG  . LYS A 1 124 ? -12.560 -10.182 9.099   1.00 23.59 ? 1020 LYS A CG  1 
ATOM   916  C CD  . LYS A 1 124 ? -13.099 -8.822  8.743   1.00 29.42 ? 1020 LYS A CD  1 
ATOM   917  C CE  . LYS A 1 124 ? -14.622 -8.826  8.712   1.00 34.87 ? 1020 LYS A CE  1 
ATOM   918  N NZ  . LYS A 1 124 ? -15.202 -9.909  7.840   1.00 36.30 ? 1020 LYS A NZ  1 
ATOM   919  N N   . GLU A 1 125 ? -8.775  -11.767 7.248   1.00 17.09 ? 1021 GLU A N   1 
ATOM   920  C CA  . GLU A 1 125 ? -7.383  -11.712 6.808   1.00 17.89 ? 1021 GLU A CA  1 
ATOM   921  C C   . GLU A 1 125 ? -7.221  -10.289 6.285   1.00 17.69 ? 1021 GLU A C   1 
ATOM   922  O O   . GLU A 1 125 ? -8.178  -9.726  5.743   1.00 15.43 ? 1021 GLU A O   1 
ATOM   923  C CB  . GLU A 1 125 ? -7.083  -12.730 5.711   1.00 19.22 ? 1021 GLU A CB  1 
ATOM   924  C CG  . GLU A 1 125 ? -6.520  -14.002 6.258   1.00 30.05 ? 1021 GLU A CG  1 
ATOM   925  C CD  . GLU A 1 125 ? -6.002  -14.949 5.189   1.00 31.92 ? 1021 GLU A CD  1 
ATOM   926  O OE1 . GLU A 1 125 ? -6.807  -15.476 4.389   1.00 37.62 ? 1021 GLU A OE1 1 
ATOM   927  O OE2 . GLU A 1 125 ? -4.782  -15.185 5.174   1.00 38.01 ? 1021 GLU A OE2 1 
ATOM   928  N N   . ALA A 1 126 ? -6.053  -9.694  6.482   1.00 13.34 ? 1022 ALA A N   1 
ATOM   929  C CA  . ALA A 1 126 ? -5.825  -8.338  6.030   1.00 11.31 ? 1022 ALA A CA  1 
ATOM   930  C C   . ALA A 1 126 ? -4.422  -8.144  5.450   1.00 12.45 ? 1022 ALA A C   1 
ATOM   931  O O   . ALA A 1 126 ? -3.501  -8.859  5.784   1.00 11.91 ? 1022 ALA A O   1 
ATOM   932  C CB  . ALA A 1 126 ? -6.072  -7.363  7.186   1.00 13.59 ? 1022 ALA A CB  1 
ATOM   933  N N   . LEU A 1 127 ? -4.254  -7.114  4.644   1.00 13.79 ? 1023 LEU A N   1 
ATOM   934  C CA  . LEU A 1 127 ? -2.971  -6.846  4.010   1.00 18.50 ? 1023 LEU A CA  1 
ATOM   935  C C   . LEU A 1 127 ? -2.159  -5.793  4.763   1.00 16.86 ? 1023 LEU A C   1 
ATOM   936  O O   . LEU A 1 127 ? -2.686  -4.717  5.070   1.00 18.20 ? 1023 LEU A O   1 
ATOM   937  C CB  . LEU A 1 127 ? -3.260  -6.338  2.576   1.00 22.14 ? 1023 LEU A CB  1 
ATOM   938  C CG  . LEU A 1 127 ? -2.249  -6.161  1.431   1.00 22.90 ? 1023 LEU A CG  1 
ATOM   939  C CD1 . LEU A 1 127 ? -1.755  -7.505  0.975   1.00 21.52 ? 1023 LEU A CD1 1 
ATOM   940  C CD2 . LEU A 1 127 ? -2.962  -5.481  0.269   1.00 17.12 ? 1023 LEU A CD2 1 
ATOM   941  N N   . LEU A 1 128 ? -0.906  -6.115  5.088   1.00 12.72 ? 1024 LEU A N   1 
ATOM   942  C CA  . LEU A 1 128 ? 0.007   -5.173  5.737   1.00 15.28 ? 1024 LEU A CA  1 
ATOM   943  C C   . LEU A 1 128 ? 0.325   -4.178  4.630   1.00 18.08 ? 1024 LEU A C   1 
ATOM   944  O O   . LEU A 1 128 ? 1.043   -4.515  3.677   1.00 19.83 ? 1024 LEU A O   1 
ATOM   945  C CB  . LEU A 1 128 ? 1.272   -5.893  6.141   1.00 15.21 ? 1024 LEU A CB  1 
ATOM   946  C CG  . LEU A 1 128 ? 1.355   -6.450  7.556   1.00 21.58 ? 1024 LEU A CG  1 
ATOM   947  C CD1 . LEU A 1 128 ? -0.006  -6.600  8.172   1.00 21.16 ? 1024 LEU A CD1 1 
ATOM   948  C CD2 . LEU A 1 128 ? 2.143   -7.740  7.573   1.00 18.76 ? 1024 LEU A CD2 1 
ATOM   949  N N   . ASP A 1 129 ? -0.160  -2.948  4.758   1.00 14.12 ? 1025 ASP A N   1 
ATOM   950  C CA  . ASP A 1 129 ? 0.005   -1.977  3.691   1.00 8.89  ? 1025 ASP A CA  1 
ATOM   951  C C   . ASP A 1 129 ? 0.740   -0.713  4.093   1.00 12.92 ? 1025 ASP A C   1 
ATOM   952  O O   . ASP A 1 129 ? 0.115   0.226   4.575   1.00 11.82 ? 1025 ASP A O   1 
ATOM   953  C CB  . ASP A 1 129 ? -1.389  -1.627  3.188   1.00 10.46 ? 1025 ASP A CB  1 
ATOM   954  C CG  . ASP A 1 129 ? -1.388  -0.867  1.887   1.00 17.38 ? 1025 ASP A CG  1 
ATOM   955  O OD1 . ASP A 1 129 ? -0.354  -0.404  1.395   1.00 18.69 ? 1025 ASP A OD1 1 
ATOM   956  O OD2 . ASP A 1 129 ? -2.470  -0.728  1.325   1.00 21.26 ? 1025 ASP A OD2 1 
ATOM   957  N N   . THR A 1 130 ? 2.039   -0.649  3.785   1.00 11.88 ? 1026 THR A N   1 
ATOM   958  C CA  . THR A 1 130 ? 2.871   0.508   4.109   1.00 12.19 ? 1026 THR A CA  1 
ATOM   959  C C   . THR A 1 130 ? 2.505   1.757   3.320   1.00 14.44 ? 1026 THR A C   1 
ATOM   960  O O   . THR A 1 130 ? 2.850   2.861   3.716   1.00 18.25 ? 1026 THR A O   1 
ATOM   961  C CB  . THR A 1 130 ? 4.376   0.193   3.934   1.00 13.00 ? 1026 THR A CB  1 
ATOM   962  O OG1 . THR A 1 130 ? 4.673   -0.086  2.558   1.00 12.74 ? 1026 THR A OG1 1 
ATOM   963  C CG2 . THR A 1 130 ? 4.745   -1.042  4.752   1.00 17.37 ? 1026 THR A CG2 1 
ATOM   964  N N   . GLY A 1 131 ? 1.792   1.591   2.213   1.00 14.13 ? 1027 GLY A N   1 
ATOM   965  C CA  . GLY A 1 131 ? 1.386   2.738   1.423   1.00 12.88 ? 1027 GLY A CA  1 
ATOM   966  C C   . GLY A 1 131 ? 0.073   3.380   1.852   1.00 16.02 ? 1027 GLY A C   1 
ATOM   967  O O   . GLY A 1 131 ? -0.358  4.332   1.225   1.00 19.80 ? 1027 GLY A O   1 
ATOM   968  N N   . ALA A 1 132 ? -0.574  2.856   2.896   1.00 15.53 ? 1028 ALA A N   1 
ATOM   969  C CA  . ALA A 1 132 ? -1.845  3.366   3.392   1.00 12.73 ? 1028 ALA A CA  1 
ATOM   970  C C   . ALA A 1 132 ? -1.657  4.081   4.725   1.00 12.85 ? 1028 ALA A C   1 
ATOM   971  O O   . ALA A 1 132 ? -1.061  3.537   5.650   1.00 11.65 ? 1028 ALA A O   1 
ATOM   972  C CB  . ALA A 1 132 ? -2.846  2.198   3.564   1.00 12.48 ? 1028 ALA A CB  1 
ATOM   973  N N   . ASP A 1 133 ? -2.180  5.292   4.840   1.00 11.50 ? 1029 ASP A N   1 
ATOM   974  C CA  . ASP A 1 133 ? -2.059  6.029   6.096   1.00 13.69 ? 1029 ASP A CA  1 
ATOM   975  C C   . ASP A 1 133 ? -3.087  5.517   7.075   1.00 14.88 ? 1029 ASP A C   1 
ATOM   976  O O   . ASP A 1 133 ? -2.827  5.483   8.269   1.00 21.95 ? 1029 ASP A O   1 
ATOM   977  C CB  . ASP A 1 133 ? -2.319  7.514   5.907   1.00 16.48 ? 1029 ASP A CB  1 
ATOM   978  C CG  . ASP A 1 133 ? -1.461  8.136   4.828   1.00 23.96 ? 1029 ASP A CG  1 
ATOM   979  O OD1 . ASP A 1 133 ? -2.033  8.960   4.087   1.00 29.62 ? 1029 ASP A OD1 1 
ATOM   980  O OD2 . ASP A 1 133 ? -0.239  7.840   4.726   1.00 24.02 ? 1029 ASP A OD2 1 
ATOM   981  N N   . ASP A 1 134 ? -4.221  5.056   6.553   1.00 14.53 ? 1030 ASP A N   1 
ATOM   982  C CA  . ASP A 1 134 ? -5.332  4.554   7.370   1.00 17.64 ? 1030 ASP A CA  1 
ATOM   983  C C   . ASP A 1 134 ? -5.625  3.075   7.187   1.00 18.12 ? 1030 ASP A C   1 
ATOM   984  O O   . ASP A 1 134 ? -5.229  2.474   6.194   1.00 17.96 ? 1030 ASP A O   1 
ATOM   985  C CB  . ASP A 1 134 ? -6.594  5.286   6.983   1.00 23.04 ? 1030 ASP A CB  1 
ATOM   986  C CG  . ASP A 1 134 ? -6.463  6.767   7.127   1.00 28.34 ? 1030 ASP A CG  1 
ATOM   987  O OD1 . ASP A 1 134 ? -6.751  7.475   6.140   1.00 31.18 ? 1030 ASP A OD1 1 
ATOM   988  O OD2 . ASP A 1 134 ? -6.056  7.219   8.220   1.00 33.26 ? 1030 ASP A OD2 1 
ATOM   989  N N   . THR A 1 135 ? -6.378  2.512   8.125   1.00 18.10 ? 1031 THR A N   1 
ATOM   990  C CA  . THR A 1 135 ? -6.783  1.107   8.081   1.00 15.97 ? 1031 THR A CA  1 
ATOM   991  C C   . THR A 1 135 ? -8.204  1.133   7.521   1.00 16.11 ? 1031 THR A C   1 
ATOM   992  O O   . THR A 1 135 ? -9.041  1.930   7.954   1.00 18.57 ? 1031 THR A O   1 
ATOM   993  C CB  . THR A 1 135 ? -6.730  0.481   9.499   1.00 11.03 ? 1031 THR A CB  1 
ATOM   994  O OG1 . THR A 1 135 ? -5.370  0.439   9.929   1.00 13.17 ? 1031 THR A OG1 1 
ATOM   995  C CG2 . THR A 1 135 ? -7.320  -0.911  9.535   1.00 9.32  ? 1031 THR A CG2 1 
ATOM   996  N N   . VAL A 1 136 ? -8.461  0.331   6.501   1.00 16.50 ? 1032 VAL A N   1 
ATOM   997  C CA  . VAL A 1 136 ? -9.788  0.294   5.908   1.00 17.95 ? 1032 VAL A CA  1 
ATOM   998  C C   . VAL A 1 136 ? -10.225 -1.167  5.713   1.00 18.95 ? 1032 VAL A C   1 
ATOM   999  O O   . VAL A 1 136 ? -9.502  -1.978  5.129   1.00 18.99 ? 1032 VAL A O   1 
ATOM   1000 C CB  . VAL A 1 136 ? -9.837  1.106   4.572   1.00 20.82 ? 1032 VAL A CB  1 
ATOM   1001 C CG1 . VAL A 1 136 ? -8.965  0.473   3.554   1.00 27.16 ? 1032 VAL A CG1 1 
ATOM   1002 C CG2 . VAL A 1 136 ? -11.247 1.205   4.036   1.00 20.17 ? 1032 VAL A CG2 1 
ATOM   1003 N N   . LEU A 1 137 ? -11.394 -1.499  6.256   1.00 15.72 ? 1033 LEU A N   1 
ATOM   1004 C CA  . LEU A 1 137 ? -11.946 -2.824  6.168   1.00 15.37 ? 1033 LEU A CA  1 
ATOM   1005 C C   . LEU A 1 137 ? -13.263 -2.845  5.402   1.00 16.14 ? 1033 LEU A C   1 
ATOM   1006 O O   . LEU A 1 137 ? -14.017 -1.878  5.380   1.00 16.37 ? 1033 LEU A O   1 
ATOM   1007 C CB  . LEU A 1 137 ? -12.158 -3.382  7.574   1.00 18.51 ? 1033 LEU A CB  1 
ATOM   1008 C CG  . LEU A 1 137 ? -11.001 -3.276  8.569   1.00 25.43 ? 1033 LEU A CG  1 
ATOM   1009 C CD1 . LEU A 1 137 ? -11.504 -3.730  9.917   1.00 28.09 ? 1033 LEU A CD1 1 
ATOM   1010 C CD2 . LEU A 1 137 ? -9.796  -4.100  8.155   1.00 20.88 ? 1033 LEU A CD2 1 
ATOM   1011 N N   . GLU A 1 138 ? -13.481 -3.942  4.700   1.00 20.53 ? 1034 GLU A N   1 
ATOM   1012 C CA  . GLU A 1 138 ? -14.697 -4.170  3.945   1.00 25.80 ? 1034 GLU A CA  1 
ATOM   1013 C C   . GLU A 1 138 ? -15.866 -4.048  4.939   1.00 30.00 ? 1034 GLU A C   1 
ATOM   1014 O O   . GLU A 1 138 ? -15.659 -4.106  6.158   1.00 29.03 ? 1034 GLU A O   1 
ATOM   1015 C CB  . GLU A 1 138 ? -14.633 -5.576  3.372   1.00 28.99 ? 1034 GLU A CB  1 
ATOM   1016 C CG  . GLU A 1 138 ? -14.485 -6.639  4.468   1.00 45.75 ? 1034 GLU A CG  1 
ATOM   1017 C CD  . GLU A 1 138 ? -14.023 -8.011  3.966   1.00 54.21 ? 1034 GLU A CD  1 
ATOM   1018 O OE1 . GLU A 1 138 ? -14.284 -9.016  4.684   1.00 53.14 ? 1034 GLU A OE1 1 
ATOM   1019 O OE2 . GLU A 1 138 ? -13.385 -8.078  2.878   1.00 58.69 ? 1034 GLU A OE2 1 
ATOM   1020 N N   . GLU A 1 139 ? -17.090 -3.898  4.439   1.00 31.82 ? 1035 GLU A N   1 
ATOM   1021 C CA  . GLU A 1 139 ? -18.250 -3.756  5.316   1.00 33.43 ? 1035 GLU A CA  1 
ATOM   1022 C C   . GLU A 1 139 ? -18.396 -4.923  6.293   1.00 32.04 ? 1035 GLU A C   1 
ATOM   1023 O O   . GLU A 1 139 ? -18.349 -6.093  5.908   1.00 27.63 ? 1035 GLU A O   1 
ATOM   1024 C CB  . GLU A 1 139 ? -19.534 -3.579  4.498   1.00 39.65 ? 1035 GLU A CB  1 
ATOM   1025 C CG  . GLU A 1 139 ? -20.365 -2.354  4.899   1.00 48.24 ? 1035 GLU A CG  1 
ATOM   1026 C CD  . GLU A 1 139 ? -20.870 -2.419  6.347   1.00 56.74 ? 1035 GLU A CD  1 
ATOM   1027 O OE1 . GLU A 1 139 ? -21.733 -3.291  6.650   1.00 62.67 ? 1035 GLU A OE1 1 
ATOM   1028 O OE2 . GLU A 1 139 ? -20.410 -1.600  7.182   1.00 57.16 ? 1035 GLU A OE2 1 
ATOM   1029 N N   . MET A 1 140 ? -18.548 -4.593  7.568   1.00 32.33 ? 1036 MET A N   1 
ATOM   1030 C CA  . MET A 1 140 ? -18.697 -5.610  8.603   1.00 35.10 ? 1036 MET A CA  1 
ATOM   1031 C C   . MET A 1 140 ? -19.453 -5.016  9.785   1.00 37.49 ? 1036 MET A C   1 
ATOM   1032 O O   . MET A 1 140 ? -19.594 -3.789  9.885   1.00 36.29 ? 1036 MET A O   1 
ATOM   1033 C CB  . MET A 1 140 ? -17.335 -6.102  9.078   1.00 30.96 ? 1036 MET A CB  1 
ATOM   1034 C CG  . MET A 1 140 ? -16.573 -5.051  9.828   1.00 32.94 ? 1036 MET A CG  1 
ATOM   1035 S SD  . MET A 1 140 ? -15.097 -5.768  10.418  1.00 39.96 ? 1036 MET A SD  1 
ATOM   1036 C CE  . MET A 1 140 ? -15.664 -6.795  11.858  1.00 34.08 ? 1036 MET A CE  1 
ATOM   1037 N N   . SER A 1 141 ? -19.884 -5.906  10.685  1.00 40.56 ? 1037 SER A N   1 
ATOM   1038 C CA  . SER A 1 141 ? -20.650 -5.569  11.880  1.00 40.49 ? 1037 SER A CA  1 
ATOM   1039 C C   . SER A 1 141 ? -19.763 -5.093  13.005  1.00 39.95 ? 1037 SER A C   1 
ATOM   1040 O O   . SER A 1 141 ? -19.130 -5.889  13.697  1.00 36.97 ? 1037 SER A O   1 
ATOM   1041 C CB  . SER A 1 141 ? -21.476 -6.781  12.339  1.00 44.32 ? 1037 SER A CB  1 
ATOM   1042 O OG  . SER A 1 141 ? -21.982 -6.620  13.659  1.00 49.44 ? 1037 SER A OG  1 
ATOM   1043 N N   . LEU A 1 142 ? -19.742 -3.779  13.181  1.00 42.26 ? 1038 LEU A N   1 
ATOM   1044 C CA  . LEU A 1 142 ? -18.954 -3.140  14.221  1.00 44.38 ? 1038 LEU A CA  1 
ATOM   1045 C C   . LEU A 1 142 ? -19.919 -2.297  15.064  1.00 47.77 ? 1038 LEU A C   1 
ATOM   1046 O O   . LEU A 1 142 ? -20.819 -1.630  14.536  1.00 49.91 ? 1038 LEU A O   1 
ATOM   1047 C CB  . LEU A 1 142 ? -17.861 -2.270  13.589  1.00 41.32 ? 1038 LEU A CB  1 
ATOM   1048 C CG  . LEU A 1 142 ? -16.408 -2.564  13.942  1.00 37.58 ? 1038 LEU A CG  1 
ATOM   1049 C CD1 . LEU A 1 142 ? -16.208 -4.034  14.218  1.00 34.61 ? 1038 LEU A CD1 1 
ATOM   1050 C CD2 . LEU A 1 142 ? -15.520 -2.082  12.821  1.00 35.32 ? 1038 LEU A CD2 1 
ATOM   1051 N N   . PRO A 1 143 ? -19.792 -2.387  16.390  1.00 46.82 ? 1039 PRO A N   1 
ATOM   1052 C CA  . PRO A 1 143 ? -20.643 -1.647  17.313  1.00 47.50 ? 1039 PRO A CA  1 
ATOM   1053 C C   . PRO A 1 143 ? -20.191 -0.228  17.584  1.00 47.69 ? 1039 PRO A C   1 
ATOM   1054 O O   . PRO A 1 143 ? -19.008 0.095   17.486  1.00 48.49 ? 1039 PRO A O   1 
ATOM   1055 C CB  . PRO A 1 143 ? -20.524 -2.468  18.581  1.00 49.39 ? 1039 PRO A CB  1 
ATOM   1056 C CG  . PRO A 1 143 ? -19.056 -2.874  18.545  1.00 49.23 ? 1039 PRO A CG  1 
ATOM   1057 C CD  . PRO A 1 143 ? -18.911 -3.326  17.113  1.00 47.75 ? 1039 PRO A CD  1 
ATOM   1058 N N   . GLY A 1 144 ? -21.143 0.608   17.971  1.00 46.97 ? 1040 GLY A N   1 
ATOM   1059 C CA  . GLY A 1 144 ? -20.810 1.971   18.311  1.00 47.75 ? 1040 GLY A CA  1 
ATOM   1060 C C   . GLY A 1 144 ? -21.240 3.034   17.334  1.00 48.94 ? 1040 GLY A C   1 
ATOM   1061 O O   . GLY A 1 144 ? -21.960 2.782   16.360  1.00 47.09 ? 1040 GLY A O   1 
ATOM   1062 N N   . ARG A 1 145 ? -20.822 4.250   17.656  1.00 50.56 ? 1041 ARG A N   1 
ATOM   1063 C CA  . ARG A 1 145 ? -21.104 5.433   16.864  1.00 53.61 ? 1041 ARG A CA  1 
ATOM   1064 C C   . ARG A 1 145 ? -19.929 5.558   15.896  1.00 50.72 ? 1041 ARG A C   1 
ATOM   1065 O O   . ARG A 1 145 ? -18.789 5.230   16.238  1.00 49.43 ? 1041 ARG A O   1 
ATOM   1066 C CB  . ARG A 1 145 ? -21.154 6.645   17.793  1.00 59.66 ? 1041 ARG A CB  1 
ATOM   1067 C CG  . ARG A 1 145 ? -22.012 7.816   17.341  1.00 69.67 ? 1041 ARG A CG  1 
ATOM   1068 C CD  . ARG A 1 145 ? -21.882 8.997   18.328  1.00 77.78 ? 1041 ARG A CD  1 
ATOM   1069 N NE  . ARG A 1 145 ? -22.120 8.608   19.725  1.00 84.10 ? 1041 ARG A NE  1 
ATOM   1070 C CZ  . ARG A 1 145 ? -21.162 8.388   20.628  1.00 86.50 ? 1041 ARG A CZ  1 
ATOM   1071 N NH1 . ARG A 1 145 ? -19.880 8.520   20.303  1.00 87.32 ? 1041 ARG A NH1 1 
ATOM   1072 N NH2 . ARG A 1 145 ? -21.484 8.006   21.856  1.00 88.16 ? 1041 ARG A NH2 1 
ATOM   1073 N N   . TRP A 1 146 ? -20.206 6.039   14.699  1.00 48.68 ? 1042 TRP A N   1 
ATOM   1074 C CA  . TRP A 1 146 ? -19.177 6.188   13.690  1.00 48.46 ? 1042 TRP A CA  1 
ATOM   1075 C C   . TRP A 1 146 ? -19.448 7.463   12.910  1.00 49.83 ? 1042 TRP A C   1 
ATOM   1076 O O   . TRP A 1 146 ? -20.592 7.926   12.857  1.00 52.26 ? 1042 TRP A O   1 
ATOM   1077 C CB  . TRP A 1 146 ? -19.241 5.004   12.744  1.00 47.22 ? 1042 TRP A CB  1 
ATOM   1078 C CG  . TRP A 1 146 ? -20.588 4.841   12.139  1.00 48.96 ? 1042 TRP A CG  1 
ATOM   1079 C CD1 . TRP A 1 146 ? -21.571 4.014   12.569  1.00 49.75 ? 1042 TRP A CD1 1 
ATOM   1080 C CD2 . TRP A 1 146 ? -21.109 5.528   10.991  1.00 50.86 ? 1042 TRP A CD2 1 
ATOM   1081 N NE1 . TRP A 1 146 ? -22.674 4.134   11.763  1.00 52.08 ? 1042 TRP A NE1 1 
ATOM   1082 C CE2 . TRP A 1 146 ? -22.420 5.059   10.786  1.00 52.41 ? 1042 TRP A CE2 1 
ATOM   1083 C CE3 . TRP A 1 146 ? -20.593 6.494   10.114  1.00 54.04 ? 1042 TRP A CE3 1 
ATOM   1084 C CZ2 . TRP A 1 146 ? -23.234 5.523   9.736   1.00 56.17 ? 1042 TRP A CZ2 1 
ATOM   1085 C CZ3 . TRP A 1 146 ? -21.401 6.956   9.067   1.00 55.53 ? 1042 TRP A CZ3 1 
ATOM   1086 C CH2 . TRP A 1 146 ? -22.706 6.471   8.890   1.00 55.96 ? 1042 TRP A CH2 1 
ATOM   1087 N N   . LYS A 1 147 ? -18.421 8.000   12.260  1.00 47.10 ? 1043 LYS A N   1 
ATOM   1088 C CA  . LYS A 1 147 ? -18.585 9.216   11.477  1.00 45.00 ? 1043 LYS A CA  1 
ATOM   1089 C C   . LYS A 1 147 ? -18.282 8.968   10.009  1.00 43.81 ? 1043 LYS A C   1 
ATOM   1090 O O   . LYS A 1 147 ? -17.391 8.195   9.688   1.00 44.36 ? 1043 LYS A O   1 
ATOM   1091 C CB  . LYS A 1 147 ? -17.672 10.313  12.018  1.00 41.79 ? 1043 LYS A CB  1 
ATOM   1092 C CG  . LYS A 1 147 ? -18.088 10.811  13.378  1.00 44.85 ? 1043 LYS A CG  1 
ATOM   1093 C CD  . LYS A 1 147 ? -17.147 11.858  13.894  1.00 48.56 ? 1043 LYS A CD  1 
ATOM   1094 C CE  . LYS A 1 147 ? -15.759 11.284  14.172  1.00 51.96 ? 1043 LYS A CE  1 
ATOM   1095 N NZ  . LYS A 1 147 ? -15.734 10.315  15.305  1.00 55.35 ? 1043 LYS A NZ  1 
ATOM   1096 N N   . PRO A 1 148 ? -19.094 9.531   9.098   1.00 43.49 ? 1044 PRO A N   1 
ATOM   1097 C CA  . PRO A 1 148 ? -18.840 9.334   7.667   1.00 43.19 ? 1044 PRO A CA  1 
ATOM   1098 C C   . PRO A 1 148 ? -17.536 10.062  7.345   1.00 45.06 ? 1044 PRO A C   1 
ATOM   1099 O O   . PRO A 1 148 ? -17.214 11.074  7.983   1.00 47.53 ? 1044 PRO A O   1 
ATOM   1100 C CB  . PRO A 1 148 ? -20.020 10.047  7.008   1.00 41.86 ? 1044 PRO A CB  1 
ATOM   1101 C CG  . PRO A 1 148 ? -21.093 9.979   8.029   1.00 40.25 ? 1044 PRO A CG  1 
ATOM   1102 C CD  . PRO A 1 148 ? -20.341 10.287  9.301   1.00 42.91 ? 1044 PRO A CD  1 
ATOM   1103 N N   . LYS A 1 149 ? -16.797 9.559   6.356   1.00 45.01 ? 1045 LYS A N   1 
ATOM   1104 C CA  . LYS A 1 149 ? -15.529 10.154  5.950   1.00 40.11 ? 1045 LYS A CA  1 
ATOM   1105 C C   . LYS A 1 149 ? -15.263 9.763   4.496   1.00 38.87 ? 1045 LYS A C   1 
ATOM   1106 O O   . LYS A 1 149 ? -15.787 8.759   4.007   1.00 37.88 ? 1045 LYS A O   1 
ATOM   1107 C CB  . LYS A 1 149 ? -14.418 9.652   6.866   1.00 41.50 ? 1045 LYS A CB  1 
ATOM   1108 C CG  . LYS A 1 149 ? -13.044 10.237  6.612   1.00 45.67 ? 1045 LYS A CG  1 
ATOM   1109 C CD  . LYS A 1 149 ? -11.988 9.473   7.422   1.00 49.56 ? 1045 LYS A CD  1 
ATOM   1110 C CE  . LYS A 1 149 ? -10.567 9.946   7.126   1.00 50.84 ? 1045 LYS A CE  1 
ATOM   1111 N NZ  . LYS A 1 149 ? -9.539  9.181   7.918   1.00 55.76 ? 1045 LYS A NZ  1 
ATOM   1112 N N   . MET A 1 150 ? -14.532 10.606  3.781   1.00 38.61 ? 1046 MET A N   1 
ATOM   1113 C CA  . MET A 1 150 ? -14.218 10.333  2.385   1.00 39.68 ? 1046 MET A CA  1 
ATOM   1114 C C   . MET A 1 150 ? -12.736 10.094  2.304   1.00 37.55 ? 1046 MET A C   1 
ATOM   1115 O O   . MET A 1 150 ? -11.969 10.902  2.828   1.00 39.56 ? 1046 MET A O   1 
ATOM   1116 C CB  . MET A 1 150 ? -14.512 11.548  1.493   1.00 46.78 ? 1046 MET A CB  1 
ATOM   1117 C CG  . MET A 1 150 ? -15.851 12.223  1.720   1.00 53.81 ? 1046 MET A CG  1 
ATOM   1118 S SD  . MET A 1 150 ? -17.155 11.072  1.364   1.00 60.82 ? 1046 MET A SD  1 
ATOM   1119 C CE  . MET A 1 150 ? -17.199 11.244  -0.363  1.00 59.31 ? 1046 MET A CE  1 
ATOM   1120 N N   . ILE A 1 151 ? -12.330 8.967   1.725   1.00 34.30 ? 1047 ILE A N   1 
ATOM   1121 C CA  . ILE A 1 151 ? -10.909 8.698   1.535   1.00 30.30 ? 1047 ILE A CA  1 
ATOM   1122 C C   . ILE A 1 151 ? -10.695 8.452   0.060   1.00 28.19 ? 1047 ILE A C   1 
ATOM   1123 O O   . ILE A 1 151 ? -11.566 7.933   -0.643  1.00 26.88 ? 1047 ILE A O   1 
ATOM   1124 C CB  . ILE A 1 151 ? -10.340 7.516   2.376   1.00 29.65 ? 1047 ILE A CB  1 
ATOM   1125 C CG1 . ILE A 1 151 ? -10.801 6.163   1.854   1.00 33.18 ? 1047 ILE A CG1 1 
ATOM   1126 C CG2 . ILE A 1 151 ? -10.729 7.660   3.832   1.00 34.69 ? 1047 ILE A CG2 1 
ATOM   1127 C CD1 . ILE A 1 151 ? -10.023 4.988   2.479   1.00 34.02 ? 1047 ILE A CD1 1 
ATOM   1128 N N   . GLY A 1 152 ? -9.551  8.899   -0.419  1.00 28.81 ? 1048 GLY A N   1 
ATOM   1129 C CA  . GLY A 1 152 ? -9.221  8.729   -1.815  1.00 31.96 ? 1048 GLY A CA  1 
ATOM   1130 C C   . GLY A 1 152 ? -8.192  7.636   -2.011  1.00 32.74 ? 1048 GLY A C   1 
ATOM   1131 O O   . GLY A 1 152 ? -7.482  7.253   -1.076  1.00 35.39 ? 1048 GLY A O   1 
ATOM   1132 N N   . GLY A 1 153 ? -8.094  7.162   -3.245  1.00 34.47 ? 1049 GLY A N   1 
ATOM   1133 C CA  . GLY A 1 153 ? -7.157  6.109   -3.582  1.00 34.17 ? 1049 GLY A CA  1 
ATOM   1134 C C   . GLY A 1 153 ? -6.935  6.159   -5.068  1.00 33.26 ? 1049 GLY A C   1 
ATOM   1135 O O   . GLY A 1 153 ? -7.349  7.120   -5.715  1.00 32.54 ? 1049 GLY A O   1 
ATOM   1136 N N   . ILE A 1 154 ? -6.371  5.094   -5.623  1.00 33.95 ? 1050 ILE A N   1 
ATOM   1137 C CA  . ILE A 1 154 ? -6.100  5.057   -7.042  1.00 37.78 ? 1050 ILE A CA  1 
ATOM   1138 C C   . ILE A 1 154 ? -7.285  5.284   -7.953  1.00 39.31 ? 1050 ILE A C   1 
ATOM   1139 O O   . ILE A 1 154 ? -7.206  6.100   -8.877  1.00 46.88 ? 1050 ILE A O   1 
ATOM   1140 C CB  . ILE A 1 154 ? -5.331  3.800   -7.434  1.00 38.17 ? 1050 ILE A CB  1 
ATOM   1141 C CG1 . ILE A 1 154 ? -3.891  4.205   -7.702  1.00 38.21 ? 1050 ILE A CG1 1 
ATOM   1142 C CG2 . ILE A 1 154 ? -5.945  3.110   -8.657  1.00 40.71 ? 1050 ILE A CG2 1 
ATOM   1143 C CD1 . ILE A 1 154 ? -3.292  5.024   -6.553  1.00 42.85 ? 1050 ILE A CD1 1 
ATOM   1144 N N   . GLY A 1 155 ? -8.391  4.607   -7.701  1.00 38.24 ? 1051 GLY A N   1 
ATOM   1145 C CA  . GLY A 1 155 ? -9.528  4.806   -8.574  1.00 37.31 ? 1051 GLY A CA  1 
ATOM   1146 C C   . GLY A 1 155 ? -10.353 6.042   -8.261  1.00 37.65 ? 1051 GLY A C   1 
ATOM   1147 O O   . GLY A 1 155 ? -11.279 6.358   -8.988  1.00 37.84 ? 1051 GLY A O   1 
ATOM   1148 N N   . GLY A 1 156 ? -10.026 6.749   -7.186  1.00 39.65 ? 1052 GLY A N   1 
ATOM   1149 C CA  . GLY A 1 156 ? -10.791 7.925   -6.818  1.00 36.68 ? 1052 GLY A CA  1 
ATOM   1150 C C   . GLY A 1 156 ? -11.104 7.841   -5.345  1.00 36.14 ? 1052 GLY A C   1 
ATOM   1151 O O   . GLY A 1 156 ? -10.328 7.259   -4.596  1.00 34.60 ? 1052 GLY A O   1 
ATOM   1152 N N   . PHE A 1 157 ? -12.280 8.303   -4.941  1.00 37.19 ? 1053 PHE A N   1 
ATOM   1153 C CA  . PHE A 1 157 ? -12.635 8.298   -3.521  1.00 39.76 ? 1053 PHE A CA  1 
ATOM   1154 C C   . PHE A 1 157 ? -13.814 7.419   -3.129  1.00 38.25 ? 1053 PHE A C   1 
ATOM   1155 O O   . PHE A 1 157 ? -14.635 7.033   -3.971  1.00 38.58 ? 1053 PHE A O   1 
ATOM   1156 C CB  . PHE A 1 157 ? -12.923 9.724   -3.049  1.00 43.99 ? 1053 PHE A CB  1 
ATOM   1157 C CG  . PHE A 1 157 ? -14.203 10.310  -3.607  1.00 55.38 ? 1053 PHE A CG  1 
ATOM   1158 C CD1 . PHE A 1 157 ? -15.017 11.120  -2.812  1.00 61.37 ? 1053 PHE A CD1 1 
ATOM   1159 C CD2 . PHE A 1 157 ? -14.568 10.108  -4.941  1.00 60.05 ? 1053 PHE A CD2 1 
ATOM   1160 C CE1 . PHE A 1 157 ? -16.176 11.731  -3.341  1.00 62.68 ? 1053 PHE A CE1 1 
ATOM   1161 C CE2 . PHE A 1 157 ? -15.724 10.710  -5.479  1.00 61.60 ? 1053 PHE A CE2 1 
ATOM   1162 C CZ  . PHE A 1 157 ? -16.524 11.525  -4.674  1.00 62.72 ? 1053 PHE A CZ  1 
ATOM   1163 N N   . ILE A 1 158 ? -13.915 7.134   -1.835  1.00 32.83 ? 1054 ILE A N   1 
ATOM   1164 C CA  . ILE A 1 158 ? -15.034 6.342   -1.315  1.00 32.50 ? 1054 ILE A CA  1 
ATOM   1165 C C   . ILE A 1 158 ? -15.501 6.934   0.015   1.00 30.13 ? 1054 ILE A C   1 
ATOM   1166 O O   . ILE A 1 158 ? -14.727 7.619   0.687   1.00 29.00 ? 1054 ILE A O   1 
ATOM   1167 C CB  . ILE A 1 158 ? -14.665 4.830   -1.067  1.00 31.45 ? 1054 ILE A CB  1 
ATOM   1168 C CG1 . ILE A 1 158 ? -13.564 4.689   -0.007  1.00 26.04 ? 1054 ILE A CG1 1 
ATOM   1169 C CG2 . ILE A 1 158 ? -14.319 4.135   -2.391  1.00 33.75 ? 1054 ILE A CG2 1 
ATOM   1170 C CD1 . ILE A 1 158 ? -13.462 3.317   0.528   1.00 24.33 ? 1054 ILE A CD1 1 
ATOM   1171 N N   . LYS A 1 159 ? -16.765 6.722   0.369   1.00 29.47 ? 1055 LYS A N   1 
ATOM   1172 C CA  . LYS A 1 159 ? -17.250 7.203   1.660   1.00 31.61 ? 1055 LYS A CA  1 
ATOM   1173 C C   . LYS A 1 159 ? -17.151 5.987   2.570   1.00 28.01 ? 1055 LYS A C   1 
ATOM   1174 O O   . LYS A 1 159 ? -17.589 4.880   2.210   1.00 22.06 ? 1055 LYS A O   1 
ATOM   1175 C CB  . LYS A 1 159 ? -18.705 7.678   1.612   1.00 38.44 ? 1055 LYS A CB  1 
ATOM   1176 C CG  . LYS A 1 159 ? -19.149 8.326   2.942   1.00 48.38 ? 1055 LYS A CG  1 
ATOM   1177 C CD  . LYS A 1 159 ? -20.658 8.154   3.246   1.00 53.02 ? 1055 LYS A CD  1 
ATOM   1178 C CE  . LYS A 1 159 ? -20.934 6.949   4.163   1.00 53.03 ? 1055 LYS A CE  1 
ATOM   1179 N NZ  . LYS A 1 159 ? -20.461 7.177   5.559   1.00 50.82 ? 1055 LYS A NZ  1 
ATOM   1180 N N   . VAL A 1 160 ? -16.537 6.185   3.726   1.00 26.73 ? 1056 VAL A N   1 
ATOM   1181 C CA  . VAL A 1 160 ? -16.364 5.108   4.681   1.00 26.87 ? 1056 VAL A CA  1 
ATOM   1182 C C   . VAL A 1 160 ? -16.927 5.575   6.021   1.00 28.69 ? 1056 VAL A C   1 
ATOM   1183 O O   . VAL A 1 160 ? -17.137 6.775   6.221   1.00 31.26 ? 1056 VAL A O   1 
ATOM   1184 C CB  . VAL A 1 160 ? -14.866 4.784   4.841   1.00 22.13 ? 1056 VAL A CB  1 
ATOM   1185 C CG1 . VAL A 1 160 ? -14.306 4.241   3.555   1.00 23.81 ? 1056 VAL A CG1 1 
ATOM   1186 C CG2 . VAL A 1 160 ? -14.113 6.014   5.229   1.00 19.86 ? 1056 VAL A CG2 1 
ATOM   1187 N N   . ARG A 1 161 ? -17.208 4.628   6.913   1.00 28.75 ? 1057 ARG A N   1 
ATOM   1188 C CA  . ARG A 1 161 ? -17.700 4.932   8.255   1.00 28.47 ? 1057 ARG A CA  1 
ATOM   1189 C C   . ARG A 1 161 ? -16.461 4.906   9.128   1.00 27.60 ? 1057 ARG A C   1 
ATOM   1190 O O   . ARG A 1 161 ? -15.662 3.963   9.058   1.00 30.17 ? 1057 ARG A O   1 
ATOM   1191 C CB  . ARG A 1 161 ? -18.664 3.849   8.715   1.00 31.08 ? 1057 ARG A CB  1 
ATOM   1192 C CG  . ARG A 1 161 ? -19.978 3.879   8.007   1.00 36.48 ? 1057 ARG A CG  1 
ATOM   1193 C CD  . ARG A 1 161 ? -20.713 2.583   8.180   1.00 46.23 ? 1057 ARG A CD  1 
ATOM   1194 N NE  . ARG A 1 161 ? -20.229 1.569   7.241   1.00 59.71 ? 1057 ARG A NE  1 
ATOM   1195 C CZ  . ARG A 1 161 ? -20.213 1.705   5.910   1.00 63.38 ? 1057 ARG A CZ  1 
ATOM   1196 N NH1 . ARG A 1 161 ? -20.652 2.821   5.328   1.00 65.73 ? 1057 ARG A NH1 1 
ATOM   1197 N NH2 . ARG A 1 161 ? -19.768 0.710   5.149   1.00 65.03 ? 1057 ARG A NH2 1 
ATOM   1198 N N   . GLN A 1 162 ? -16.284 5.915   9.956   1.00 22.48 ? 1058 GLN A N   1 
ATOM   1199 C CA  . GLN A 1 162 ? -15.119 5.958   10.804  1.00 23.45 ? 1058 GLN A CA  1 
ATOM   1200 C C   . GLN A 1 162 ? -15.418 5.603   12.275  1.00 29.24 ? 1058 GLN A C   1 
ATOM   1201 O O   . GLN A 1 162 ? -16.238 6.260   12.931  1.00 29.40 ? 1058 GLN A O   1 
ATOM   1202 C CB  . GLN A 1 162 ? -14.486 7.323   10.711  1.00 20.29 ? 1058 GLN A CB  1 
ATOM   1203 C CG  . GLN A 1 162 ? -13.292 7.463   11.613  1.00 26.41 ? 1058 GLN A CG  1 
ATOM   1204 C CD  . GLN A 1 162 ? -12.693 8.832   11.533  1.00 28.27 ? 1058 GLN A CD  1 
ATOM   1205 O OE1 . GLN A 1 162 ? -12.895 9.555   10.555  1.00 33.25 ? 1058 GLN A OE1 1 
ATOM   1206 N NE2 . GLN A 1 162 ? -11.949 9.212   12.564  1.00 31.88 ? 1058 GLN A NE2 1 
ATOM   1207 N N   . TYR A 1 163 ? -14.748 4.560   12.773  1.00 29.91 ? 1059 TYR A N   1 
ATOM   1208 C CA  . TYR A 1 163 ? -14.891 4.071   14.153  1.00 27.35 ? 1059 TYR A CA  1 
ATOM   1209 C C   . TYR A 1 163 ? -13.559 4.334   14.825  1.00 27.13 ? 1059 TYR A C   1 
ATOM   1210 O O   . TYR A 1 163 ? -12.506 4.037   14.268  1.00 28.14 ? 1059 TYR A O   1 
ATOM   1211 C CB  . TYR A 1 163 ? -15.171 2.557   14.189  1.00 26.15 ? 1059 TYR A CB  1 
ATOM   1212 C CG  . TYR A 1 163 ? -16.546 2.094   13.709  1.00 27.42 ? 1059 TYR A CG  1 
ATOM   1213 C CD1 . TYR A 1 163 ? -16.800 1.897   12.351  1.00 27.06 ? 1059 TYR A CD1 1 
ATOM   1214 C CD2 . TYR A 1 163 ? -17.581 1.806   14.622  1.00 27.69 ? 1059 TYR A CD2 1 
ATOM   1215 C CE1 . TYR A 1 163 ? -18.039 1.426   11.902  1.00 30.62 ? 1059 TYR A CE1 1 
ATOM   1216 C CE2 . TYR A 1 163 ? -18.837 1.330   14.186  1.00 25.42 ? 1059 TYR A CE2 1 
ATOM   1217 C CZ  . TYR A 1 163 ? -19.056 1.142   12.824  1.00 30.19 ? 1059 TYR A CZ  1 
ATOM   1218 O OH  . TYR A 1 163 ? -20.250 0.637   12.343  1.00 27.83 ? 1059 TYR A OH  1 
ATOM   1219 N N   . ASP A 1 164 ? -13.595 4.913   16.013  1.00 27.13 ? 1060 ASP A N   1 
ATOM   1220 C CA  . ASP A 1 164 ? -12.374 5.230   16.729  1.00 27.70 ? 1060 ASP A CA  1 
ATOM   1221 C C   . ASP A 1 164 ? -12.277 4.320   17.919  1.00 26.20 ? 1060 ASP A C   1 
ATOM   1222 O O   . ASP A 1 164 ? -13.277 3.751   18.340  1.00 25.68 ? 1060 ASP A O   1 
ATOM   1223 C CB  . ASP A 1 164 ? -12.395 6.688   17.224  1.00 33.87 ? 1060 ASP A CB  1 
ATOM   1224 C CG  . ASP A 1 164 ? -12.571 7.710   16.091  1.00 39.11 ? 1060 ASP A CG  1 
ATOM   1225 O OD1 . ASP A 1 164 ? -12.804 8.897   16.406  1.00 45.32 ? 1060 ASP A OD1 1 
ATOM   1226 O OD2 . ASP A 1 164 ? -12.477 7.344   14.895  1.00 42.35 ? 1060 ASP A OD2 1 
ATOM   1227 N N   . GLN A 1 165 ? -11.077 4.199   18.467  1.00 24.91 ? 1061 GLN A N   1 
ATOM   1228 C CA  . GLN A 1 165 ? -10.854 3.390   19.640  1.00 24.49 ? 1061 GLN A CA  1 
ATOM   1229 C C   . GLN A 1 165 ? -11.316 1.956   19.471  1.00 23.51 ? 1061 GLN A C   1 
ATOM   1230 O O   . GLN A 1 165 ? -11.942 1.391   20.365  1.00 21.91 ? 1061 GLN A O   1 
ATOM   1231 C CB  . GLN A 1 165 ? -11.562 4.017   20.838  1.00 33.24 ? 1061 GLN A CB  1 
ATOM   1232 C CG  . GLN A 1 165 ? -11.331 5.508   21.006  1.00 47.32 ? 1061 GLN A CG  1 
ATOM   1233 C CD  . GLN A 1 165 ? -9.863  5.855   21.177  1.00 57.07 ? 1061 GLN A CD  1 
ATOM   1234 O OE1 . GLN A 1 165 ? -9.073  5.802   20.213  1.00 59.46 ? 1061 GLN A OE1 1 
ATOM   1235 N NE2 . GLN A 1 165 ? -9.481  6.218   22.405  1.00 60.11 ? 1061 GLN A NE2 1 
ATOM   1236 N N   . ILE A 1 166 ? -11.032 1.369   18.316  1.00 23.24 ? 1062 ILE A N   1 
ATOM   1237 C CA  . ILE A 1 166 ? -11.410 -0.019  18.050  1.00 21.66 ? 1062 ILE A CA  1 
ATOM   1238 C C   . ILE A 1 166 ? -10.224 -0.954  18.354  1.00 19.89 ? 1062 ILE A C   1 
ATOM   1239 O O   . ILE A 1 166 ? -9.108  -0.672  17.952  1.00 19.82 ? 1062 ILE A O   1 
ATOM   1240 C CB  . ILE A 1 166 ? -11.836 -0.214  16.556  1.00 23.52 ? 1062 ILE A CB  1 
ATOM   1241 C CG1 . ILE A 1 166 ? -13.047 0.638   16.213  1.00 23.02 ? 1062 ILE A CG1 1 
ATOM   1242 C CG2 . ILE A 1 166 ? -12.237 -1.647  16.308  1.00 24.05 ? 1062 ILE A CG2 1 
ATOM   1243 C CD1 . ILE A 1 166 ? -14.326 0.171   16.904  1.00 26.01 ? 1062 ILE A CD1 1 
ATOM   1244 N N   . LEU A 1 167 ? -10.468 -2.047  19.072  1.00 18.62 ? 1063 LEU A N   1 
ATOM   1245 C CA  . LEU A 1 167 ? -9.426  -3.009  19.393  1.00 16.41 ? 1063 LEU A CA  1 
ATOM   1246 C C   . LEU A 1 167 ? -9.246  -4.026  18.271  1.00 16.36 ? 1063 LEU A C   1 
ATOM   1247 O O   . LEU A 1 167 ? -10.201 -4.668  17.836  1.00 18.80 ? 1063 LEU A O   1 
ATOM   1248 C CB  . LEU A 1 167 ? -9.760  -3.768  20.683  1.00 16.65 ? 1063 LEU A CB  1 
ATOM   1249 C CG  . LEU A 1 167 ? -8.887  -4.944  21.132  1.00 16.06 ? 1063 LEU A CG  1 
ATOM   1250 C CD1 . LEU A 1 167 ? -7.538  -4.474  21.614  1.00 18.98 ? 1063 LEU A CD1 1 
ATOM   1251 C CD2 . LEU A 1 167 ? -9.594  -5.688  22.234  1.00 18.96 ? 1063 LEU A CD2 1 
ATOM   1252 N N   . ILE A 1 168 ? -8.003  -4.195  17.855  1.00 16.95 ? 1064 ILE A N   1 
ATOM   1253 C CA  . ILE A 1 168 ? -7.635  -5.141  16.824  1.00 19.64 ? 1064 ILE A CA  1 
ATOM   1254 C C   . ILE A 1 168 ? -6.506  -5.997  17.346  1.00 18.10 ? 1064 ILE A C   1 
ATOM   1255 O O   . ILE A 1 168 ? -5.627  -5.506  18.050  1.00 17.87 ? 1064 ILE A O   1 
ATOM   1256 C CB  . ILE A 1 168 ? -7.082  -4.436  15.550  1.00 22.89 ? 1064 ILE A CB  1 
ATOM   1257 C CG1 . ILE A 1 168 ? -8.193  -3.707  14.818  1.00 32.87 ? 1064 ILE A CG1 1 
ATOM   1258 C CG2 . ILE A 1 168 ? -6.512  -5.443  14.588  1.00 21.50 ? 1064 ILE A CG2 1 
ATOM   1259 C CD1 . ILE A 1 168 ? -7.881  -3.429  13.341  1.00 35.36 ? 1064 ILE A CD1 1 
ATOM   1260 N N   . GLU A 1 169 ? -6.579  -7.291  17.068  1.00 16.13 ? 1065 GLU A N   1 
ATOM   1261 C CA  . GLU A 1 169 ? -5.511  -8.204  17.414  1.00 22.43 ? 1065 GLU A CA  1 
ATOM   1262 C C   . GLU A 1 169 ? -4.948  -8.647  16.049  1.00 26.99 ? 1065 GLU A C   1 
ATOM   1263 O O   . GLU A 1 169 ? -5.629  -9.327  15.252  1.00 23.98 ? 1065 GLU A O   1 
ATOM   1264 C CB  . GLU A 1 169 ? -6.037  -9.370  18.230  1.00 20.99 ? 1065 GLU A CB  1 
ATOM   1265 C CG  . GLU A 1 169 ? -6.536  -8.922  19.580  1.00 33.31 ? 1065 GLU A CG  1 
ATOM   1266 C CD  . GLU A 1 169 ? -7.514  -9.908  20.199  1.00 42.08 ? 1065 GLU A CD  1 
ATOM   1267 O OE1 . GLU A 1 169 ? -8.682  -9.519  20.463  1.00 40.58 ? 1065 GLU A OE1 1 
ATOM   1268 O OE2 . GLU A 1 169 ? -7.112  -11.081 20.400  1.00 47.81 ? 1065 GLU A OE2 1 
ATOM   1269 N N   . ILE A 1 170 ? -3.769  -8.112  15.731  1.00 31.49 ? 1066 ILE A N   1 
ATOM   1270 C CA  . ILE A 1 170 ? -3.074  -8.376  14.466  1.00 35.17 ? 1066 ILE A CA  1 
ATOM   1271 C C   . ILE A 1 170 ? -1.993  -9.376  14.738  1.00 35.46 ? 1066 ILE A C   1 
ATOM   1272 O O   . ILE A 1 170 ? -1.079  -9.094  15.504  1.00 34.87 ? 1066 ILE A O   1 
ATOM   1273 C CB  . ILE A 1 170 ? -2.332  -7.136  13.920  1.00 36.03 ? 1066 ILE A CB  1 
ATOM   1274 C CG1 . ILE A 1 170 ? -3.272  -5.935  13.794  1.00 36.08 ? 1066 ILE A CG1 1 
ATOM   1275 C CG2 . ILE A 1 170 ? -1.672  -7.495  12.585  1.00 34.83 ? 1066 ILE A CG2 1 
ATOM   1276 C CD1 . ILE A 1 170 ? -2.574  -4.635  13.385  1.00 39.73 ? 1066 ILE A CD1 1 
ATOM   1277 N N   . CYS A 1 171 ? -2.077  -10.520 14.086  1.00 39.44 ? 1067 CYS A N   1 
ATOM   1278 C CA  . CYS A 1 171 ? -1.096  -11.571 14.274  1.00 47.57 ? 1067 CYS A CA  1 
ATOM   1279 C C   . CYS A 1 171 ? -0.752  -11.721 15.775  1.00 49.46 ? 1067 CYS A C   1 
ATOM   1280 O O   . CYS A 1 171 ? 0.423   -11.758 16.151  1.00 53.08 ? 1067 CYS A O   1 
ATOM   1281 C CB  . CYS A 1 171 ? 0.165   -11.282 13.426  1.00 49.51 ? 1067 CYS A CB  1 
ATOM   1282 S SG  . CYS A 1 171 ? 0.798   -12.691 12.432  1.00 55.16 ? 1067 CYS A SG  1 
ATOM   1283 N N   . GLY A 1 172 ? -1.773  -11.721 16.632  1.00 49.12 ? 1068 GLY A N   1 
ATOM   1284 C CA  . GLY A 1 172 ? -1.525  -11.884 18.056  1.00 50.40 ? 1068 GLY A CA  1 
ATOM   1285 C C   . GLY A 1 172 ? -1.013  -10.663 18.811  1.00 52.14 ? 1068 GLY A C   1 
ATOM   1286 O O   . GLY A 1 172 ? -0.543  -10.774 19.957  1.00 57.08 ? 1068 GLY A O   1 
ATOM   1287 N N   . HIS A 1 173 ? -1.092  -9.491  18.189  1.00 46.17 ? 1069 HIS A N   1 
ATOM   1288 C CA  . HIS A 1 173 ? -0.650  -8.268  18.846  1.00 39.74 ? 1069 HIS A CA  1 
ATOM   1289 C C   . HIS A 1 173 ? -1.878  -7.398  18.979  1.00 33.94 ? 1069 HIS A C   1 
ATOM   1290 O O   . HIS A 1 173 ? -2.623  -7.249  18.025  1.00 34.75 ? 1069 HIS A O   1 
ATOM   1291 C CB  . HIS A 1 173 ? 0.405   -7.546  18.000  1.00 38.14 ? 1069 HIS A CB  1 
ATOM   1292 C CG  . HIS A 1 173 ? 1.652   -8.340  17.796  1.00 40.65 ? 1069 HIS A CG  1 
ATOM   1293 N ND1 . HIS A 1 173 ? 1.696   -9.462  17.000  1.00 42.51 ? 1069 HIS A ND1 1 
ATOM   1294 C CD2 . HIS A 1 173 ? 2.892   -8.200  18.317  1.00 43.58 ? 1069 HIS A CD2 1 
ATOM   1295 C CE1 . HIS A 1 173 ? 2.908   -9.986  17.040  1.00 44.49 ? 1069 HIS A CE1 1 
ATOM   1296 N NE2 . HIS A 1 173 ? 3.654   -9.238  17.831  1.00 45.46 ? 1069 HIS A NE2 1 
ATOM   1297 N N   . LYS A 1 174 ? -2.113  -6.857  20.161  1.00 30.77 ? 1070 LYS A N   1 
ATOM   1298 C CA  . LYS A 1 174 ? -3.258  -5.986  20.382  1.00 29.36 ? 1070 LYS A CA  1 
ATOM   1299 C C   . LYS A 1 174 ? -2.922  -4.543  20.037  1.00 29.13 ? 1070 LYS A C   1 
ATOM   1300 O O   . LYS A 1 174 ? -1.813  -4.080  20.314  1.00 35.39 ? 1070 LYS A O   1 
ATOM   1301 C CB  . LYS A 1 174 ? -3.704  -6.076  21.835  1.00 30.90 ? 1070 LYS A CB  1 
ATOM   1302 C CG  . LYS A 1 174 ? -4.340  -7.399  22.155  1.00 32.64 ? 1070 LYS A CG  1 
ATOM   1303 C CD  . LYS A 1 174 ? -4.555  -7.595  23.649  1.00 38.30 ? 1070 LYS A CD  1 
ATOM   1304 C CE  . LYS A 1 174 ? -5.130  -8.983  23.942  1.00 39.23 ? 1070 LYS A CE  1 
ATOM   1305 N NZ  . LYS A 1 174 ? -6.427  -9.243  23.215  1.00 41.00 ? 1070 LYS A NZ  1 
ATOM   1306 N N   . ALA A 1 175 ? -3.844  -3.840  19.393  1.00 22.72 ? 1071 ALA A N   1 
ATOM   1307 C CA  . ALA A 1 175 ? -3.611  -2.448  19.062  1.00 21.21 ? 1071 ALA A CA  1 
ATOM   1308 C C   . ALA A 1 175 ? -4.969  -1.772  19.104  1.00 22.26 ? 1071 ALA A C   1 
ATOM   1309 O O   . ALA A 1 175 ? -5.990  -2.450  18.918  1.00 20.36 ? 1071 ALA A O   1 
ATOM   1310 C CB  . ALA A 1 175 ? -2.960  -2.315  17.657  1.00 23.38 ? 1071 ALA A CB  1 
ATOM   1311 N N   . ILE A 1 176 ? -5.003  -0.479  19.443  1.00 19.96 ? 1072 ILE A N   1 
ATOM   1312 C CA  . ILE A 1 176 ? -6.263  0.266   19.480  1.00 22.80 ? 1072 ILE A CA  1 
ATOM   1313 C C   . ILE A 1 176 ? -6.167  1.472   18.562  1.00 21.46 ? 1072 ILE A C   1 
ATOM   1314 O O   . ILE A 1 176 ? -5.166  2.203   18.582  1.00 19.42 ? 1072 ILE A O   1 
ATOM   1315 C CB  . ILE A 1 176 ? -6.639  0.803   20.896  1.00 26.84 ? 1072 ILE A CB  1 
ATOM   1316 C CG1 . ILE A 1 176 ? -6.896  -0.354  21.855  1.00 35.29 ? 1072 ILE A CG1 1 
ATOM   1317 C CG2 . ILE A 1 176 ? -7.961  1.590   20.822  1.00 25.69 ? 1072 ILE A CG2 1 
ATOM   1318 C CD1 . ILE A 1 176 ? -7.739  0.027   23.066  1.00 38.53 ? 1072 ILE A CD1 1 
ATOM   1319 N N   . GLY A 1 177 ? -7.195  1.684   17.753  1.00 18.37 ? 1073 GLY A N   1 
ATOM   1320 C CA  . GLY A 1 177 ? -7.160  2.826   16.872  1.00 17.33 ? 1073 GLY A CA  1 
ATOM   1321 C C   . GLY A 1 177 ? -8.406  2.984   16.040  1.00 20.88 ? 1073 GLY A C   1 
ATOM   1322 O O   . GLY A 1 177 ? -9.442  2.339   16.255  1.00 20.98 ? 1073 GLY A O   1 
ATOM   1323 N N   . THR A 1 178 ? -8.301  3.945   15.133  1.00 23.27 ? 1074 THR A N   1 
ATOM   1324 C CA  . THR A 1 178 ? -9.349  4.297   14.191  1.00 24.35 ? 1074 THR A CA  1 
ATOM   1325 C C   . THR A 1 178 ? -9.379  3.238   13.098  1.00 23.40 ? 1074 THR A C   1 
ATOM   1326 O O   . THR A 1 178 ? -8.331  2.841   12.570  1.00 23.37 ? 1074 THR A O   1 
ATOM   1327 C CB  . THR A 1 178 ? -9.044  5.691   13.538  1.00 25.20 ? 1074 THR A CB  1 
ATOM   1328 O OG1 . THR A 1 178 ? -8.815  6.667   14.572  1.00 30.04 ? 1074 THR A OG1 1 
ATOM   1329 C CG2 . THR A 1 178 ? -10.199 6.139   12.614  1.00 22.97 ? 1074 THR A CG2 1 
ATOM   1330 N N   . VAL A 1 179 ? -10.574 2.785   12.762  1.00 22.99 ? 1075 VAL A N   1 
ATOM   1331 C CA  . VAL A 1 179 ? -10.750 1.779   11.731  1.00 22.91 ? 1075 VAL A CA  1 
ATOM   1332 C C   . VAL A 1 179 ? -11.836 2.297   10.801  1.00 23.60 ? 1075 VAL A C   1 
ATOM   1333 O O   . VAL A 1 179 ? -12.876 2.772   11.280  1.00 23.39 ? 1075 VAL A O   1 
ATOM   1334 C CB  . VAL A 1 179 ? -11.157 0.427   12.353  1.00 20.82 ? 1075 VAL A CB  1 
ATOM   1335 C CG1 . VAL A 1 179 ? -11.752 -0.467  11.302  1.00 21.73 ? 1075 VAL A CG1 1 
ATOM   1336 C CG2 . VAL A 1 179 ? -9.937  -0.240  12.991  1.00 19.40 ? 1075 VAL A CG2 1 
ATOM   1337 N N   . LEU A 1 180 ? -11.544 2.325   9.494   1.00 21.17 ? 1076 LEU A N   1 
ATOM   1338 C CA  . LEU A 1 180 ? -12.516 2.779   8.499   1.00 19.49 ? 1076 LEU A CA  1 
ATOM   1339 C C   . LEU A 1 180 ? -13.185 1.573   7.866   1.00 21.87 ? 1076 LEU A C   1 
ATOM   1340 O O   . LEU A 1 180 ? -12.524 0.614   7.477   1.00 19.09 ? 1076 LEU A O   1 
ATOM   1341 C CB  . LEU A 1 180 ? -11.860 3.648   7.426   1.00 17.82 ? 1076 LEU A CB  1 
ATOM   1342 C CG  . LEU A 1 180 ? -11.002 4.788   7.946   1.00 16.90 ? 1076 LEU A CG  1 
ATOM   1343 C CD1 . LEU A 1 180 ? -10.430 5.538   6.782   1.00 20.83 ? 1076 LEU A CD1 1 
ATOM   1344 C CD2 . LEU A 1 180 ? -11.814 5.695   8.804   1.00 21.50 ? 1076 LEU A CD2 1 
ATOM   1345 N N   . VAL A 1 181 ? -14.508 1.586   7.818   1.00 21.82 ? 1077 VAL A N   1 
ATOM   1346 C CA  . VAL A 1 181 ? -15.252 0.475   7.249   1.00 23.26 ? 1077 VAL A CA  1 
ATOM   1347 C C   . VAL A 1 181 ? -15.950 0.954   5.983   1.00 26.07 ? 1077 VAL A C   1 
ATOM   1348 O O   . VAL A 1 181 ? -16.628 1.980   5.984   1.00 27.65 ? 1077 VAL A O   1 
ATOM   1349 C CB  . VAL A 1 181 ? -16.300 -0.029  8.235   1.00 21.51 ? 1077 VAL A CB  1 
ATOM   1350 C CG1 . VAL A 1 181 ? -17.134 -1.106  7.593   1.00 20.72 ? 1077 VAL A CG1 1 
ATOM   1351 C CG2 . VAL A 1 181 ? -15.619 -0.527  9.488   1.00 25.55 ? 1077 VAL A CG2 1 
ATOM   1352 N N   . GLY A 1 182 ? -15.795 0.222   4.896   1.00 24.93 ? 1078 GLY A N   1 
ATOM   1353 C CA  . GLY A 1 182 ? -16.419 0.679   3.686   1.00 25.97 ? 1078 GLY A CA  1 
ATOM   1354 C C   . GLY A 1 182 ? -16.126 -0.256  2.557   1.00 27.26 ? 1078 GLY A C   1 
ATOM   1355 O O   . GLY A 1 182 ? -15.581 -1.336  2.763   1.00 28.16 ? 1078 GLY A O   1 
ATOM   1356 N N   . PRO A 1 183 ? -16.416 0.178   1.334   1.00 28.30 ? 1079 PRO A N   1 
ATOM   1357 C CA  . PRO A 1 183 ? -16.209 -0.603  0.111   1.00 30.43 ? 1079 PRO A CA  1 
ATOM   1358 C C   . PRO A 1 183 ? -14.788 -0.821  -0.436  1.00 30.70 ? 1079 PRO A C   1 
ATOM   1359 O O   . PRO A 1 183 ? -14.503 -0.491  -1.583  1.00 36.35 ? 1079 PRO A O   1 
ATOM   1360 C CB  . PRO A 1 183 ? -17.131 0.104   -0.887  1.00 32.23 ? 1079 PRO A CB  1 
ATOM   1361 C CG  . PRO A 1 183 ? -17.096 1.543   -0.419  1.00 30.93 ? 1079 PRO A CG  1 
ATOM   1362 C CD  . PRO A 1 183 ? -17.154 1.430   1.072   1.00 26.90 ? 1079 PRO A CD  1 
ATOM   1363 N N   . THR A 1 184 ? -13.889 -1.361  0.375   1.00 29.17 ? 1080 THR A N   1 
ATOM   1364 C CA  . THR A 1 184 ? -12.544 -1.651  -0.090  1.00 28.96 ? 1080 THR A CA  1 
ATOM   1365 C C   . THR A 1 184 ? -12.628 -3.012  -0.735  1.00 32.09 ? 1080 THR A C   1 
ATOM   1366 O O   . THR A 1 184 ? -13.484 -3.825  -0.361  1.00 36.07 ? 1080 THR A O   1 
ATOM   1367 C CB  . THR A 1 184 ? -11.581 -1.966  1.038   1.00 27.62 ? 1080 THR A CB  1 
ATOM   1368 O OG1 . THR A 1 184 ? -12.063 -1.427  2.259   1.00 32.72 ? 1080 THR A OG1 1 
ATOM   1369 C CG2 . THR A 1 184 ? -10.211 -1.477  0.720   1.00 24.45 ? 1080 THR A CG2 1 
ATOM   1370 N N   . PRO A 1 185 ? -11.703 -3.313  -1.663  1.00 35.03 ? 1081 PRO A N   1 
ATOM   1371 C CA  . PRO A 1 185 ? -11.711 -4.633  -2.315  1.00 35.19 ? 1081 PRO A CA  1 
ATOM   1372 C C   . PRO A 1 185 ? -10.965 -5.667  -1.425  1.00 32.24 ? 1081 PRO A C   1 
ATOM   1373 O O   . PRO A 1 185 ? -11.218 -6.868  -1.500  1.00 31.94 ? 1081 PRO A O   1 
ATOM   1374 C CB  . PRO A 1 185 ? -10.926 -4.376  -3.611  1.00 36.50 ? 1081 PRO A CB  1 
ATOM   1375 C CG  . PRO A 1 185 ? -10.968 -2.848  -3.786  1.00 35.99 ? 1081 PRO A CG  1 
ATOM   1376 C CD  . PRO A 1 185 ? -10.817 -2.379  -2.391  1.00 35.26 ? 1081 PRO A CD  1 
ATOM   1377 N N   . VAL A 1 186 ? -10.067 -5.162  -0.573  1.00 28.58 ? 1082 VAL A N   1 
ATOM   1378 C CA  . VAL A 1 186 ? -9.233  -5.964  0.317   1.00 26.84 ? 1082 VAL A CA  1 
ATOM   1379 C C   . VAL A 1 186 ? -9.116  -5.219  1.643   1.00 21.99 ? 1082 VAL A C   1 
ATOM   1380 O O   . VAL A 1 186 ? -9.084  -3.999  1.672   1.00 24.28 ? 1082 VAL A O   1 
ATOM   1381 C CB  . VAL A 1 186 ? -7.780  -6.109  -0.262  1.00 25.93 ? 1082 VAL A CB  1 
ATOM   1382 C CG1 . VAL A 1 186 ? -6.961  -7.067  0.568   1.00 31.97 ? 1082 VAL A CG1 1 
ATOM   1383 C CG2 . VAL A 1 186 ? -7.813  -6.605  -1.696  1.00 32.17 ? 1082 VAL A CG2 1 
ATOM   1384 N N   . ASN A 1 187 ? -9.113  -5.952  2.739   1.00 20.06 ? 1083 ASN A N   1 
ATOM   1385 C CA  . ASN A 1 187 ? -8.947  -5.345  4.052   1.00 19.20 ? 1083 ASN A CA  1 
ATOM   1386 C C   . ASN A 1 187 ? -7.489  -4.863  4.106   1.00 17.39 ? 1083 ASN A C   1 
ATOM   1387 O O   . ASN A 1 187 ? -6.564  -5.632  3.842   1.00 18.77 ? 1083 ASN A O   1 
ATOM   1388 C CB  . ASN A 1 187 ? -9.214  -6.393  5.134   1.00 20.25 ? 1083 ASN A CB  1 
ATOM   1389 C CG  . ASN A 1 187 ? -10.657 -6.840  5.158   1.00 20.93 ? 1083 ASN A CG  1 
ATOM   1390 O OD1 . ASN A 1 187 ? -11.549 -6.027  4.982   1.00 24.25 ? 1083 ASN A OD1 1 
ATOM   1391 N ND2 . ASN A 1 187 ? -10.891 -8.136  5.348   1.00 16.36 ? 1083 ASN A ND2 1 
ATOM   1392 N N   . ILE A 1 188 ? -7.287  -3.602  4.469   1.00 17.75 ? 1084 ILE A N   1 
ATOM   1393 C CA  . ILE A 1 188 ? -5.967  -2.980  4.508   1.00 16.91 ? 1084 ILE A CA  1 
ATOM   1394 C C   . ILE A 1 188 ? -5.597  -2.532  5.932   1.00 15.28 ? 1084 ILE A C   1 
ATOM   1395 O O   . ILE A 1 188 ? -6.396  -1.840  6.572   1.00 16.45 ? 1084 ILE A O   1 
ATOM   1396 C CB  . ILE A 1 188 ? -6.012  -1.683  3.624   1.00 20.73 ? 1084 ILE A CB  1 
ATOM   1397 C CG1 . ILE A 1 188 ? -6.264  -2.025  2.160   1.00 25.20 ? 1084 ILE A CG1 1 
ATOM   1398 C CG2 . ILE A 1 188 ? -4.761  -0.864  3.783   1.00 23.31 ? 1084 ILE A CG2 1 
ATOM   1399 C CD1 . ILE A 1 188 ? -5.234  -2.975  1.596   1.00 30.44 ? 1084 ILE A CD1 1 
ATOM   1400 N N   . ILE A 1 189 ? -4.417  -2.925  6.425   1.00 12.64 ? 1085 ILE A N   1 
ATOM   1401 C CA  . ILE A 1 189 ? -3.938  -2.473  7.731   1.00 11.12 ? 1085 ILE A CA  1 
ATOM   1402 C C   . ILE A 1 189 ? -2.898  -1.398  7.370   1.00 13.25 ? 1085 ILE A C   1 
ATOM   1403 O O   . ILE A 1 189 ? -1.870  -1.725  6.783   1.00 14.44 ? 1085 ILE A O   1 
ATOM   1404 C CB  . ILE A 1 189 ? -3.231  -3.572  8.538   1.00 14.33 ? 1085 ILE A CB  1 
ATOM   1405 C CG1 . ILE A 1 189 ? -4.144  -4.793  8.763   1.00 15.42 ? 1085 ILE A CG1 1 
ATOM   1406 C CG2 . ILE A 1 189 ? -2.739  -2.987  9.877   1.00 14.93 ? 1085 ILE A CG2 1 
ATOM   1407 C CD1 . ILE A 1 189 ? -5.449  -4.492  9.468   1.00 17.56 ? 1085 ILE A CD1 1 
ATOM   1408 N N   . GLY A 1 190 ? -3.177  -0.134  7.714   1.00 12.92 ? 1086 GLY A N   1 
ATOM   1409 C CA  . GLY A 1 190 ? -2.319  0.997   7.384   1.00 9.80  ? 1086 GLY A CA  1 
ATOM   1410 C C   . GLY A 1 190 ? -1.324  1.450   8.424   1.00 12.55 ? 1086 GLY A C   1 
ATOM   1411 O O   . GLY A 1 190 ? -1.238  0.866   9.514   1.00 15.70 ? 1086 GLY A O   1 
ATOM   1412 N N   . ARG A 1 191 ? -0.626  2.546   8.144   1.00 13.78 ? 1087 ARG A N   1 
ATOM   1413 C CA  . ARG A 1 191 ? 0.412   3.023   9.065   1.00 17.90 ? 1087 ARG A CA  1 
ATOM   1414 C C   . ARG A 1 191 ? -0.048  3.392   10.449  1.00 18.99 ? 1087 ARG A C   1 
ATOM   1415 O O   . ARG A 1 191 ? 0.738   3.264   11.399  1.00 19.59 ? 1087 ARG A O   1 
ATOM   1416 C CB  . ARG A 1 191 ? 1.277   4.133   8.473   1.00 17.59 ? 1087 ARG A CB  1 
ATOM   1417 C CG  . ARG A 1 191 ? 2.097   3.714   7.221   1.00 16.64 ? 1087 ARG A CG  1 
ATOM   1418 C CD  . ARG A 1 191 ? 3.074   4.837   6.792   1.00 15.57 ? 1087 ARG A CD  1 
ATOM   1419 N NE  . ARG A 1 191 ? 2.400   6.102   6.471   1.00 15.71 ? 1087 ARG A NE  1 
ATOM   1420 C CZ  . ARG A 1 191 ? 2.268   7.109   7.328   1.00 17.18 ? 1087 ARG A CZ  1 
ATOM   1421 N NH1 . ARG A 1 191 ? 2.767   7.003   8.546   1.00 15.52 ? 1087 ARG A NH1 1 
ATOM   1422 N NH2 . ARG A 1 191 ? 1.600   8.198   6.976   1.00 16.48 ? 1087 ARG A NH2 1 
ATOM   1423 N N   . ASN A 1 192 ? -1.317  3.788   10.588  1.00 18.41 ? 1088 ASN A N   1 
ATOM   1424 C CA  . ASN A 1 192 ? -1.848  4.118   11.920  1.00 18.73 ? 1088 ASN A CA  1 
ATOM   1425 C C   . ASN A 1 192 ? -1.823  2.909   12.907  1.00 19.49 ? 1088 ASN A C   1 
ATOM   1426 O O   . ASN A 1 192 ? -1.706  3.092   14.121  1.00 17.69 ? 1088 ASN A O   1 
ATOM   1427 C CB  . ASN A 1 192 ? -3.254  4.708   11.816  1.00 17.21 ? 1088 ASN A CB  1 
ATOM   1428 C CG  . ASN A 1 192 ? -4.304  3.664   11.531  1.00 19.64 ? 1088 ASN A CG  1 
ATOM   1429 O OD1 . ASN A 1 192 ? -4.205  2.935   10.549  1.00 20.04 ? 1088 ASN A OD1 1 
ATOM   1430 N ND2 . ASN A 1 192 ? -5.310  3.574   12.394  1.00 15.30 ? 1088 ASN A ND2 1 
ATOM   1431 N N   . LEU A 1 193 ? -1.908  1.677   12.394  1.00 17.25 ? 1089 LEU A N   1 
ATOM   1432 C CA  . LEU A 1 193 ? -1.868  0.517   13.256  1.00 15.18 ? 1089 LEU A CA  1 
ATOM   1433 C C   . LEU A 1 193 ? -0.523  -0.166  13.179  1.00 17.50 ? 1089 LEU A C   1 
ATOM   1434 O O   . LEU A 1 193 ? -0.068  -0.752  14.166  1.00 17.73 ? 1089 LEU A O   1 
ATOM   1435 C CB  . LEU A 1 193 ? -3.002  -0.469  12.935  1.00 14.74 ? 1089 LEU A CB  1 
ATOM   1436 C CG  . LEU A 1 193 ? -4.407  0.047   13.319  1.00 19.69 ? 1089 LEU A CG  1 
ATOM   1437 C CD1 . LEU A 1 193 ? -5.473  -0.985  13.022  1.00 17.75 ? 1089 LEU A CD1 1 
ATOM   1438 C CD2 . LEU A 1 193 ? -4.426  0.420   14.828  1.00 21.65 ? 1089 LEU A CD2 1 
ATOM   1439 N N   . LEU A 1 194 ? 0.134   -0.064  12.024  1.00 16.59 ? 1090 LEU A N   1 
ATOM   1440 C CA  . LEU A 1 194 ? 1.432   -0.711  11.821  1.00 13.48 ? 1090 LEU A CA  1 
ATOM   1441 C C   . LEU A 1 194 ? 2.495   -0.218  12.760  1.00 13.90 ? 1090 LEU A C   1 
ATOM   1442 O O   . LEU A 1 194 ? 3.339   -0.993  13.170  1.00 14.79 ? 1090 LEU A O   1 
ATOM   1443 C CB  . LEU A 1 194 ? 1.903   -0.593  10.366  1.00 14.26 ? 1090 LEU A CB  1 
ATOM   1444 C CG  . LEU A 1 194 ? 1.059   -1.284  9.288   1.00 13.04 ? 1090 LEU A CG  1 
ATOM   1445 C CD1 . LEU A 1 194 ? 1.683   -1.001  7.940   1.00 15.12 ? 1090 LEU A CD1 1 
ATOM   1446 C CD2 . LEU A 1 194 ? 1.008   -2.774  9.571   1.00 11.53 ? 1090 LEU A CD2 1 
ATOM   1447 N N   . THR A 1 195 ? 2.469   1.071   13.093  1.00 16.93 ? 1091 THR A N   1 
ATOM   1448 C CA  . THR A 1 195 ? 3.454   1.642   14.013  1.00 16.79 ? 1091 THR A CA  1 
ATOM   1449 C C   . THR A 1 195 ? 3.261   1.112   15.427  1.00 18.98 ? 1091 THR A C   1 
ATOM   1450 O O   . THR A 1 195 ? 4.193   1.123   16.231  1.00 21.04 ? 1091 THR A O   1 
ATOM   1451 C CB  . THR A 1 195 ? 3.355   3.166   14.072  1.00 17.98 ? 1091 THR A CB  1 
ATOM   1452 O OG1 . THR A 1 195 ? 2.034   3.546   14.453  1.00 18.16 ? 1091 THR A OG1 1 
ATOM   1453 C CG2 . THR A 1 195 ? 3.659   3.770   12.723  1.00 19.16 ? 1091 THR A CG2 1 
ATOM   1454 N N   . GLN A 1 196 ? 2.046   0.644   15.721  1.00 23.07 ? 1092 GLN A N   1 
ATOM   1455 C CA  . GLN A 1 196 ? 1.723   0.092   17.041  1.00 22.26 ? 1092 GLN A CA  1 
ATOM   1456 C C   . GLN A 1 196 ? 2.227   -1.316  17.293  1.00 23.56 ? 1092 GLN A C   1 
ATOM   1457 O O   . GLN A 1 196 ? 2.536   -1.642  18.425  1.00 26.48 ? 1092 GLN A O   1 
ATOM   1458 C CB  . GLN A 1 196 ? 0.235   0.170   17.338  1.00 23.01 ? 1092 GLN A CB  1 
ATOM   1459 C CG  . GLN A 1 196 ? -0.205  1.543   17.776  1.00 28.35 ? 1092 GLN A CG  1 
ATOM   1460 C CD  . GLN A 1 196 ? -1.630  1.560   18.307  1.00 34.71 ? 1092 GLN A CD  1 
ATOM   1461 O OE1 . GLN A 1 196 ? -1.969  0.848   19.268  1.00 34.37 ? 1092 GLN A OE1 1 
ATOM   1462 N NE2 . GLN A 1 196 ? -2.474  2.376   17.687  1.00 36.14 ? 1092 GLN A NE2 1 
ATOM   1463 N N   . ILE A 1 197 ? 2.322   -2.151  16.261  1.00 21.89 ? 1093 ILE A N   1 
ATOM   1464 C CA  . ILE A 1 197 ? 2.827   -3.525  16.423  1.00 20.77 ? 1093 ILE A CA  1 
ATOM   1465 C C   . ILE A 1 197 ? 4.329   -3.543  16.115  1.00 23.13 ? 1093 ILE A C   1 
ATOM   1466 O O   . ILE A 1 197 ? 4.945   -4.611  15.926  1.00 26.45 ? 1093 ILE A O   1 
ATOM   1467 C CB  . ILE A 1 197 ? 2.078   -4.530  15.506  1.00 20.58 ? 1093 ILE A CB  1 
ATOM   1468 C CG1 . ILE A 1 197 ? 2.232   -4.137  14.040  1.00 20.11 ? 1093 ILE A CG1 1 
ATOM   1469 C CG2 . ILE A 1 197 ? 0.630   -4.544  15.862  1.00 21.43 ? 1093 ILE A CG2 1 
ATOM   1470 C CD1 . ILE A 1 197 ? 1.523   -5.043  13.091  1.00 26.76 ? 1093 ILE A CD1 1 
ATOM   1471 N N   . GLY A 1 198 ? 4.887   -2.331  16.013  1.00 22.47 ? 1094 GLY A N   1 
ATOM   1472 C CA  . GLY A 1 198 ? 6.300   -2.122  15.745  1.00 23.08 ? 1094 GLY A CA  1 
ATOM   1473 C C   . GLY A 1 198 ? 6.835   -2.561  14.394  1.00 25.00 ? 1094 GLY A C   1 
ATOM   1474 O O   . GLY A 1 198 ? 7.945   -3.065  14.325  1.00 25.78 ? 1094 GLY A O   1 
ATOM   1475 N N   . CYS A 1 199 ? 6.059   -2.372  13.333  1.00 22.11 ? 1095 CYS A N   1 
ATOM   1476 C CA  . CYS A 1 199 ? 6.472   -2.751  11.983  1.00 24.07 ? 1095 CYS A CA  1 
ATOM   1477 C C   . CYS A 1 199 ? 7.609   -1.889  11.394  1.00 22.07 ? 1095 CYS A C   1 
ATOM   1478 O O   . CYS A 1 199 ? 7.561   -0.663  11.453  1.00 26.21 ? 1095 CYS A O   1 
ATOM   1479 C CB  . CYS A 1 199 ? 5.260   -2.649  11.067  1.00 25.22 ? 1095 CYS A CB  1 
ATOM   1480 S SG  . CYS A 1 199 ? 5.361   -3.641  9.586   1.00 39.46 ? 1095 CYS A SG  1 
ATOM   1481 N N   . THR A 1 200 ? 8.644   -2.528  10.856  1.00 22.24 ? 1096 THR A N   1 
ATOM   1482 C CA  . THR A 1 200 ? 9.739   -1.799  10.205  1.00 21.35 ? 1096 THR A CA  1 
ATOM   1483 C C   . THR A 1 200 ? 9.940   -2.341  8.788   1.00 22.60 ? 1096 THR A C   1 
ATOM   1484 O O   . THR A 1 200 ? 9.606   -3.498  8.485   1.00 19.55 ? 1096 THR A O   1 
ATOM   1485 C CB  . THR A 1 200 ? 11.089  -1.904  10.944  1.00 21.53 ? 1096 THR A CB  1 
ATOM   1486 O OG1 . THR A 1 200 ? 11.446  -3.281  11.137  1.00 26.03 ? 1096 THR A OG1 1 
ATOM   1487 C CG2 . THR A 1 200 ? 11.027  -1.175  12.283  1.00 27.49 ? 1096 THR A CG2 1 
ATOM   1488 N N   . LEU A 1 201 ? 10.479  -1.497  7.924   1.00 21.97 ? 1097 LEU A N   1 
ATOM   1489 C CA  . LEU A 1 201 ? 10.744  -1.874  6.553   1.00 25.71 ? 1097 LEU A CA  1 
ATOM   1490 C C   . LEU A 1 201 ? 12.279  -1.968  6.486   1.00 27.87 ? 1097 LEU A C   1 
ATOM   1491 O O   . LEU A 1 201 ? 12.968  -1.144  7.089   1.00 26.41 ? 1097 LEU A O   1 
ATOM   1492 C CB  . LEU A 1 201 ? 10.201  -0.774  5.639   1.00 28.39 ? 1097 LEU A CB  1 
ATOM   1493 C CG  . LEU A 1 201 ? 9.525   -1.094  4.312   1.00 30.19 ? 1097 LEU A CG  1 
ATOM   1494 C CD1 . LEU A 1 201 ? 8.733   -2.375  4.426   1.00 31.55 ? 1097 LEU A CD1 1 
ATOM   1495 C CD2 . LEU A 1 201 ? 8.632   0.080   3.899   1.00 27.58 ? 1097 LEU A CD2 1 
ATOM   1496 N N   . ASN A 1 202 ? 12.805  -3.005  5.835   1.00 28.38 ? 1098 ASN A N   1 
ATOM   1497 C CA  . ASN A 1 202 ? 14.258  -3.198  5.703   1.00 30.13 ? 1098 ASN A CA  1 
ATOM   1498 C C   . ASN A 1 202 ? 14.641  -3.509  4.269   1.00 30.22 ? 1098 ASN A C   1 
ATOM   1499 O O   . ASN A 1 202 ? 13.982  -4.330  3.633   1.00 27.85 ? 1098 ASN A O   1 
ATOM   1500 C CB  . ASN A 1 202 ? 14.704  -4.392  6.535   1.00 31.25 ? 1098 ASN A CB  1 
ATOM   1501 C CG  . ASN A 1 202 ? 14.672  -4.121  8.009   1.00 38.24 ? 1098 ASN A CG  1 
ATOM   1502 O OD1 . ASN A 1 202 ? 15.696  -3.760  8.600   1.00 49.81 ? 1098 ASN A OD1 1 
ATOM   1503 N ND2 . ASN A 1 202 ? 13.508  -4.303  8.629   1.00 39.00 ? 1098 ASN A ND2 1 
ATOM   1504 N N   . PHE A 1 203 ? 15.698  -2.873  3.766   1.00 32.26 ? 1099 PHE A N   1 
ATOM   1505 C CA  . PHE A 1 203 ? 16.199  -3.135  2.405   1.00 35.87 ? 1099 PHE A CA  1 
ATOM   1506 C C   . PHE A 1 203 ? 17.687  -2.833  2.259   1.00 38.22 ? 1099 PHE A C   1 
ATOM   1507 O O   . PHE A 1 203 ? 18.285  -2.543  3.317   1.00 41.30 ? 1099 PHE A O   1 
ATOM   1508 C CB  . PHE A 1 203 ? 15.360  -2.447  1.304   1.00 34.92 ? 1099 PHE A CB  1 
ATOM   1509 C CG  . PHE A 1 203 ? 15.567  -0.964  1.178   1.00 34.80 ? 1099 PHE A CG  1 
ATOM   1510 C CD1 . PHE A 1 203 ? 14.866  -0.080  1.980   1.00 34.76 ? 1099 PHE A CD1 1 
ATOM   1511 C CD2 . PHE A 1 203 ? 16.390  -0.453  0.176   1.00 35.97 ? 1099 PHE A CD2 1 
ATOM   1512 C CE1 . PHE A 1 203 ? 14.969  1.287   1.787   1.00 34.91 ? 1099 PHE A CE1 1 
ATOM   1513 C CE2 . PHE A 1 203 ? 16.503  0.911   -0.024  1.00 34.50 ? 1099 PHE A CE2 1 
ATOM   1514 C CZ  . PHE A 1 203 ? 15.787  1.784   0.783   1.00 35.26 ? 1099 PHE A CZ  1 
ATOM   1515 O OXT . PHE A 1 203 ? 18.253  -2.934  1.133   1.00 42.63 ? 1099 PHE A OXT 1 
HETATM 1516 O O   . HOH B 2 .   ? 11.131  -9.398  -0.488  1.00 22.56 ? 200  HOH A O   1 
HETATM 1517 O O   . HOH B 2 .   ? 7.406   -13.925 0.341   1.00 47.77 ? 201  HOH A O   1 
HETATM 1518 O O   . HOH B 2 .   ? 1.138   -14.339 4.228   1.00 42.00 ? 202  HOH A O   1 
HETATM 1519 O O   . HOH B 2 .   ? -17.923 -8.385  14.124  1.00 33.12 ? 203  HOH A O   1 
HETATM 1520 O O   . HOH B 2 .   ? -0.830  7.324   9.780   1.00 29.72 ? 204  HOH A O   1 
HETATM 1521 O O   . HOH B 2 .   ? -7.695  4.304   9.843   1.00 18.22 ? 205  HOH A O   1 
HETATM 1522 O O   . HOH B 2 .   ? -9.075  6.204   17.513  1.00 34.48 ? 206  HOH A O   1 
HETATM 1523 O O   . HOH B 2 .   ? -8.215  9.838   -6.653  1.00 49.85 ? 207  HOH A O   1 
HETATM 1524 O O   . HOH B 2 .   ? -12.598 -5.389  18.403  1.00 23.54 ? 208  HOH A O   1 
HETATM 1525 O O   . HOH B 2 .   ? 11.103  6.354   14.232  1.00 22.43 ? 209  HOH A O   1 
HETATM 1526 O O   . HOH B 2 .   ? 12.907  10.844  -0.758  1.00 43.96 ? 210  HOH A O   1 
HETATM 1527 O O   . HOH B 2 .   ? -14.048 -0.026  21.716  1.00 54.90 ? 211  HOH A O   1 
HETATM 1528 O O   . HOH B 2 .   ? 0.478   -6.713  -2.119  1.00 26.49 ? 212  HOH A O   1 
HETATM 1529 O O   . HOH B 2 .   ? 3.777   -8.342  -8.108  1.00 25.03 ? 213  HOH A O   1 
HETATM 1530 O O   . HOH B 2 .   ? 4.225   -2.622  -12.289 1.00 20.73 ? 214  HOH A O   1 
HETATM 1531 O O   . HOH B 2 .   ? 8.146   13.455  -17.519 1.00 38.22 ? 215  HOH A O   1 
HETATM 1532 O O   . HOH B 2 .   ? 13.439  2.764   -21.578 1.00 61.23 ? 216  HOH A O   1 
HETATM 1533 O O   . HOH B 2 .   ? 15.133  1.338   -19.205 1.00 41.82 ? 217  HOH A O   1 
HETATM 1534 O O   . HOH B 2 .   ? 9.232   -6.122  -17.301 1.00 26.40 ? 218  HOH A O   1 
HETATM 1535 O O   . HOH B 2 .   ? -10.081 -8.067  18.841  1.00 20.73 ? 219  HOH A O   1 
HETATM 1536 O O   . HOH B 2 .   ? 9.442   7.216   10.559  1.00 26.26 ? 220  HOH A O   1 
HETATM 1537 O O   . HOH B 2 .   ? -2.822  -14.747 6.762   1.00 33.78 ? 221  HOH A O   1 
HETATM 1538 O O   . HOH B 2 .   ? 6.516   5.768   -25.026 1.00 34.02 ? 223  HOH A O   1 
HETATM 1539 O O   . HOH B 2 .   ? 4.015   11.227  6.195   1.00 28.33 ? 224  HOH A O   1 
HETATM 1540 O O   . HOH B 2 .   ? 14.264  15.173  -12.862 1.00 27.93 ? 225  HOH A O   1 
HETATM 1541 O O   . HOH B 2 .   ? 8.226   -6.306  -12.932 1.00 25.49 ? 226  HOH A O   1 
HETATM 1542 O O   . HOH B 2 .   ? 4.609   -11.409 2.241   1.00 28.30 ? 227  HOH A O   1 
HETATM 1543 O O   . HOH B 2 .   ? 2.103   5.752   3.748   1.00 23.78 ? 228  HOH A O   1 
HETATM 1544 O O   . HOH B 2 .   ? -5.439  5.311   14.969  1.00 28.98 ? 229  HOH A O   1 
HETATM 1545 O O   . HOH B 2 .   ? -1.842  0.816   -1.036  1.00 41.48 ? 230  HOH A O   1 
HETATM 1546 O O   . HOH B 2 .   ? -3.483  6.487   2.389   1.00 32.77 ? 231  HOH A O   1 
HETATM 1547 O O   . HOH B 2 .   ? -2.598  -4.147  -5.720  1.00 32.48 ? 232  HOH A O   1 
HETATM 1548 O O   . HOH B 2 .   ? 2.747   -12.037 6.687   1.00 36.21 ? 234  HOH A O   1 
HETATM 1549 O O   . HOH B 2 .   ? -1.080  -15.966 2.885   1.00 52.50 ? 235  HOH A O   1 
HETATM 1550 O O   . HOH B 2 .   ? -15.348 -14.498 12.071  1.00 30.68 ? 236  HOH A O   1 
HETATM 1551 O O   . HOH B 2 .   ? -12.803 -9.163  19.199  1.00 28.82 ? 237  HOH A O   1 
HETATM 1552 O O   . HOH B 2 .   ? -19.839 -8.546  10.068  1.00 31.38 ? 238  HOH A O   1 
HETATM 1553 O O   . HOH B 2 .   ? -17.377 -4.137  1.664   1.00 44.11 ? 239  HOH A O   1 
HETATM 1554 O O   . HOH B 2 .   ? -21.938 0.634   14.471  1.00 42.40 ? 240  HOH A O   1 
HETATM 1555 O O   . HOH B 2 .   ? -8.742  -13.436 21.327  1.00 62.49 ? 242  HOH A O   1 
HETATM 1556 O O   . HOH B 2 .   ? 7.184   1.735   12.593  1.00 18.98 ? 243  HOH A O   1 
HETATM 1557 O O   . HOH B 2 .   ? 12.007  5.461   3.600   1.00 39.14 ? 244  HOH A O   1 
HETATM 1558 O O   . HOH B 2 .   ? 10.882  7.014   5.685   1.00 30.92 ? 245  HOH A O   1 
HETATM 1559 O O   . HOH B 2 .   ? 17.854  7.189   -15.724 1.00 27.71 ? 246  HOH A O   1 
HETATM 1560 O O   . HOH B 2 .   ? 17.528  4.984   -14.158 1.00 25.55 ? 247  HOH A O   1 
HETATM 1561 O O   . HOH B 2 .   ? 14.823  4.270   -16.967 1.00 26.78 ? 248  HOH A O   1 
HETATM 1562 O O   . HOH B 2 .   ? -0.613  11.485  -14.008 1.00 37.48 ? 249  HOH A O   1 
HETATM 1563 O O   . HOH B 2 .   ? 19.145  -4.081  -6.371  1.00 50.78 ? 250  HOH A O   1 
HETATM 1564 O O   . HOH B 2 .   ? -19.857 -1.252  10.054  1.00 41.11 ? 251  HOH A O   1 
HETATM 1565 O O   . HOH B 2 .   ? -5.012  -12.154 15.678  1.00 34.70 ? 253  HOH A O   1 
HETATM 1566 O O   . HOH B 2 .   ? -5.505  -10.575 -1.450  1.00 49.14 ? 254  HOH A O   1 
HETATM 1567 O O   . HOH B 2 .   ? -20.088 0.929   21.731  1.00 45.96 ? 255  HOH A O   1 
HETATM 1568 O O   . HOH B 2 .   ? 4.329   10.881  -6.044  1.00 42.68 ? 257  HOH A O   1 
HETATM 1569 O O   . HOH B 2 .   ? 10.256  -9.438  -9.642  1.00 41.20 ? 258  HOH A O   1 
HETATM 1570 O O   . HOH B 2 .   ? -5.605  5.446   4.058   1.00 37.44 ? 259  HOH A O   1 
HETATM 1571 O O   . HOH B 2 .   ? -20.295 -0.143  1.819   1.00 61.99 ? 260  HOH A O   1 
HETATM 1572 O O   . HOH B 2 .   ? -19.481 -2.687  0.929   1.00 49.10 ? 261  HOH A O   1 
HETATM 1573 O O   . HOH B 2 .   ? -16.079 -3.945  -1.099  1.00 55.28 ? 262  HOH A O   1 
HETATM 1574 O O   . HOH B 2 .   ? -11.875 -1.171  -7.603  1.00 63.47 ? 263  HOH A O   1 
HETATM 1575 O O   . HOH B 2 .   ? -6.536  6.891   11.011  1.00 39.57 ? 264  HOH A O   1 
HETATM 1576 O O   . HOH B 2 .   ? -3.596  7.602   10.352  1.00 56.68 ? 265  HOH A O   1 
HETATM 1577 O O   . HOH B 2 .   ? -13.585 1.114   -3.725  1.00 37.34 ? 266  HOH A O   1 
HETATM 1578 O O   . HOH B 2 .   ? 0.710   12.893  -9.716  1.00 44.87 ? 267  HOH A O   1 
HETATM 1579 O O   . HOH B 2 .   ? 15.920  4.814   7.690   1.00 63.18 ? 268  HOH A O   1 
HETATM 1580 O O   . HOH B 2 .   ? 14.314  7.034   6.964   1.00 61.49 ? 269  HOH A O   1 
HETATM 1581 O O   . HOH B 2 .   ? -1.924  -6.263  -3.287  1.00 41.77 ? 270  HOH A O   1 
HETATM 1582 O O   . HOH B 2 .   ? -8.314  5.997   -16.585 1.00 42.68 ? 271  HOH A O   1 
HETATM 1583 O O   . HOH B 2 .   ? 18.228  -6.169  -9.317  1.00 35.68 ? 272  HOH A O   1 
HETATM 1584 O O   . HOH B 2 .   ? 10.315  -7.395  -11.839 1.00 49.79 ? 273  HOH A O   1 
HETATM 1585 O O   . HOH B 2 .   ? 10.964  -15.622 0.506   1.00 23.34 ? 274  HOH A O   1 
HETATM 1586 O O   . HOH B 2 .   ? -2.015  -17.471 4.931   1.00 49.25 ? 275  HOH A O   1 
HETATM 1587 O O   . HOH B 2 .   ? -13.248 -2.556  20.404  1.00 34.66 ? 276  HOH A O   1 
HETATM 1588 O O   . HOH B 2 .   ? -19.732 -2.311  -1.775  1.00 40.35 ? 277  HOH A O   1 
HETATM 1589 O O   . HOH B 2 .   ? -12.684 -6.803  -7.508  1.00 56.58 ? 278  HOH A O   1 
HETATM 1590 O O   . HOH B 2 .   ? 12.611  6.307   9.281   1.00 34.80 ? 279  HOH A O   1 
HETATM 1591 O O   . HOH B 2 .   ? 14.829  5.233   3.813   1.00 64.71 ? 280  HOH A O   1 
HETATM 1592 O O   . HOH B 2 .   ? -10.660 -14.790 22.934  1.00 47.49 ? 281  HOH A O   1 
HETATM 1593 O O   . HOH B 2 .   ? -1.897  2.027   -3.546  1.00 58.99 ? 282  HOH A O   1 
HETATM 1594 O O   . HOH B 2 .   ? 8.815   5.828   6.763   1.00 29.35 ? 283  HOH A O   1 
HETATM 1595 O O   . HOH B 2 .   ? -12.436 14.035  4.128   1.00 47.55 ? 284  HOH A O   1 
HETATM 1596 O O   . HOH B 2 .   ? -1.393  -5.591  -20.357 1.00 30.20 ? 285  HOH A O   1 
HETATM 1597 O O   . HOH B 2 .   ? -5.716  3.593   2.063   1.00 37.93 ? 286  HOH A O   1 
HETATM 1598 O O   . HOH B 2 .   ? -5.771  4.273   -0.547  1.00 47.09 ? 287  HOH A O   1 
HETATM 1599 O O   . HOH B 2 .   ? -3.298  -0.842  -5.739  1.00 67.02 ? 288  HOH A O   1 
HETATM 1600 O O   . HOH B 2 .   ? -0.793  -6.924  -13.222 1.00 71.43 ? 289  HOH A O   1 
HETATM 1601 O O   . HOH B 2 .   ? -8.537  9.106   -11.746 1.00 68.26 ? 290  HOH A O   1 
HETATM 1602 O O   . HOH B 2 .   ? 20.579  -1.579  6.301   1.00 53.16 ? 291  HOH A O   1 
HETATM 1603 O O   . HOH B 2 .   ? 2.078   13.856  -14.097 1.00 34.66 ? 292  HOH A O   1 
HETATM 1604 O O   . HOH B 2 .   ? 8.295   13.332  -7.331  1.00 42.67 ? 293  HOH A O   1 
HETATM 1605 O O   . HOH B 2 .   ? -24.773 3.175   17.788  1.00 44.47 ? 294  HOH A O   1 
HETATM 1606 O O   . HOH B 2 .   ? -4.638  9.477   8.830   1.00 40.55 ? 296  HOH A O   1 
HETATM 1607 O O   . HOH B 2 .   ? 1.958   9.762   9.223   1.00 58.88 ? 297  HOH A O   1 
HETATM 1608 O O   . HOH B 2 .   ? 6.251   -10.072 -6.566  1.00 43.99 ? 298  HOH A O   1 
HETATM 1609 O O   . HOH B 2 .   ? 8.085   15.005  -12.020 1.00 66.54 ? 299  HOH A O   1 
HETATM 1610 O O   . HOH B 2 .   ? -4.716  -0.032  -1.973  1.00 77.18 ? 300  HOH A O   1 
HETATM 1611 O O   . HOH B 2 .   ? -5.903  1.830   -3.927  1.00 49.11 ? 301  HOH A O   1 
# 
